data_2FZL
# 
_entry.id   2FZL 
# 
_audit_conform.dict_name       mmcif_pdbx.dic 
_audit_conform.dict_version    5.377 
_audit_conform.dict_location   http://mmcif.pdb.org/dictionaries/ascii/mmcif_pdbx.dic 
# 
loop_
_database_2.database_id 
_database_2.database_code 
_database_2.pdbx_database_accession 
_database_2.pdbx_DOI 
PDB   2FZL         pdb_00002fzl 10.2210/pdb2fzl/pdb 
RCSB  RCSB036501   ?            ?                   
WWPDB D_1000036501 ?            ?                   
# 
_pdbx_database_related.db_name        PDB 
_pdbx_database_related.db_id          2FWR 
_pdbx_database_related.details        'Crystal structure of full-length Archaeoglobus fulgidus XPB' 
_pdbx_database_related.content_type   unspecified 
# 
_pdbx_database_status.entry_id                        2FZL 
_pdbx_database_status.deposit_site                    RCSB 
_pdbx_database_status.process_site                    RCSB 
_pdbx_database_status.recvd_initial_deposition_date   2006-02-09 
_pdbx_database_status.status_code                     REL 
_pdbx_database_status.status_code_sf                  REL 
_pdbx_database_status.status_code_mr                  ? 
_pdbx_database_status.SG_entry                        ? 
_pdbx_database_status.pdb_format_compatible           Y 
_pdbx_database_status.status_code_cs                  ? 
_pdbx_database_status.methods_development_category    ? 
_pdbx_database_status.status_code_nmr_data            ? 
# 
loop_
_audit_author.name 
_audit_author.pdbx_ordinal 
'Fan, L.'      1 
'Arvai, A.S.'  2 
'Tainer, J.A.' 3 
# 
_citation.id                        primary 
_citation.title                     
'Conserved XPB Core Structure and Motifs for DNA Unwinding: Implications for Pathway Selection of Transcription or Excision Repair' 
_citation.journal_abbrev            Mol.Cell 
_citation.journal_volume            22 
_citation.page_first                27 
_citation.page_last                 37 
_citation.year                      2006 
_citation.journal_id_ASTM           MOCEFL 
_citation.country                   US 
_citation.journal_id_ISSN           1097-2765 
_citation.journal_id_CSD            2168 
_citation.book_publisher            ? 
_citation.pdbx_database_id_PubMed   16600867 
_citation.pdbx_database_id_DOI      10.1016/j.molcel.2006.02.017 
# 
loop_
_citation_author.citation_id 
_citation_author.name 
_citation_author.ordinal 
_citation_author.identifier_ORCID 
primary 'Fan, L.'      1 ? 
primary 'Arvai, A.S.'  2 ? 
primary 'Cooper, P.K.' 3 ? 
primary 'Iwai, S.'     4 ? 
primary 'Hanaoka, F.'  5 ? 
primary 'Tainer, J.A.' 6 ? 
# 
_cell.length_a           172.859 
_cell.length_b           172.859 
_cell.length_c           172.859 
_cell.angle_alpha        90.00 
_cell.angle_beta         90.00 
_cell.angle_gamma        90.00 
_cell.entry_id           2FZL 
_cell.pdbx_unique_axis   ? 
_cell.Z_PDB              48 
_cell.length_a_esd       ? 
_cell.length_b_esd       ? 
_cell.length_c_esd       ? 
_cell.angle_alpha_esd    ? 
_cell.angle_beta_esd     ? 
_cell.angle_gamma_esd    ? 
# 
_symmetry.space_group_name_H-M             'I 41 3 2' 
_symmetry.entry_id                         2FZL 
_symmetry.pdbx_full_space_group_name_H-M   ? 
_symmetry.Int_Tables_number                214 
_symmetry.cell_setting                     ? 
_symmetry.space_group_name_Hall            ? 
# 
loop_
_entity.id 
_entity.type 
_entity.src_method 
_entity.pdbx_description 
_entity.formula_weight 
_entity.pdbx_number_of_molecules 
_entity.pdbx_ec 
_entity.pdbx_mutation 
_entity.pdbx_fragment 
_entity.details 
1 polymer     man 'DNA repair protein RAD25, XPB' 25670.662 1  ? ? 'residues 237-434' ? 
2 non-polymer syn 'ISOPROPYL ALCOHOL'             60.095    1  ? ? ?                  ? 
3 water       nat water                           18.015    23 ? ? ?                  ? 
# 
_entity_poly.entity_id                      1 
_entity_poly.type                           'polypeptide(L)' 
_entity_poly.nstd_linkage                   no 
_entity_poly.nstd_monomer                   no 
_entity_poly.pdbx_seq_one_letter_code       
;MGSSHHHHHHSSGLVPRGSHMKHLAKYTIKRIFVPLAEDERVEYEKREKVYKQFLRARGITLRRAEDFNKIVMASGYDER
AYEALRAWEEARRIAFNSKNKIRKLREILERHRKDKIIIFTRHNELVYRISKVFLIPAITHRTSREEREEILEGFRTGRF
RAIVSSQVLDEGIDVPDANVGVIMSGSGSAREYIQRLGRILRPSKGKKEAVLYELISRG
;
_entity_poly.pdbx_seq_one_letter_code_can   
;MGSSHHHHHHSSGLVPRGSHMKHLAKYTIKRIFVPLAEDERVEYEKREKVYKQFLRARGITLRRAEDFNKIVMASGYDER
AYEALRAWEEARRIAFNSKNKIRKLREILERHRKDKIIIFTRHNELVYRISKVFLIPAITHRTSREEREEILEGFRTGRF
RAIVSSQVLDEGIDVPDANVGVIMSGSGSAREYIQRLGRILRPSKGKKEAVLYELISRG
;
_entity_poly.pdbx_strand_id                 A 
_entity_poly.pdbx_target_identifier         ? 
# 
loop_
_entity_poly_seq.entity_id 
_entity_poly_seq.num 
_entity_poly_seq.mon_id 
_entity_poly_seq.hetero 
1 1   MET n 
1 2   GLY n 
1 3   SER n 
1 4   SER n 
1 5   HIS n 
1 6   HIS n 
1 7   HIS n 
1 8   HIS n 
1 9   HIS n 
1 10  HIS n 
1 11  SER n 
1 12  SER n 
1 13  GLY n 
1 14  LEU n 
1 15  VAL n 
1 16  PRO n 
1 17  ARG n 
1 18  GLY n 
1 19  SER n 
1 20  HIS n 
1 21  MET n 
1 22  LYS n 
1 23  HIS n 
1 24  LEU n 
1 25  ALA n 
1 26  LYS n 
1 27  TYR n 
1 28  THR n 
1 29  ILE n 
1 30  LYS n 
1 31  ARG n 
1 32  ILE n 
1 33  PHE n 
1 34  VAL n 
1 35  PRO n 
1 36  LEU n 
1 37  ALA n 
1 38  GLU n 
1 39  ASP n 
1 40  GLU n 
1 41  ARG n 
1 42  VAL n 
1 43  GLU n 
1 44  TYR n 
1 45  GLU n 
1 46  LYS n 
1 47  ARG n 
1 48  GLU n 
1 49  LYS n 
1 50  VAL n 
1 51  TYR n 
1 52  LYS n 
1 53  GLN n 
1 54  PHE n 
1 55  LEU n 
1 56  ARG n 
1 57  ALA n 
1 58  ARG n 
1 59  GLY n 
1 60  ILE n 
1 61  THR n 
1 62  LEU n 
1 63  ARG n 
1 64  ARG n 
1 65  ALA n 
1 66  GLU n 
1 67  ASP n 
1 68  PHE n 
1 69  ASN n 
1 70  LYS n 
1 71  ILE n 
1 72  VAL n 
1 73  MET n 
1 74  ALA n 
1 75  SER n 
1 76  GLY n 
1 77  TYR n 
1 78  ASP n 
1 79  GLU n 
1 80  ARG n 
1 81  ALA n 
1 82  TYR n 
1 83  GLU n 
1 84  ALA n 
1 85  LEU n 
1 86  ARG n 
1 87  ALA n 
1 88  TRP n 
1 89  GLU n 
1 90  GLU n 
1 91  ALA n 
1 92  ARG n 
1 93  ARG n 
1 94  ILE n 
1 95  ALA n 
1 96  PHE n 
1 97  ASN n 
1 98  SER n 
1 99  LYS n 
1 100 ASN n 
1 101 LYS n 
1 102 ILE n 
1 103 ARG n 
1 104 LYS n 
1 105 LEU n 
1 106 ARG n 
1 107 GLU n 
1 108 ILE n 
1 109 LEU n 
1 110 GLU n 
1 111 ARG n 
1 112 HIS n 
1 113 ARG n 
1 114 LYS n 
1 115 ASP n 
1 116 LYS n 
1 117 ILE n 
1 118 ILE n 
1 119 ILE n 
1 120 PHE n 
1 121 THR n 
1 122 ARG n 
1 123 HIS n 
1 124 ASN n 
1 125 GLU n 
1 126 LEU n 
1 127 VAL n 
1 128 TYR n 
1 129 ARG n 
1 130 ILE n 
1 131 SER n 
1 132 LYS n 
1 133 VAL n 
1 134 PHE n 
1 135 LEU n 
1 136 ILE n 
1 137 PRO n 
1 138 ALA n 
1 139 ILE n 
1 140 THR n 
1 141 HIS n 
1 142 ARG n 
1 143 THR n 
1 144 SER n 
1 145 ARG n 
1 146 GLU n 
1 147 GLU n 
1 148 ARG n 
1 149 GLU n 
1 150 GLU n 
1 151 ILE n 
1 152 LEU n 
1 153 GLU n 
1 154 GLY n 
1 155 PHE n 
1 156 ARG n 
1 157 THR n 
1 158 GLY n 
1 159 ARG n 
1 160 PHE n 
1 161 ARG n 
1 162 ALA n 
1 163 ILE n 
1 164 VAL n 
1 165 SER n 
1 166 SER n 
1 167 GLN n 
1 168 VAL n 
1 169 LEU n 
1 170 ASP n 
1 171 GLU n 
1 172 GLY n 
1 173 ILE n 
1 174 ASP n 
1 175 VAL n 
1 176 PRO n 
1 177 ASP n 
1 178 ALA n 
1 179 ASN n 
1 180 VAL n 
1 181 GLY n 
1 182 VAL n 
1 183 ILE n 
1 184 MET n 
1 185 SER n 
1 186 GLY n 
1 187 SER n 
1 188 GLY n 
1 189 SER n 
1 190 ALA n 
1 191 ARG n 
1 192 GLU n 
1 193 TYR n 
1 194 ILE n 
1 195 GLN n 
1 196 ARG n 
1 197 LEU n 
1 198 GLY n 
1 199 ARG n 
1 200 ILE n 
1 201 LEU n 
1 202 ARG n 
1 203 PRO n 
1 204 SER n 
1 205 LYS n 
1 206 GLY n 
1 207 LYS n 
1 208 LYS n 
1 209 GLU n 
1 210 ALA n 
1 211 VAL n 
1 212 LEU n 
1 213 TYR n 
1 214 GLU n 
1 215 LEU n 
1 216 ILE n 
1 217 SER n 
1 218 ARG n 
1 219 GLY n 
# 
_entity_src_gen.entity_id                          1 
_entity_src_gen.pdbx_src_id                        1 
_entity_src_gen.pdbx_alt_source_flag               sample 
_entity_src_gen.pdbx_seq_type                      ? 
_entity_src_gen.pdbx_beg_seq_num                   ? 
_entity_src_gen.pdbx_end_seq_num                   ? 
_entity_src_gen.gene_src_common_name               ? 
_entity_src_gen.gene_src_genus                     Archaeoglobus 
_entity_src_gen.pdbx_gene_src_gene                 ? 
_entity_src_gen.gene_src_species                   ? 
_entity_src_gen.gene_src_strain                    ? 
_entity_src_gen.gene_src_tissue                    ? 
_entity_src_gen.gene_src_tissue_fraction           ? 
_entity_src_gen.gene_src_details                   ? 
_entity_src_gen.pdbx_gene_src_fragment             ? 
_entity_src_gen.pdbx_gene_src_scientific_name      'Archaeoglobus fulgidus' 
_entity_src_gen.pdbx_gene_src_ncbi_taxonomy_id     2234 
_entity_src_gen.pdbx_gene_src_variant              ? 
_entity_src_gen.pdbx_gene_src_cell_line            ? 
_entity_src_gen.pdbx_gene_src_atcc                 ? 
_entity_src_gen.pdbx_gene_src_organ                ? 
_entity_src_gen.pdbx_gene_src_organelle            ? 
_entity_src_gen.pdbx_gene_src_cell                 ? 
_entity_src_gen.pdbx_gene_src_cellular_location    ? 
_entity_src_gen.host_org_common_name               ? 
_entity_src_gen.pdbx_host_org_scientific_name      'Escherichia coli BL21(DE3)' 
_entity_src_gen.pdbx_host_org_ncbi_taxonomy_id     469008 
_entity_src_gen.host_org_genus                     Escherichia 
_entity_src_gen.pdbx_host_org_gene                 ? 
_entity_src_gen.pdbx_host_org_organ                ? 
_entity_src_gen.host_org_species                   'Escherichia coli' 
_entity_src_gen.pdbx_host_org_tissue               ? 
_entity_src_gen.pdbx_host_org_tissue_fraction      ? 
_entity_src_gen.pdbx_host_org_strain               'BL21(DE3)' 
_entity_src_gen.pdbx_host_org_variant              ? 
_entity_src_gen.pdbx_host_org_cell_line            ? 
_entity_src_gen.pdbx_host_org_atcc                 ? 
_entity_src_gen.pdbx_host_org_culture_collection   ? 
_entity_src_gen.pdbx_host_org_cell                 ? 
_entity_src_gen.pdbx_host_org_organelle            ? 
_entity_src_gen.pdbx_host_org_cellular_location    ? 
_entity_src_gen.pdbx_host_org_vector_type          PLASMID 
_entity_src_gen.pdbx_host_org_vector               ? 
_entity_src_gen.host_org_details                   ? 
_entity_src_gen.expression_system_id               ? 
_entity_src_gen.plasmid_name                       PET-28B 
_entity_src_gen.plasmid_details                    ? 
_entity_src_gen.pdbx_description                   ? 
# 
_struct_ref.id                         1 
_struct_ref.db_name                    UNP 
_struct_ref.db_code                    O29889_ARCFU 
_struct_ref.pdbx_db_accession          O29889 
_struct_ref.entity_id                  1 
_struct_ref.pdbx_align_begin           237 
_struct_ref.pdbx_db_isoform            ? 
_struct_ref.pdbx_seq_one_letter_code   ? 
# 
_struct_ref_seq.align_id                      1 
_struct_ref_seq.ref_id                        1 
_struct_ref_seq.pdbx_PDB_id_code              2FZL 
_struct_ref_seq.pdbx_strand_id                A 
_struct_ref_seq.seq_align_beg                 22 
_struct_ref_seq.pdbx_seq_align_beg_ins_code   ? 
_struct_ref_seq.seq_align_end                 219 
_struct_ref_seq.pdbx_seq_align_end_ins_code   ? 
_struct_ref_seq.pdbx_db_accession             O29889 
_struct_ref_seq.db_align_beg                  237 
_struct_ref_seq.pdbx_db_align_beg_ins_code    ? 
_struct_ref_seq.db_align_end                  434 
_struct_ref_seq.pdbx_db_align_end_ins_code    ? 
_struct_ref_seq.pdbx_auth_seq_align_beg       257 
_struct_ref_seq.pdbx_auth_seq_align_end       454 
# 
loop_
_struct_ref_seq_dif.align_id 
_struct_ref_seq_dif.pdbx_pdb_id_code 
_struct_ref_seq_dif.mon_id 
_struct_ref_seq_dif.pdbx_pdb_strand_id 
_struct_ref_seq_dif.seq_num 
_struct_ref_seq_dif.pdbx_pdb_ins_code 
_struct_ref_seq_dif.pdbx_seq_db_name 
_struct_ref_seq_dif.pdbx_seq_db_accession_code 
_struct_ref_seq_dif.db_mon_id 
_struct_ref_seq_dif.pdbx_seq_db_seq_num 
_struct_ref_seq_dif.details 
_struct_ref_seq_dif.pdbx_auth_seq_num 
_struct_ref_seq_dif.pdbx_ordinal 
1 2FZL MET A 1  ? UNP O29889 ? ? 'initiating methionine' 236 1  
1 2FZL GLY A 2  ? UNP O29889 ? ? 'cloning artifact'      237 2  
1 2FZL SER A 3  ? UNP O29889 ? ? 'cloning artifact'      238 3  
1 2FZL SER A 4  ? UNP O29889 ? ? 'cloning artifact'      239 4  
1 2FZL HIS A 5  ? UNP O29889 ? ? 'expression tag'        240 5  
1 2FZL HIS A 6  ? UNP O29889 ? ? 'expression tag'        241 6  
1 2FZL HIS A 7  ? UNP O29889 ? ? 'expression tag'        242 7  
1 2FZL HIS A 8  ? UNP O29889 ? ? 'expression tag'        243 8  
1 2FZL HIS A 9  ? UNP O29889 ? ? 'expression tag'        244 9  
1 2FZL HIS A 10 ? UNP O29889 ? ? 'expression tag'        245 10 
1 2FZL SER A 11 ? UNP O29889 ? ? 'cloning artifact'      246 11 
1 2FZL SER A 12 ? UNP O29889 ? ? 'cloning artifact'      247 12 
1 2FZL GLY A 13 ? UNP O29889 ? ? 'cloning artifact'      248 13 
1 2FZL LEU A 14 ? UNP O29889 ? ? 'cloning artifact'      249 14 
1 2FZL VAL A 15 ? UNP O29889 ? ? 'cloning artifact'      250 15 
1 2FZL PRO A 16 ? UNP O29889 ? ? 'cloning artifact'      251 16 
1 2FZL ARG A 17 ? UNP O29889 ? ? 'cloning artifact'      252 17 
1 2FZL GLY A 18 ? UNP O29889 ? ? 'cloning artifact'      253 18 
1 2FZL SER A 19 ? UNP O29889 ? ? 'cloning artifact'      254 19 
1 2FZL HIS A 20 ? UNP O29889 ? ? 'cloning artifact'      255 20 
1 2FZL MET A 21 ? UNP O29889 ? ? 'cloning artifact'      256 21 
# 
loop_
_chem_comp.id 
_chem_comp.type 
_chem_comp.mon_nstd_flag 
_chem_comp.name 
_chem_comp.pdbx_synonyms 
_chem_comp.formula 
_chem_comp.formula_weight 
ALA 'L-peptide linking' y ALANINE             ?          'C3 H7 N O2'     89.093  
ARG 'L-peptide linking' y ARGININE            ?          'C6 H15 N4 O2 1' 175.209 
ASN 'L-peptide linking' y ASPARAGINE          ?          'C4 H8 N2 O3'    132.118 
ASP 'L-peptide linking' y 'ASPARTIC ACID'     ?          'C4 H7 N O4'     133.103 
GLN 'L-peptide linking' y GLUTAMINE           ?          'C5 H10 N2 O3'   146.144 
GLU 'L-peptide linking' y 'GLUTAMIC ACID'     ?          'C5 H9 N O4'     147.129 
GLY 'peptide linking'   y GLYCINE             ?          'C2 H5 N O2'     75.067  
HIS 'L-peptide linking' y HISTIDINE           ?          'C6 H10 N3 O2 1' 156.162 
HOH non-polymer         . WATER               ?          'H2 O'           18.015  
ILE 'L-peptide linking' y ISOLEUCINE          ?          'C6 H13 N O2'    131.173 
IPA non-polymer         . 'ISOPROPYL ALCOHOL' 2-PROPANOL 'C3 H8 O'        60.095  
LEU 'L-peptide linking' y LEUCINE             ?          'C6 H13 N O2'    131.173 
LYS 'L-peptide linking' y LYSINE              ?          'C6 H15 N2 O2 1' 147.195 
MET 'L-peptide linking' y METHIONINE          ?          'C5 H11 N O2 S'  149.211 
PHE 'L-peptide linking' y PHENYLALANINE       ?          'C9 H11 N O2'    165.189 
PRO 'L-peptide linking' y PROLINE             ?          'C5 H9 N O2'     115.130 
SER 'L-peptide linking' y SERINE              ?          'C3 H7 N O3'     105.093 
THR 'L-peptide linking' y THREONINE           ?          'C4 H9 N O3'     119.119 
TRP 'L-peptide linking' y TRYPTOPHAN          ?          'C11 H12 N2 O2'  204.225 
TYR 'L-peptide linking' y TYROSINE            ?          'C9 H11 N O3'    181.189 
VAL 'L-peptide linking' y VALINE              ?          'C5 H11 N O2'    117.146 
# 
_exptl.entry_id          2FZL 
_exptl.crystals_number   1 
_exptl.method            'X-RAY DIFFRACTION' 
# 
_exptl_crystal.id                    1 
_exptl_crystal.density_Matthews      4.19 
_exptl_crystal.density_meas          ? 
_exptl_crystal.density_percent_sol   70.65 
_exptl_crystal.description           ? 
_exptl_crystal.F_000                 ? 
_exptl_crystal.preparation           ? 
# 
_exptl_crystal_grow.crystal_id      1 
_exptl_crystal_grow.method          'VAPOR DIFFUSION, HANGING DROP' 
_exptl_crystal_grow.pH              9.8 
_exptl_crystal_grow.temp            303 
_exptl_crystal_grow.temp_details    ? 
_exptl_crystal_grow.pdbx_details    'Ammonium sulphate, isopropanol, CAPS, pH 9.8, VAPOR DIFFUSION, HANGING DROP, temperature 303K' 
_exptl_crystal_grow.pdbx_pH_range   . 
# 
_diffrn.id                     1 
_diffrn.ambient_temp           100 
_diffrn.ambient_temp_details   ? 
_diffrn.crystal_id             1 
# 
_diffrn_detector.diffrn_id              1 
_diffrn_detector.detector               CCD 
_diffrn_detector.type                   'ADSC QUANTUM 315' 
_diffrn_detector.pdbx_collection_date   2005-10-08 
_diffrn_detector.details                ? 
# 
_diffrn_radiation.diffrn_id                        1 
_diffrn_radiation.wavelength_id                    1 
_diffrn_radiation.pdbx_diffrn_protocol             'SINGLE WAVELENGTH' 
_diffrn_radiation.monochromator                    ? 
_diffrn_radiation.pdbx_monochromatic_or_laue_m_l   M 
_diffrn_radiation.pdbx_scattering_type             x-ray 
# 
_diffrn_radiation_wavelength.id           1 
_diffrn_radiation_wavelength.wavelength   1.115869 
_diffrn_radiation_wavelength.wt           1.0 
# 
_diffrn_source.diffrn_id                   1 
_diffrn_source.source                      SYNCHROTRON 
_diffrn_source.type                        'ALS BEAMLINE 12.3.1' 
_diffrn_source.pdbx_wavelength             ? 
_diffrn_source.pdbx_wavelength_list        1.115869 
_diffrn_source.pdbx_synchrotron_site       ALS 
_diffrn_source.pdbx_synchrotron_beamline   12.3.1 
# 
_reflns.entry_id                     2FZL 
_reflns.d_resolution_high            2.900 
_reflns.d_resolution_low             50.000 
_reflns.number_obs                   10024 
_reflns.pdbx_Rmerge_I_obs            0.068 
_reflns.pdbx_netI_over_sigmaI        55.18 
_reflns.pdbx_chi_squared             0.890 
_reflns.pdbx_redundancy              25.500 
_reflns.percent_possible_obs         100.000 
_reflns.observed_criterion_sigma_F   -3 
_reflns.observed_criterion_sigma_I   -3 
_reflns.number_all                   10024 
_reflns.pdbx_Rsym_value              ? 
_reflns.B_iso_Wilson_estimate        ? 
_reflns.R_free_details               ? 
_reflns.limit_h_max                  ? 
_reflns.limit_h_min                  ? 
_reflns.limit_k_max                  ? 
_reflns.limit_k_min                  ? 
_reflns.limit_l_max                  ? 
_reflns.limit_l_min                  ? 
_reflns.observed_criterion_F_max     ? 
_reflns.observed_criterion_F_min     ? 
_reflns.pdbx_scaling_rejects         ? 
_reflns.pdbx_diffrn_id               1 
_reflns.pdbx_ordinal                 1 
# 
_reflns_shell.d_res_high             2.90 
_reflns_shell.d_res_low              3.00 
_reflns_shell.number_measured_obs    ? 
_reflns_shell.number_measured_all    ? 
_reflns_shell.number_unique_obs      978 
_reflns_shell.Rmerge_I_obs           0.629 
_reflns_shell.meanI_over_sigI_obs    5.06 
_reflns_shell.pdbx_Rsym_value        ? 
_reflns_shell.pdbx_chi_squared       0.537 
_reflns_shell.pdbx_redundancy        25.60 
_reflns_shell.percent_possible_obs   100.00 
_reflns_shell.number_unique_all      ? 
_reflns_shell.percent_possible_all   100.0 
_reflns_shell.pdbx_diffrn_id         ? 
_reflns_shell.pdbx_ordinal           1 
# 
_refine.ls_d_res_high                            2.9 
_refine.ls_d_res_low                             50.0 
_refine.pdbx_ls_sigma_F                          0.00 
_refine.pdbx_data_cutoff_high_absF               77348.844 
_refine.pdbx_data_cutoff_low_absF                0.000 
_refine.ls_percent_reflns_obs                    92.400 
_refine.ls_number_reflns_obs                     9267 
_refine.pdbx_ls_cross_valid_method               THROUGHOUT 
_refine.pdbx_R_Free_selection_details            RANDOM 
_refine.ls_R_factor_R_work                       0.249 
_refine.ls_R_factor_R_free                       0.291 
_refine.ls_percent_reflns_R_free                 5.300 
_refine.ls_number_reflns_R_free                  490 
_refine.ls_R_factor_R_free_error                 0.013 
_refine.B_iso_mean                               73.500 
_refine.solvent_model_param_bsol                 55.347 
_refine.solvent_model_param_ksol                 0.355 
_refine.pdbx_isotropic_thermal_model             RESTRAINED 
_refine.aniso_B[1][1]                            0.000 
_refine.aniso_B[2][2]                            0.000 
_refine.aniso_B[3][3]                            0.000 
_refine.aniso_B[1][2]                            0.000 
_refine.aniso_B[1][3]                            0.000 
_refine.aniso_B[2][3]                            0.000 
_refine.solvent_model_details                    'FLAT MODEL' 
_refine.entry_id                                 2FZL 
_refine.pdbx_ls_sigma_I                          ? 
_refine.ls_number_reflns_all                     9267 
_refine.ls_R_factor_all                          0.2481 
_refine.ls_R_factor_obs                          0.2481 
_refine.ls_redundancy_reflns_obs                 ? 
_refine.ls_number_parameters                     ? 
_refine.ls_number_restraints                     ? 
_refine.ls_R_factor_R_free_error_details         ? 
_refine.pdbx_method_to_determine_struct          'MOLECULAR REPLACEMENT' 
_refine.pdbx_starting_model                      'PDB ENTRY 2FWR' 
_refine.pdbx_stereochem_target_val_spec_case     ? 
_refine.pdbx_stereochemistry_target_values       'Engh & Huber' 
_refine.occupancy_max                            ? 
_refine.occupancy_min                            ? 
_refine.details                                  ? 
_refine.B_iso_min                                ? 
_refine.B_iso_max                                ? 
_refine.correlation_coeff_Fo_to_Fc               ? 
_refine.correlation_coeff_Fo_to_Fc_free          ? 
_refine.pdbx_solvent_vdw_probe_radii             ? 
_refine.pdbx_solvent_ion_probe_radii             ? 
_refine.pdbx_solvent_shrinkage_radii             ? 
_refine.overall_SU_R_Cruickshank_DPI             ? 
_refine.overall_SU_R_free                        ? 
_refine.overall_SU_ML                            ? 
_refine.overall_SU_B                             ? 
_refine.pdbx_overall_ESU_R_Free                  ? 
_refine.pdbx_data_cutoff_high_rms_absF           ? 
_refine.pdbx_overall_ESU_R                       ? 
_refine.ls_wR_factor_R_free                      ? 
_refine.ls_wR_factor_R_work                      ? 
_refine.overall_FOM_free_R_set                   ? 
_refine.overall_FOM_work_R_set                   ? 
_refine.pdbx_refine_id                           'X-RAY DIFFRACTION' 
_refine.pdbx_diffrn_id                           1 
_refine.pdbx_TLS_residual_ADP_flag               ? 
_refine.pdbx_overall_phase_error                 ? 
_refine.pdbx_overall_SU_R_free_Cruickshank_DPI   ? 
_refine.pdbx_overall_SU_R_Blow_DPI               ? 
_refine.pdbx_overall_SU_R_free_Blow_DPI          ? 
# 
_refine_analyze.Luzzati_coordinate_error_obs    0.390 
_refine_analyze.Luzzati_sigma_a_obs             0.520 
_refine_analyze.Luzzati_d_res_low_obs           5.000 
_refine_analyze.Luzzati_coordinate_error_free   0.530 
_refine_analyze.Luzzati_sigma_a_free            0.750 
_refine_analyze.entry_id                        2FZL 
_refine_analyze.Luzzati_d_res_low_free          ? 
_refine_analyze.number_disordered_residues      ? 
_refine_analyze.occupancy_sum_non_hydrogen      ? 
_refine_analyze.occupancy_sum_hydrogen          ? 
_refine_analyze.pdbx_Luzzati_d_res_high_obs     ? 
_refine_analyze.pdbx_refine_id                  'X-RAY DIFFRACTION' 
# 
_refine_hist.pdbx_refine_id                   'X-RAY DIFFRACTION' 
_refine_hist.cycle_id                         LAST 
_refine_hist.pdbx_number_atoms_protein        1638 
_refine_hist.pdbx_number_atoms_nucleic_acid   0 
_refine_hist.pdbx_number_atoms_ligand         0 
_refine_hist.number_atoms_solvent             27 
_refine_hist.number_atoms_total               1665 
_refine_hist.d_res_high                       2.9 
_refine_hist.d_res_low                        50.0 
# 
loop_
_refine_ls_restr.type 
_refine_ls_restr.number 
_refine_ls_restr.dev_ideal 
_refine_ls_restr.dev_ideal_target 
_refine_ls_restr.weight 
_refine_ls_restr.pdbx_refine_id 
_refine_ls_restr.pdbx_restraint_function 
c_bond_d           ? 0.009  ? ?     'X-RAY DIFFRACTION' ? 
c_angle_deg        ? 1.400  ? ?     'X-RAY DIFFRACTION' ? 
c_dihedral_angle_d ? 21.200 ? ?     'X-RAY DIFFRACTION' ? 
c_improper_angle_d ? 0.710  ? ?     'X-RAY DIFFRACTION' ? 
c_mcbond_it        ? 1.500  ? 1.500 'X-RAY DIFFRACTION' ? 
c_mcangle_it       ? 2.750  ? 2.000 'X-RAY DIFFRACTION' ? 
c_scbond_it        ? 2.020  ? 2.000 'X-RAY DIFFRACTION' ? 
c_scangle_it       ? 3.500  ? 2.500 'X-RAY DIFFRACTION' ? 
# 
_refine_ls_shell.d_res_high                       2.900 
_refine_ls_shell.d_res_low                        3.080 
_refine_ls_shell.pdbx_total_number_of_bins_used   6 
_refine_ls_shell.percent_reflns_obs               86.600 
_refine_ls_shell.number_reflns_R_work             1327 
_refine_ls_shell.R_factor_all                     ? 
_refine_ls_shell.R_factor_R_work                  0.36 
_refine_ls_shell.R_factor_R_free                  0.435 
_refine_ls_shell.percent_reflns_R_free            5.500 
_refine_ls_shell.number_reflns_R_free             77 
_refine_ls_shell.R_factor_R_free_error            0.050 
_refine_ls_shell.number_reflns_all                ? 
_refine_ls_shell.number_reflns_obs                1404 
_refine_ls_shell.redundancy_reflns_obs            ? 
_refine_ls_shell.pdbx_refine_id                   'X-RAY DIFFRACTION' 
# 
loop_
_pdbx_xplor_file.serial_no 
_pdbx_xplor_file.param_file 
_pdbx_xplor_file.topol_file 
_pdbx_xplor_file.pdbx_refine_id 
1 protein_rep.param protein.top 'X-RAY DIFFRACTION' 
2 water.param       water.top   'X-RAY DIFFRACTION' 
3 ion.param         ion.top     'X-RAY DIFFRACTION' 
4 ioh.par           ioh.top     'X-RAY DIFFRACTION' 
# 
_struct.entry_id                  2FZL 
_struct.title                     'Structure of C-terminal domain of Archaeoglobus fulgidus XPB' 
_struct.pdbx_model_details        ? 
_struct.pdbx_CASP_flag            ? 
_struct.pdbx_model_type_details   ? 
# 
_struct_keywords.entry_id        2FZL 
_struct_keywords.pdbx_keywords   'DNA BINDING PROTEIN' 
_struct_keywords.text            'XPB, nucleotide excision repair, dna repair, DNA BINDING PROTEIN' 
# 
loop_
_struct_asym.id 
_struct_asym.pdbx_blank_PDB_chainid_flag 
_struct_asym.pdbx_modified 
_struct_asym.entity_id 
_struct_asym.details 
A N N 1 ? 
B N N 2 ? 
C N N 3 ? 
# 
loop_
_struct_conf.conf_type_id 
_struct_conf.id 
_struct_conf.pdbx_PDB_helix_id 
_struct_conf.beg_label_comp_id 
_struct_conf.beg_label_asym_id 
_struct_conf.beg_label_seq_id 
_struct_conf.pdbx_beg_PDB_ins_code 
_struct_conf.end_label_comp_id 
_struct_conf.end_label_asym_id 
_struct_conf.end_label_seq_id 
_struct_conf.pdbx_end_PDB_ins_code 
_struct_conf.beg_auth_comp_id 
_struct_conf.beg_auth_asym_id 
_struct_conf.beg_auth_seq_id 
_struct_conf.end_auth_comp_id 
_struct_conf.end_auth_asym_id 
_struct_conf.end_auth_seq_id 
_struct_conf.pdbx_PDB_helix_class 
_struct_conf.details 
_struct_conf.pdbx_PDB_helix_length 
HELX_P HELX_P1 1 ALA A 37  ? ARG A 58  ? ALA A 272 ARG A 293 1 ? 22 
HELX_P HELX_P2 2 THR A 61  ? ALA A 65  ? THR A 296 ALA A 300 5 ? 5  
HELX_P HELX_P3 3 GLU A 66  ? SER A 75  ? GLU A 301 SER A 310 1 ? 10 
HELX_P HELX_P4 4 ASP A 78  ? ASN A 97  ? ASP A 313 ASN A 332 1 ? 20 
HELX_P HELX_P5 5 SER A 98  ? HIS A 112 ? SER A 333 HIS A 347 1 ? 15 
HELX_P HELX_P6 6 HIS A 123 ? PHE A 134 ? HIS A 358 PHE A 369 1 ? 12 
HELX_P HELX_P7 7 ARG A 145 ? ARG A 156 ? ARG A 380 ARG A 391 1 ? 12 
HELX_P HELX_P8 8 ALA A 190 ? LEU A 201 ? ALA A 425 LEU A 436 1 ? 12 
# 
_struct_conf_type.id          HELX_P 
_struct_conf_type.criteria    ? 
_struct_conf_type.reference   ? 
# 
_struct_sheet.id               A 
_struct_sheet.type             ? 
_struct_sheet.number_strands   6 
_struct_sheet.details          ? 
# 
loop_
_struct_sheet_order.sheet_id 
_struct_sheet_order.range_id_1 
_struct_sheet_order.range_id_2 
_struct_sheet_order.offset 
_struct_sheet_order.sense 
A 1 2 ? parallel 
A 2 3 ? parallel 
A 3 4 ? parallel 
A 4 5 ? parallel 
A 5 6 ? parallel 
# 
loop_
_struct_sheet_range.sheet_id 
_struct_sheet_range.id 
_struct_sheet_range.beg_label_comp_id 
_struct_sheet_range.beg_label_asym_id 
_struct_sheet_range.beg_label_seq_id 
_struct_sheet_range.pdbx_beg_PDB_ins_code 
_struct_sheet_range.end_label_comp_id 
_struct_sheet_range.end_label_asym_id 
_struct_sheet_range.end_label_seq_id 
_struct_sheet_range.pdbx_end_PDB_ins_code 
_struct_sheet_range.beg_auth_comp_id 
_struct_sheet_range.beg_auth_asym_id 
_struct_sheet_range.beg_auth_seq_id 
_struct_sheet_range.end_auth_comp_id 
_struct_sheet_range.end_auth_asym_id 
_struct_sheet_range.end_auth_seq_id 
A 1 LYS A 26  ? PRO A 35  ? LYS A 261 PRO A 270 
A 2 GLU A 209 ? ARG A 218 ? GLU A 444 ARG A 453 
A 3 VAL A 180 ? MET A 184 ? VAL A 415 MET A 419 
A 4 ILE A 117 ? PHE A 120 ? ILE A 352 PHE A 355 
A 5 ALA A 162 ? SER A 165 ? ALA A 397 SER A 400 
A 6 ALA A 138 ? ILE A 139 ? ALA A 373 ILE A 374 
# 
loop_
_pdbx_struct_sheet_hbond.sheet_id 
_pdbx_struct_sheet_hbond.range_id_1 
_pdbx_struct_sheet_hbond.range_id_2 
_pdbx_struct_sheet_hbond.range_1_label_atom_id 
_pdbx_struct_sheet_hbond.range_1_label_comp_id 
_pdbx_struct_sheet_hbond.range_1_label_asym_id 
_pdbx_struct_sheet_hbond.range_1_label_seq_id 
_pdbx_struct_sheet_hbond.range_1_PDB_ins_code 
_pdbx_struct_sheet_hbond.range_1_auth_atom_id 
_pdbx_struct_sheet_hbond.range_1_auth_comp_id 
_pdbx_struct_sheet_hbond.range_1_auth_asym_id 
_pdbx_struct_sheet_hbond.range_1_auth_seq_id 
_pdbx_struct_sheet_hbond.range_2_label_atom_id 
_pdbx_struct_sheet_hbond.range_2_label_comp_id 
_pdbx_struct_sheet_hbond.range_2_label_asym_id 
_pdbx_struct_sheet_hbond.range_2_label_seq_id 
_pdbx_struct_sheet_hbond.range_2_PDB_ins_code 
_pdbx_struct_sheet_hbond.range_2_auth_atom_id 
_pdbx_struct_sheet_hbond.range_2_auth_comp_id 
_pdbx_struct_sheet_hbond.range_2_auth_asym_id 
_pdbx_struct_sheet_hbond.range_2_auth_seq_id 
A 1 2 N LYS A 30  ? N LYS A 265 O LEU A 212 ? O LEU A 447 
A 2 3 O TYR A 213 ? O TYR A 448 N GLY A 181 ? N GLY A 416 
A 3 4 O VAL A 182 ? O VAL A 417 N PHE A 120 ? N PHE A 355 
A 4 5 N ILE A 119 ? N ILE A 354 O ILE A 163 ? O ILE A 398 
A 5 6 O VAL A 164 ? O VAL A 399 N ILE A 139 ? N ILE A 374 
# 
_struct_site.id                   AC1 
_struct_site.pdbx_evidence_code   Software 
_struct_site.pdbx_auth_asym_id    A 
_struct_site.pdbx_auth_comp_id    IPA 
_struct_site.pdbx_auth_seq_id     6001 
_struct_site.pdbx_auth_ins_code   ? 
_struct_site.pdbx_num_residues    3 
_struct_site.details              'BINDING SITE FOR RESIDUE IPA A 6001' 
# 
loop_
_struct_site_gen.id 
_struct_site_gen.site_id 
_struct_site_gen.pdbx_num_res 
_struct_site_gen.label_comp_id 
_struct_site_gen.label_asym_id 
_struct_site_gen.label_seq_id 
_struct_site_gen.pdbx_auth_ins_code 
_struct_site_gen.auth_comp_id 
_struct_site_gen.auth_asym_id 
_struct_site_gen.auth_seq_id 
_struct_site_gen.label_atom_id 
_struct_site_gen.label_alt_id 
_struct_site_gen.symmetry 
_struct_site_gen.details 
1 AC1 3 TYR A 44 ? TYR A 279 . ? 1_555 ? 
2 AC1 3 TRP A 88 ? TRP A 323 . ? 1_555 ? 
3 AC1 3 ARG A 92 ? ARG A 327 . ? 1_555 ? 
# 
_atom_sites.entry_id                    2FZL 
_atom_sites.fract_transf_matrix[1][1]   0.00157898 
_atom_sites.fract_transf_matrix[1][2]   0.00293431 
_atom_sites.fract_transf_matrix[1][3]   -0.00473506 
_atom_sites.fract_transf_matrix[2][1]   -0.00124032 
_atom_sites.fract_transf_matrix[2][2]   -0.00461286 
_atom_sites.fract_transf_matrix[2][3]   -0.00327219 
_atom_sites.fract_transf_matrix[3][1]   -0.00543070 
_atom_sites.fract_transf_matrix[3][2]   0.00190668 
_atom_sites.fract_transf_matrix[3][3]   -0.00062939 
_atom_sites.fract_transf_vector[1]      0.103693 
_atom_sites.fract_transf_vector[2]      0.749343 
_atom_sites.fract_transf_vector[3]      0.265061 
# 
loop_
_atom_type.symbol 
C 
N 
O 
S 
# 
loop_
_atom_site.group_PDB 
_atom_site.id 
_atom_site.type_symbol 
_atom_site.label_atom_id 
_atom_site.label_alt_id 
_atom_site.label_comp_id 
_atom_site.label_asym_id 
_atom_site.label_entity_id 
_atom_site.label_seq_id 
_atom_site.pdbx_PDB_ins_code 
_atom_site.Cartn_x 
_atom_site.Cartn_y 
_atom_site.Cartn_z 
_atom_site.occupancy 
_atom_site.B_iso_or_equiv 
_atom_site.pdbx_formal_charge 
_atom_site.auth_seq_id 
_atom_site.auth_comp_id 
_atom_site.auth_asym_id 
_atom_site.auth_atom_id 
_atom_site.pdbx_PDB_model_num 
ATOM   1    N N   . HIS A 1 23  ? -6.207  -24.451 10.918  1.00 97.95  ? 258  HIS A N   1 
ATOM   2    C CA  . HIS A 1 23  ? -6.052  -23.696 12.198  1.00 97.52  ? 258  HIS A CA  1 
ATOM   3    C C   . HIS A 1 23  ? -4.655  -23.080 12.387  1.00 95.59  ? 258  HIS A C   1 
ATOM   4    O O   . HIS A 1 23  ? -3.715  -23.756 12.818  1.00 96.23  ? 258  HIS A O   1 
ATOM   5    C CB  . HIS A 1 23  ? -6.405  -24.595 13.405  1.00 99.82  ? 258  HIS A CB  1 
ATOM   6    C CG  . HIS A 1 23  ? -6.298  -26.071 13.135  1.00 102.91 ? 258  HIS A CG  1 
ATOM   7    N ND1 . HIS A 1 23  ? -7.332  -26.951 13.392  1.00 103.83 ? 258  HIS A ND1 1 
ATOM   8    C CD2 . HIS A 1 23  ? -5.279  -26.824 12.651  1.00 103.75 ? 258  HIS A CD2 1 
ATOM   9    C CE1 . HIS A 1 23  ? -6.955  -28.179 13.076  1.00 103.72 ? 258  HIS A CE1 1 
ATOM   10   N NE2 . HIS A 1 23  ? -5.714  -28.129 12.624  1.00 104.00 ? 258  HIS A NE2 1 
ATOM   11   N N   . LEU A 1 24  ? -4.540  -21.790 12.055  1.00 91.97  ? 259  LEU A N   1 
ATOM   12   C CA  . LEU A 1 24  ? -3.291  -21.031 12.184  1.00 86.66  ? 259  LEU A CA  1 
ATOM   13   C C   . LEU A 1 24  ? -2.731  -21.241 13.589  1.00 83.42  ? 259  LEU A C   1 
ATOM   14   O O   . LEU A 1 24  ? -3.458  -21.612 14.513  1.00 83.02  ? 259  LEU A O   1 
ATOM   15   C CB  . LEU A 1 24  ? -3.570  -19.540 11.949  1.00 85.78  ? 259  LEU A CB  1 
ATOM   16   C CG  . LEU A 1 24  ? -2.467  -18.480 12.026  1.00 84.67  ? 259  LEU A CG  1 
ATOM   17   C CD1 . LEU A 1 24  ? -1.608  -18.504 10.772  1.00 83.55  ? 259  LEU A CD1 1 
ATOM   18   C CD2 . LEU A 1 24  ? -3.128  -17.119 12.174  1.00 83.35  ? 259  LEU A CD2 1 
ATOM   19   N N   . ALA A 1 25  ? -1.440  -21.011 13.763  1.00 79.52  ? 260  ALA A N   1 
ATOM   20   C CA  . ALA A 1 25  ? -0.860  -21.203 15.073  1.00 75.46  ? 260  ALA A CA  1 
ATOM   21   C C   . ALA A 1 25  ? 0.159   -20.139 15.388  1.00 73.24  ? 260  ALA A C   1 
ATOM   22   O O   . ALA A 1 25  ? 0.687   -20.099 16.498  1.00 72.94  ? 260  ALA A O   1 
ATOM   23   C CB  . ALA A 1 25  ? -0.230  -22.565 15.164  1.00 75.02  ? 260  ALA A CB  1 
ATOM   24   N N   . LYS A 1 26  ? 0.450   -19.277 14.421  1.00 70.56  ? 261  LYS A N   1 
ATOM   25   C CA  . LYS A 1 26  ? 1.411   -18.229 14.685  1.00 68.88  ? 261  LYS A CA  1 
ATOM   26   C C   . LYS A 1 26  ? 1.328   -17.067 13.740  1.00 68.08  ? 261  LYS A C   1 
ATOM   27   O O   . LYS A 1 26  ? 2.230   -16.821 12.944  1.00 69.44  ? 261  LYS A O   1 
ATOM   28   C CB  . LYS A 1 26  ? 2.835   -18.778 14.689  1.00 69.15  ? 261  LYS A CB  1 
ATOM   29   C CG  . LYS A 1 26  ? 3.742   -18.111 15.725  1.00 69.15  ? 261  LYS A CG  1 
ATOM   30   C CD  . LYS A 1 26  ? 3.965   -16.625 15.459  1.00 70.09  ? 261  LYS A CD  1 
ATOM   31   C CE  . LYS A 1 26  ? 5.127   -16.411 14.508  1.00 71.29  ? 261  LYS A CE  1 
ATOM   32   N NZ  . LYS A 1 26  ? 6.380   -17.053 15.018  1.00 71.70  ? 261  LYS A NZ  1 
ATOM   33   N N   . TYR A 1 27  ? 0.235   -16.339 13.827  1.00 66.99  ? 262  TYR A N   1 
ATOM   34   C CA  . TYR A 1 27  ? 0.103   -15.174 12.998  1.00 66.01  ? 262  TYR A CA  1 
ATOM   35   C C   . TYR A 1 27  ? 0.943   -14.088 13.660  1.00 62.79  ? 262  TYR A C   1 
ATOM   36   O O   . TYR A 1 27  ? 0.996   -13.987 14.876  1.00 62.60  ? 262  TYR A O   1 
ATOM   37   C CB  . TYR A 1 27  ? -1.351  -14.743 12.911  1.00 70.21  ? 262  TYR A CB  1 
ATOM   38   C CG  . TYR A 1 27  ? -1.515  -13.527 12.058  1.00 74.87  ? 262  TYR A CG  1 
ATOM   39   C CD1 . TYR A 1 27  ? -0.876  -13.438 10.821  1.00 77.65  ? 262  TYR A CD1 1 
ATOM   40   C CD2 . TYR A 1 27  ? -2.256  -12.441 12.499  1.00 77.06  ? 262  TYR A CD2 1 
ATOM   41   C CE1 . TYR A 1 27  ? -0.965  -12.282 10.045  1.00 80.26  ? 262  TYR A CE1 1 
ATOM   42   C CE2 . TYR A 1 27  ? -2.361  -11.277 11.734  1.00 79.19  ? 262  TYR A CE2 1 
ATOM   43   C CZ  . TYR A 1 27  ? -1.711  -11.202 10.511  1.00 80.61  ? 262  TYR A CZ  1 
ATOM   44   O OH  . TYR A 1 27  ? -1.794  -10.044 9.765   1.00 83.27  ? 262  TYR A OH  1 
ATOM   45   N N   . THR A 1 28  ? 1.615   -13.277 12.865  1.00 59.41  ? 263  THR A N   1 
ATOM   46   C CA  . THR A 1 28  ? 2.445   -12.238 13.431  1.00 56.40  ? 263  THR A CA  1 
ATOM   47   C C   . THR A 1 28  ? 2.584   -11.053 12.481  1.00 56.85  ? 263  THR A C   1 
ATOM   48   O O   . THR A 1 28  ? 2.897   -11.218 11.306  1.00 57.62  ? 263  THR A O   1 
ATOM   49   C CB  . THR A 1 28  ? 3.822   -12.806 13.782  1.00 55.11  ? 263  THR A CB  1 
ATOM   50   O OG1 . THR A 1 28  ? 4.796   -11.765 13.675  1.00 55.02  ? 263  THR A OG1 1 
ATOM   51   C CG2 . THR A 1 28  ? 4.182   -13.966 12.858  1.00 51.72  ? 263  THR A CG2 1 
ATOM   52   N N   . ILE A 1 29  ? 2.347   -9.856  13.000  1.00 56.15  ? 264  ILE A N   1 
ATOM   53   C CA  . ILE A 1 29  ? 2.416   -8.639  12.204  1.00 56.05  ? 264  ILE A CA  1 
ATOM   54   C C   . ILE A 1 29  ? 3.671   -7.853  12.466  1.00 58.09  ? 264  ILE A C   1 
ATOM   55   O O   . ILE A 1 29  ? 4.155   -7.811  13.583  1.00 59.56  ? 264  ILE A O   1 
ATOM   56   C CB  . ILE A 1 29  ? 1.254   -7.717  12.527  1.00 55.06  ? 264  ILE A CB  1 
ATOM   57   C CG1 . ILE A 1 29  ? -0.052  -8.436  12.218  1.00 55.56  ? 264  ILE A CG1 1 
ATOM   58   C CG2 . ILE A 1 29  ? 1.386   -6.411  11.757  1.00 52.42  ? 264  ILE A CG2 1 
ATOM   59   C CD1 . ILE A 1 29  ? -1.270  -7.674  12.638  1.00 54.03  ? 264  ILE A CD1 1 
ATOM   60   N N   . LYS A 1 30  ? 4.188   -7.205  11.435  1.00 60.26  ? 265  LYS A N   1 
ATOM   61   C CA  . LYS A 1 30  ? 5.384   -6.401  11.594  1.00 62.11  ? 265  LYS A CA  1 
ATOM   62   C C   . LYS A 1 30  ? 5.209   -5.084  10.853  1.00 63.43  ? 265  LYS A C   1 
ATOM   63   O O   . LYS A 1 30  ? 4.928   -5.071  9.655   1.00 63.49  ? 265  LYS A O   1 
ATOM   64   C CB  . LYS A 1 30  ? 6.613   -7.151  11.064  1.00 62.99  ? 265  LYS A CB  1 
ATOM   65   C CG  . LYS A 1 30  ? 6.810   -8.526  11.699  1.00 65.71  ? 265  LYS A CG  1 
ATOM   66   C CD  . LYS A 1 30  ? 8.200   -9.118  11.434  1.00 68.41  ? 265  LYS A CD  1 
ATOM   67   C CE  . LYS A 1 30  ? 9.311   -8.348  12.175  1.00 71.19  ? 265  LYS A CE  1 
ATOM   68   N NZ  . LYS A 1 30  ? 10.688  -8.982  12.088  1.00 73.45  ? 265  LYS A NZ  1 
ATOM   69   N N   . ARG A 1 31  ? 5.337   -3.980  11.584  1.00 64.96  ? 266  ARG A N   1 
ATOM   70   C CA  . ARG A 1 31  ? 5.225   -2.653  10.993  1.00 66.66  ? 266  ARG A CA  1 
ATOM   71   C C   . ARG A 1 31  ? 6.625   -2.136  10.837  1.00 66.90  ? 266  ARG A C   1 
ATOM   72   O O   . ARG A 1 31  ? 7.317   -1.864  11.819  1.00 67.40  ? 266  ARG A O   1 
ATOM   73   C CB  . ARG A 1 31  ? 4.415   -1.706  11.880  1.00 69.55  ? 266  ARG A CB  1 
ATOM   74   C CG  . ARG A 1 31  ? 2.915   -1.906  11.723  1.00 74.73  ? 266  ARG A CG  1 
ATOM   75   C CD  . ARG A 1 31  ? 2.107   -1.192  12.794  1.00 79.19  ? 266  ARG A CD  1 
ATOM   76   N NE  . ARG A 1 31  ? 2.017   0.253   12.594  1.00 83.35  ? 266  ARG A NE  1 
ATOM   77   C CZ  . ARG A 1 31  ? 1.362   1.073   13.417  1.00 85.60  ? 266  ARG A CZ  1 
ATOM   78   N NH1 . ARG A 1 31  ? 0.746   0.587   14.490  1.00 87.11  ? 266  ARG A NH1 1 
ATOM   79   N NH2 . ARG A 1 31  ? 1.318   2.376   13.171  1.00 86.49  ? 266  ARG A NH2 1 
ATOM   80   N N   . ILE A 1 32  ? 7.032   -2.018  9.581   1.00 67.08  ? 267  ILE A N   1 
ATOM   81   C CA  . ILE A 1 32  ? 8.361   -1.562  9.204   1.00 66.06  ? 267  ILE A CA  1 
ATOM   82   C C   . ILE A 1 32  ? 8.339   -0.083  8.835   1.00 66.77  ? 267  ILE A C   1 
ATOM   83   O O   . ILE A 1 32  ? 7.511   0.344   8.032   1.00 66.87  ? 267  ILE A O   1 
ATOM   84   C CB  . ILE A 1 32  ? 8.848   -2.373  7.999   1.00 64.46  ? 267  ILE A CB  1 
ATOM   85   C CG1 . ILE A 1 32  ? 8.854   -3.859  8.357   1.00 63.18  ? 267  ILE A CG1 1 
ATOM   86   C CG2 . ILE A 1 32  ? 10.213  -1.899  7.563   1.00 64.18  ? 267  ILE A CG2 1 
ATOM   87   C CD1 . ILE A 1 32  ? 9.073   -4.775  7.175   1.00 63.07  ? 267  ILE A CD1 1 
ATOM   88   N N   . PHE A 1 33  ? 9.246   0.699   9.411   1.00 68.07  ? 268  PHE A N   1 
ATOM   89   C CA  . PHE A 1 33  ? 9.291   2.127   9.117   1.00 70.29  ? 268  PHE A CA  1 
ATOM   90   C C   . PHE A 1 33  ? 10.454  2.491   8.215   1.00 69.85  ? 268  PHE A C   1 
ATOM   91   O O   . PHE A 1 33  ? 11.582  2.596   8.672   1.00 69.95  ? 268  PHE A O   1 
ATOM   92   C CB  . PHE A 1 33  ? 9.389   2.950   10.410  1.00 74.11  ? 268  PHE A CB  1 
ATOM   93   C CG  . PHE A 1 33  ? 8.195   2.802   11.324  1.00 78.37  ? 268  PHE A CG  1 
ATOM   94   C CD1 . PHE A 1 33  ? 8.277   2.021   12.484  1.00 80.32  ? 268  PHE A CD1 1 
ATOM   95   C CD2 . PHE A 1 33  ? 6.975   3.410   11.008  1.00 79.27  ? 268  PHE A CD2 1 
ATOM   96   C CE1 . PHE A 1 33  ? 7.153   1.843   13.317  1.00 81.84  ? 268  PHE A CE1 1 
ATOM   97   C CE2 . PHE A 1 33  ? 5.850   3.238   11.830  1.00 80.46  ? 268  PHE A CE2 1 
ATOM   98   C CZ  . PHE A 1 33  ? 5.939   2.452   12.987  1.00 81.94  ? 268  PHE A CZ  1 
ATOM   99   N N   . VAL A 1 34  ? 10.190  2.691   6.932   1.00 70.16  ? 269  VAL A N   1 
ATOM   100  C CA  . VAL A 1 34  ? 11.272  3.054   6.036   1.00 70.69  ? 269  VAL A CA  1 
ATOM   101  C C   . VAL A 1 34  ? 11.308  4.559   5.870   1.00 71.64  ? 269  VAL A C   1 
ATOM   102  O O   . VAL A 1 34  ? 10.301  5.191   5.547   1.00 73.20  ? 269  VAL A O   1 
ATOM   103  C CB  . VAL A 1 34  ? 11.136  2.395   4.636   1.00 70.17  ? 269  VAL A CB  1 
ATOM   104  C CG1 . VAL A 1 34  ? 10.715  0.941   4.796   1.00 70.05  ? 269  VAL A CG1 1 
ATOM   105  C CG2 . VAL A 1 34  ? 10.159  3.175   3.756   1.00 70.08  ? 269  VAL A CG2 1 
ATOM   106  N N   . PRO A 1 35  ? 12.469  5.165   6.125   1.00 71.68  ? 270  PRO A N   1 
ATOM   107  C CA  . PRO A 1 35  ? 12.613  6.610   5.986   1.00 72.17  ? 270  PRO A CA  1 
ATOM   108  C C   . PRO A 1 35  ? 12.599  6.939   4.507   1.00 73.24  ? 270  PRO A C   1 
ATOM   109  O O   . PRO A 1 35  ? 12.503  6.040   3.667   1.00 72.38  ? 270  PRO A O   1 
ATOM   110  C CB  . PRO A 1 35  ? 13.968  6.873   6.605   1.00 71.24  ? 270  PRO A CB  1 
ATOM   111  C CG  . PRO A 1 35  ? 14.722  5.640   6.233   1.00 70.85  ? 270  PRO A CG  1 
ATOM   112  C CD  . PRO A 1 35  ? 13.732  4.557   6.569   1.00 71.26  ? 270  PRO A CD  1 
ATOM   113  N N   . LEU A 1 36  ? 12.699  8.223   4.192   1.00 75.53  ? 271  LEU A N   1 
ATOM   114  C CA  . LEU A 1 36  ? 12.700  8.658   2.799   1.00 78.24  ? 271  LEU A CA  1 
ATOM   115  C C   . LEU A 1 36  ? 14.106  8.898   2.277   1.00 79.49  ? 271  LEU A C   1 
ATOM   116  O O   . LEU A 1 36  ? 15.074  8.930   3.041   1.00 80.01  ? 271  LEU A O   1 
ATOM   117  C CB  . LEU A 1 36  ? 11.900  9.950   2.626   1.00 78.51  ? 271  LEU A CB  1 
ATOM   118  C CG  . LEU A 1 36  ? 10.385  9.889   2.803   1.00 79.24  ? 271  LEU A CG  1 
ATOM   119  C CD1 . LEU A 1 36  ? 9.820   11.282  2.592   1.00 79.67  ? 271  LEU A CD1 1 
ATOM   120  C CD2 . LEU A 1 36  ? 9.776   8.900   1.808   1.00 79.92  ? 271  LEU A CD2 1 
ATOM   121  N N   . ALA A 1 37  ? 14.214  9.066   0.965   1.00 80.47  ? 272  ALA A N   1 
ATOM   122  C CA  . ALA A 1 37  ? 15.504  9.326   0.368   1.00 81.00  ? 272  ALA A CA  1 
ATOM   123  C C   . ALA A 1 37  ? 15.839  10.793  0.608   1.00 81.77  ? 272  ALA A C   1 
ATOM   124  O O   . ALA A 1 37  ? 15.012  11.579  1.089   1.00 80.92  ? 272  ALA A O   1 
ATOM   125  C CB  . ALA A 1 37  ? 15.476  9.021   -1.129  1.00 81.07  ? 272  ALA A CB  1 
ATOM   126  N N   . GLU A 1 38  ? 17.074  11.135  0.275   1.00 83.34  ? 273  GLU A N   1 
ATOM   127  C CA  . GLU A 1 38  ? 17.602  12.477  0.418   1.00 84.06  ? 273  GLU A CA  1 
ATOM   128  C C   . GLU A 1 38  ? 16.707  13.396  -0.407  1.00 83.48  ? 273  GLU A C   1 
ATOM   129  O O   . GLU A 1 38  ? 15.919  14.184  0.122   1.00 82.51  ? 273  GLU A O   1 
ATOM   130  C CB  . GLU A 1 38  ? 19.028  12.496  -0.135  1.00 86.45  ? 273  GLU A CB  1 
ATOM   131  C CG  . GLU A 1 38  ? 19.867  11.204  0.140   1.00 89.79  ? 273  GLU A CG  1 
ATOM   132  C CD  . GLU A 1 38  ? 19.682  10.073  -0.903  1.00 91.55  ? 273  GLU A CD  1 
ATOM   133  O OE1 . GLU A 1 38  ? 19.617  10.371  -2.123  1.00 92.04  ? 273  GLU A OE1 1 
ATOM   134  O OE2 . GLU A 1 38  ? 19.628  8.883   -0.501  1.00 91.71  ? 273  GLU A OE2 1 
ATOM   135  N N   . ASP A 1 39  ? 16.846  13.255  -1.718  1.00 83.87  ? 274  ASP A N   1 
ATOM   136  C CA  . ASP A 1 39  ? 16.083  14.016  -2.691  1.00 84.60  ? 274  ASP A CA  1 
ATOM   137  C C   . ASP A 1 39  ? 14.595  13.922  -2.385  1.00 83.34  ? 274  ASP A C   1 
ATOM   138  O O   . ASP A 1 39  ? 13.825  14.831  -2.684  1.00 83.54  ? 274  ASP A O   1 
ATOM   139  C CB  . ASP A 1 39  ? 16.373  13.464  -4.094  1.00 87.88  ? 274  ASP A CB  1 
ATOM   140  C CG  . ASP A 1 39  ? 16.152  11.945  -4.194  1.00 90.71  ? 274  ASP A CG  1 
ATOM   141  O OD1 . ASP A 1 39  ? 14.988  11.513  -4.363  1.00 92.56  ? 274  ASP A OD1 1 
ATOM   142  O OD2 . ASP A 1 39  ? 17.142  11.181  -4.096  1.00 91.49  ? 274  ASP A OD2 1 
ATOM   143  N N   . GLU A 1 40  ? 14.193  12.813  -1.782  1.00 81.57  ? 275  GLU A N   1 
ATOM   144  C CA  . GLU A 1 40  ? 12.798  12.620  -1.453  1.00 80.02  ? 275  GLU A CA  1 
ATOM   145  C C   . GLU A 1 40  ? 12.334  13.468  -0.272  1.00 79.86  ? 275  GLU A C   1 
ATOM   146  O O   . GLU A 1 40  ? 11.369  14.209  -0.417  1.00 79.87  ? 275  GLU A O   1 
ATOM   147  C CB  . GLU A 1 40  ? 12.519  11.137  -1.199  1.00 79.66  ? 275  GLU A CB  1 
ATOM   148  C CG  . GLU A 1 40  ? 12.480  10.299  -2.471  1.00 78.63  ? 275  GLU A CG  1 
ATOM   149  C CD  . GLU A 1 40  ? 12.377  8.804   -2.201  1.00 78.22  ? 275  GLU A CD  1 
ATOM   150  O OE1 . GLU A 1 40  ? 11.467  8.381   -1.459  1.00 78.82  ? 275  GLU A OE1 1 
ATOM   151  O OE2 . GLU A 1 40  ? 13.203  8.042   -2.741  1.00 78.13  ? 275  GLU A OE2 1 
ATOM   152  N N   . ARG A 1 41  ? 12.994  13.389  0.885   1.00 79.65  ? 276  ARG A N   1 
ATOM   153  C CA  . ARG A 1 41  ? 12.535  14.195  2.019   1.00 80.32  ? 276  ARG A CA  1 
ATOM   154  C C   . ARG A 1 41  ? 12.317  15.615  1.565   1.00 79.78  ? 276  ARG A C   1 
ATOM   155  O O   . ARG A 1 41  ? 11.259  16.190  1.789   1.00 80.34  ? 276  ARG A O   1 
ATOM   156  C CB  . ARG A 1 41  ? 13.530  14.204  3.186   1.00 82.50  ? 276  ARG A CB  1 
ATOM   157  C CG  . ARG A 1 41  ? 13.035  13.467  4.460   1.00 87.15  ? 276  ARG A CG  1 
ATOM   158  C CD  . ARG A 1 41  ? 11.724  14.027  5.102   1.00 90.28  ? 276  ARG A CD  1 
ATOM   159  N NE  . ARG A 1 41  ? 11.011  13.011  5.912   1.00 93.03  ? 276  ARG A NE  1 
ATOM   160  C CZ  . ARG A 1 41  ? 9.924   13.231  6.662   1.00 93.99  ? 276  ARG A CZ  1 
ATOM   161  N NH1 . ARG A 1 41  ? 9.387   14.446  6.737   1.00 93.98  ? 276  ARG A NH1 1 
ATOM   162  N NH2 . ARG A 1 41  ? 9.357   12.226  7.337   1.00 93.51  ? 276  ARG A NH2 1 
ATOM   163  N N   . VAL A 1 42  ? 13.322  16.172  0.904   1.00 79.52  ? 277  VAL A N   1 
ATOM   164  C CA  . VAL A 1 42  ? 13.250  17.546  0.420   1.00 79.30  ? 277  VAL A CA  1 
ATOM   165  C C   . VAL A 1 42  ? 11.960  17.872  -0.319  1.00 78.68  ? 277  VAL A C   1 
ATOM   166  O O   . VAL A 1 42  ? 11.250  18.816  0.033   1.00 78.49  ? 277  VAL A O   1 
ATOM   167  C CB  . VAL A 1 42  ? 14.423  17.852  -0.510  1.00 79.66  ? 277  VAL A CB  1 
ATOM   168  C CG1 . VAL A 1 42  ? 14.316  19.274  -1.034  1.00 79.92  ? 277  VAL A CG1 1 
ATOM   169  C CG2 . VAL A 1 42  ? 15.730  17.648  0.236   1.00 80.37  ? 277  VAL A CG2 1 
ATOM   170  N N   . GLU A 1 43  ? 11.664  17.088  -1.348  1.00 78.29  ? 278  GLU A N   1 
ATOM   171  C CA  . GLU A 1 43  ? 10.466  17.303  -2.143  1.00 78.00  ? 278  GLU A CA  1 
ATOM   172  C C   . GLU A 1 43  ? 9.202   17.131  -1.317  1.00 76.40  ? 278  GLU A C   1 
ATOM   173  O O   . GLU A 1 43  ? 8.312   17.972  -1.356  1.00 76.50  ? 278  GLU A O   1 
ATOM   174  C CB  . GLU A 1 43  ? 10.444  16.343  -3.330  1.00 80.36  ? 278  GLU A CB  1 
ATOM   175  C CG  . GLU A 1 43  ? 9.721   16.912  -4.532  1.00 84.93  ? 278  GLU A CG  1 
ATOM   176  C CD  . GLU A 1 43  ? 10.355  18.210  -5.032  1.00 87.76  ? 278  GLU A CD  1 
ATOM   177  O OE1 . GLU A 1 43  ? 9.790   18.838  -5.958  1.00 88.76  ? 278  GLU A OE1 1 
ATOM   178  O OE2 . GLU A 1 43  ? 11.421  18.603  -4.503  1.00 88.79  ? 278  GLU A OE2 1 
ATOM   179  N N   . TYR A 1 44  ? 9.127   16.036  -0.569  1.00 74.90  ? 279  TYR A N   1 
ATOM   180  C CA  . TYR A 1 44  ? 7.969   15.762  0.277   1.00 73.49  ? 279  TYR A CA  1 
ATOM   181  C C   . TYR A 1 44  ? 7.688   16.958  1.182   1.00 73.33  ? 279  TYR A C   1 
ATOM   182  O O   . TYR A 1 44  ? 6.577   17.486  1.225   1.00 72.87  ? 279  TYR A O   1 
ATOM   183  C CB  . TYR A 1 44  ? 8.228   14.519  1.148   1.00 71.32  ? 279  TYR A CB  1 
ATOM   184  C CG  . TYR A 1 44  ? 7.126   14.193  2.149   1.00 69.47  ? 279  TYR A CG  1 
ATOM   185  C CD1 . TYR A 1 44  ? 6.070   13.340  1.817   1.00 68.68  ? 279  TYR A CD1 1 
ATOM   186  C CD2 . TYR A 1 44  ? 7.138   14.741  3.428   1.00 68.81  ? 279  TYR A CD2 1 
ATOM   187  C CE1 . TYR A 1 44  ? 5.055   13.044  2.745   1.00 68.10  ? 279  TYR A CE1 1 
ATOM   188  C CE2 . TYR A 1 44  ? 6.130   14.453  4.356   1.00 68.28  ? 279  TYR A CE2 1 
ATOM   189  C CZ  . TYR A 1 44  ? 5.096   13.607  4.011   1.00 68.10  ? 279  TYR A CZ  1 
ATOM   190  O OH  . TYR A 1 44  ? 4.105   13.346  4.934   1.00 68.05  ? 279  TYR A OH  1 
ATOM   191  N N   . GLU A 1 45  ? 8.716   17.391  1.895   1.00 74.35  ? 280  GLU A N   1 
ATOM   192  C CA  . GLU A 1 45  ? 8.577   18.492  2.829   1.00 75.60  ? 280  GLU A CA  1 
ATOM   193  C C   . GLU A 1 45  ? 8.099   19.786  2.234   1.00 74.61  ? 280  GLU A C   1 
ATOM   194  O O   . GLU A 1 45  ? 7.325   20.505  2.863   1.00 74.60  ? 280  GLU A O   1 
ATOM   195  C CB  . GLU A 1 45  ? 9.889   18.710  3.557   1.00 78.36  ? 280  GLU A CB  1 
ATOM   196  C CG  . GLU A 1 45  ? 10.290  17.491  4.362   1.00 83.93  ? 280  GLU A CG  1 
ATOM   197  C CD  . GLU A 1 45  ? 11.597  17.673  5.101   1.00 87.19  ? 280  GLU A CD  1 
ATOM   198  O OE1 . GLU A 1 45  ? 12.614  18.014  4.446   1.00 89.83  ? 280  GLU A OE1 1 
ATOM   199  O OE2 . GLU A 1 45  ? 11.604  17.467  6.339   1.00 89.01  ? 280  GLU A OE2 1 
ATOM   200  N N   . LYS A 1 46  ? 8.544   20.096  1.027   1.00 74.83  ? 281  LYS A N   1 
ATOM   201  C CA  . LYS A 1 46  ? 8.112   21.342  0.422   1.00 75.38  ? 281  LYS A CA  1 
ATOM   202  C C   . LYS A 1 46  ? 6.624   21.313  0.097   1.00 74.56  ? 281  LYS A C   1 
ATOM   203  O O   . LYS A 1 46  ? 5.958   22.348  0.107   1.00 74.96  ? 281  LYS A O   1 
ATOM   204  C CB  . LYS A 1 46  ? 8.938   21.671  -0.831  1.00 76.97  ? 281  LYS A CB  1 
ATOM   205  C CG  . LYS A 1 46  ? 8.732   20.781  -2.039  1.00 78.89  ? 281  LYS A CG  1 
ATOM   206  C CD  . LYS A 1 46  ? 9.458   21.377  -3.249  1.00 81.14  ? 281  LYS A CD  1 
ATOM   207  C CE  . LYS A 1 46  ? 8.930   22.779  -3.580  1.00 82.09  ? 281  LYS A CE  1 
ATOM   208  N NZ  . LYS A 1 46  ? 9.690   23.459  -4.673  1.00 83.21  ? 281  LYS A NZ  1 
ATOM   209  N N   . ARG A 1 47  ? 6.097   20.127  -0.175  1.00 74.07  ? 282  ARG A N   1 
ATOM   210  C CA  . ARG A 1 47  ? 4.681   20.007  -0.480  1.00 73.38  ? 282  ARG A CA  1 
ATOM   211  C C   . ARG A 1 47  ? 3.899   20.196  0.806   1.00 72.04  ? 282  ARG A C   1 
ATOM   212  O O   . ARG A 1 47  ? 3.041   21.076  0.918   1.00 71.22  ? 282  ARG A O   1 
ATOM   213  C CB  . ARG A 1 47  ? 4.357   18.622  -1.049  1.00 75.04  ? 282  ARG A CB  1 
ATOM   214  C CG  . ARG A 1 47  ? 5.001   18.278  -2.377  1.00 77.11  ? 282  ARG A CG  1 
ATOM   215  C CD  . ARG A 1 47  ? 4.577   19.233  -3.482  1.00 80.49  ? 282  ARG A CD  1 
ATOM   216  N NE  . ARG A 1 47  ? 5.017   18.759  -4.792  1.00 84.79  ? 282  ARG A NE  1 
ATOM   217  C CZ  . ARG A 1 47  ? 6.270   18.420  -5.087  1.00 86.67  ? 282  ARG A CZ  1 
ATOM   218  N NH1 . ARG A 1 47  ? 7.226   18.501  -4.169  1.00 87.36  ? 282  ARG A NH1 1 
ATOM   219  N NH2 . ARG A 1 47  ? 6.568   17.985  -6.304  1.00 88.22  ? 282  ARG A NH2 1 
ATOM   220  N N   . GLU A 1 48  ? 4.215   19.362  1.786   1.00 71.06  ? 283  GLU A N   1 
ATOM   221  C CA  . GLU A 1 48  ? 3.514   19.413  3.048   1.00 71.34  ? 283  GLU A CA  1 
ATOM   222  C C   . GLU A 1 48  ? 3.574   20.791  3.662   1.00 70.37  ? 283  GLU A C   1 
ATOM   223  O O   . GLU A 1 48  ? 2.760   21.142  4.518   1.00 70.58  ? 283  GLU A O   1 
ATOM   224  C CB  . GLU A 1 48  ? 4.060   18.369  4.019   1.00 72.35  ? 283  GLU A CB  1 
ATOM   225  C CG  . GLU A 1 48  ? 5.383   18.686  4.661   1.00 74.54  ? 283  GLU A CG  1 
ATOM   226  C CD  . GLU A 1 48  ? 5.633   17.781  5.853   1.00 76.19  ? 283  GLU A CD  1 
ATOM   227  O OE1 . GLU A 1 48  ? 6.719   17.879  6.466   1.00 77.46  ? 283  GLU A OE1 1 
ATOM   228  O OE2 . GLU A 1 48  ? 4.731   16.970  6.175   1.00 76.14  ? 283  GLU A OE2 1 
ATOM   229  N N   . LYS A 1 49  ? 4.539   21.585  3.233   1.00 69.28  ? 284  LYS A N   1 
ATOM   230  C CA  . LYS A 1 49  ? 4.617   22.924  3.766   1.00 68.20  ? 284  LYS A CA  1 
ATOM   231  C C   . LYS A 1 49  ? 3.349   23.628  3.297   1.00 66.55  ? 284  LYS A C   1 
ATOM   232  O O   . LYS A 1 49  ? 2.527   24.059  4.105   1.00 66.28  ? 284  LYS A O   1 
ATOM   233  C CB  . LYS A 1 49  ? 5.855   23.649  3.234   1.00 69.37  ? 284  LYS A CB  1 
ATOM   234  C CG  . LYS A 1 49  ? 5.964   25.104  3.700   1.00 71.64  ? 284  LYS A CG  1 
ATOM   235  C CD  . LYS A 1 49  ? 7.233   25.368  4.524   1.00 73.35  ? 284  LYS A CD  1 
ATOM   236  C CE  . LYS A 1 49  ? 7.343   26.840  4.961   1.00 74.08  ? 284  LYS A CE  1 
ATOM   237  N NZ  . LYS A 1 49  ? 8.597   27.160  5.734   1.00 75.48  ? 284  LYS A NZ  1 
ATOM   238  N N   . VAL A 1 50  ? 3.176   23.701  1.984   1.00 64.71  ? 285  VAL A N   1 
ATOM   239  C CA  . VAL A 1 50  ? 2.022   24.373  1.407   1.00 63.51  ? 285  VAL A CA  1 
ATOM   240  C C   . VAL A 1 50  ? 0.701   23.897  1.996   1.00 63.46  ? 285  VAL A C   1 
ATOM   241  O O   . VAL A 1 50  ? -0.220  24.689  2.210   1.00 63.59  ? 285  VAL A O   1 
ATOM   242  C CB  . VAL A 1 50  ? 1.993   24.183  -0.118  1.00 62.12  ? 285  VAL A CB  1 
ATOM   243  C CG1 . VAL A 1 50  ? 3.398   23.901  -0.616  1.00 61.53  ? 285  VAL A CG1 1 
ATOM   244  C CG2 . VAL A 1 50  ? 1.048   23.074  -0.497  1.00 61.70  ? 285  VAL A CG2 1 
ATOM   245  N N   . TYR A 1 51  ? 0.619   22.601  2.263   1.00 63.38  ? 286  TYR A N   1 
ATOM   246  C CA  . TYR A 1 51  ? -0.592  22.019  2.817   1.00 63.81  ? 286  TYR A CA  1 
ATOM   247  C C   . TYR A 1 51  ? -0.898  22.526  4.235   1.00 66.33  ? 286  TYR A C   1 
ATOM   248  O O   . TYR A 1 51  ? -1.970  23.098  4.486   1.00 66.26  ? 286  TYR A O   1 
ATOM   249  C CB  . TYR A 1 51  ? -0.472  20.499  2.823   1.00 59.95  ? 286  TYR A CB  1 
ATOM   250  C CG  . TYR A 1 51  ? -1.720  19.834  3.309   1.00 57.21  ? 286  TYR A CG  1 
ATOM   251  C CD1 . TYR A 1 51  ? -2.840  19.735  2.497   1.00 56.41  ? 286  TYR A CD1 1 
ATOM   252  C CD2 . TYR A 1 51  ? -1.806  19.362  4.602   1.00 56.58  ? 286  TYR A CD2 1 
ATOM   253  C CE1 . TYR A 1 51  ? -4.017  19.185  2.973   1.00 55.68  ? 286  TYR A CE1 1 
ATOM   254  C CE2 . TYR A 1 51  ? -2.978  18.812  5.086   1.00 56.16  ? 286  TYR A CE2 1 
ATOM   255  C CZ  . TYR A 1 51  ? -4.076  18.728  4.272   1.00 55.72  ? 286  TYR A CZ  1 
ATOM   256  O OH  . TYR A 1 51  ? -5.233  18.204  4.782   1.00 56.22  ? 286  TYR A OH  1 
ATOM   257  N N   . LYS A 1 52  ? 0.051   22.311  5.149   1.00 68.83  ? 287  LYS A N   1 
ATOM   258  C CA  . LYS A 1 52  ? -0.076  22.721  6.552   1.00 71.19  ? 287  LYS A CA  1 
ATOM   259  C C   . LYS A 1 52  ? -0.377  24.201  6.717   1.00 72.18  ? 287  LYS A C   1 
ATOM   260  O O   . LYS A 1 52  ? -1.028  24.619  7.681   1.00 73.09  ? 287  LYS A O   1 
ATOM   261  C CB  . LYS A 1 52  ? 1.205   22.401  7.304   1.00 72.35  ? 287  LYS A CB  1 
ATOM   262  C CG  . LYS A 1 52  ? 1.586   20.954  7.245   1.00 75.80  ? 287  LYS A CG  1 
ATOM   263  C CD  . LYS A 1 52  ? 2.707   20.664  8.232   1.00 80.51  ? 287  LYS A CD  1 
ATOM   264  C CE  . LYS A 1 52  ? 2.999   19.157  8.354   1.00 83.66  ? 287  LYS A CE  1 
ATOM   265  N NZ  . LYS A 1 52  ? 3.974   18.796  9.454   1.00 85.36  ? 287  LYS A NZ  1 
ATOM   266  N N   . GLN A 1 53  ? 0.124   24.992  5.780   1.00 72.25  ? 288  GLN A N   1 
ATOM   267  C CA  . GLN A 1 53  ? -0.103  26.418  5.804   1.00 72.57  ? 288  GLN A CA  1 
ATOM   268  C C   . GLN A 1 53  ? -1.564  26.660  5.513   1.00 71.04  ? 288  GLN A C   1 
ATOM   269  O O   . GLN A 1 53  ? -2.200  27.501  6.143   1.00 71.36  ? 288  GLN A O   1 
ATOM   270  C CB  . GLN A 1 53  ? 0.749   27.087  4.749   1.00 75.85  ? 288  GLN A CB  1 
ATOM   271  C CG  . GLN A 1 53  ? 2.213   26.778  4.909   1.00 81.01  ? 288  GLN A CG  1 
ATOM   272  C CD  . GLN A 1 53  ? 3.071   27.623  3.994   1.00 85.04  ? 288  GLN A CD  1 
ATOM   273  O OE1 . GLN A 1 53  ? 3.101   28.853  4.116   1.00 87.65  ? 288  GLN A OE1 1 
ATOM   274  N NE2 . GLN A 1 53  ? 3.772   26.974  3.064   1.00 86.74  ? 288  GLN A NE2 1 
ATOM   275  N N   . PHE A 1 54  ? -2.095  25.915  4.552   1.00 69.03  ? 289  PHE A N   1 
ATOM   276  C CA  . PHE A 1 54  ? -3.495  26.047  4.203   1.00 67.38  ? 289  PHE A CA  1 
ATOM   277  C C   . PHE A 1 54  ? -4.343  25.662  5.405   1.00 66.40  ? 289  PHE A C   1 
ATOM   278  O O   . PHE A 1 54  ? -5.295  26.357  5.752   1.00 65.76  ? 289  PHE A O   1 
ATOM   279  C CB  . PHE A 1 54  ? -3.841  25.140  3.031   1.00 68.01  ? 289  PHE A CB  1 
ATOM   280  C CG  . PHE A 1 54  ? -5.289  25.202  2.631   1.00 69.25  ? 289  PHE A CG  1 
ATOM   281  C CD1 . PHE A 1 54  ? -6.126  24.104  2.820   1.00 69.40  ? 289  PHE A CD1 1 
ATOM   282  C CD2 . PHE A 1 54  ? -5.823  26.365  2.070   1.00 69.78  ? 289  PHE A CD2 1 
ATOM   283  C CE1 . PHE A 1 54  ? -7.477  24.163  2.455   1.00 70.17  ? 289  PHE A CE1 1 
ATOM   284  C CE2 . PHE A 1 54  ? -7.174  26.438  1.699   1.00 70.26  ? 289  PHE A CE2 1 
ATOM   285  C CZ  . PHE A 1 54  ? -8.000  25.336  1.892   1.00 70.79  ? 289  PHE A CZ  1 
ATOM   286  N N   . LEU A 1 55  ? -3.991  24.552  6.040   1.00 65.71  ? 290  LEU A N   1 
ATOM   287  C CA  . LEU A 1 55  ? -4.732  24.097  7.197   1.00 65.37  ? 290  LEU A CA  1 
ATOM   288  C C   . LEU A 1 55  ? -4.811  25.136  8.289   1.00 66.46  ? 290  LEU A C   1 
ATOM   289  O O   . LEU A 1 55  ? -5.897  25.458  8.764   1.00 67.16  ? 290  LEU A O   1 
ATOM   290  C CB  . LEU A 1 55  ? -4.122  22.822  7.757   1.00 65.29  ? 290  LEU A CB  1 
ATOM   291  C CG  . LEU A 1 55  ? -4.732  21.582  7.113   1.00 65.66  ? 290  LEU A CG  1 
ATOM   292  C CD1 . LEU A 1 55  ? -4.286  20.334  7.859   1.00 65.97  ? 290  LEU A CD1 1 
ATOM   293  C CD2 . LEU A 1 55  ? -6.248  21.696  7.150   1.00 65.53  ? 290  LEU A CD2 1 
ATOM   294  N N   . ARG A 1 56  ? -3.670  25.666  8.702   1.00 67.34  ? 291  ARG A N   1 
ATOM   295  C CA  . ARG A 1 56  ? -3.695  26.670  9.748   1.00 68.47  ? 291  ARG A CA  1 
ATOM   296  C C   . ARG A 1 56  ? -4.363  27.957  9.244   1.00 66.59  ? 291  ARG A C   1 
ATOM   297  O O   . ARG A 1 56  ? -5.047  28.644  10.001  1.00 67.09  ? 291  ARG A O   1 
ATOM   298  C CB  . ARG A 1 56  ? -2.282  26.960  10.247  1.00 72.03  ? 291  ARG A CB  1 
ATOM   299  C CG  . ARG A 1 56  ? -1.484  27.870  9.347   1.00 78.54  ? 291  ARG A CG  1 
ATOM   300  C CD  . ARG A 1 56  ? -0.350  28.541  10.130  1.00 85.28  ? 291  ARG A CD  1 
ATOM   301  N NE  . ARG A 1 56  ? 0.345   29.566  9.341   1.00 91.40  ? 291  ARG A NE  1 
ATOM   302  C CZ  . ARG A 1 56  ? 1.137   29.316  8.293   1.00 94.43  ? 291  ARG A CZ  1 
ATOM   303  N NH1 . ARG A 1 56  ? 1.353   28.061  7.892   1.00 96.05  ? 291  ARG A NH1 1 
ATOM   304  N NH2 . ARG A 1 56  ? 1.709   30.324  7.632   1.00 95.28  ? 291  ARG A NH2 1 
ATOM   305  N N   . ALA A 1 57  ? -4.177  28.274  7.965   1.00 64.99  ? 292  ALA A N   1 
ATOM   306  C CA  . ALA A 1 57  ? -4.772  29.474  7.371   1.00 63.78  ? 292  ALA A CA  1 
ATOM   307  C C   . ALA A 1 57  ? -6.298  29.403  7.375   1.00 62.79  ? 292  ALA A C   1 
ATOM   308  O O   . ALA A 1 57  ? -6.994  30.403  7.229   1.00 62.91  ? 292  ALA A O   1 
ATOM   309  C CB  . ALA A 1 57  ? -4.276  29.645  5.950   1.00 63.89  ? 292  ALA A CB  1 
ATOM   310  N N   . ARG A 1 58  ? -6.814  28.201  7.532   1.00 62.48  ? 293  ARG A N   1 
ATOM   311  C CA  . ARG A 1 58  ? -8.241  28.005  7.556   1.00 62.31  ? 293  ARG A CA  1 
ATOM   312  C C   . ARG A 1 58  ? -8.592  27.597  8.977   1.00 62.08  ? 293  ARG A C   1 
ATOM   313  O O   . ARG A 1 58  ? -9.736  27.239  9.278   1.00 62.06  ? 293  ARG A O   1 
ATOM   314  C CB  . ARG A 1 58  ? -8.611  26.914  6.558   1.00 63.20  ? 293  ARG A CB  1 
ATOM   315  C CG  . ARG A 1 58  ? -9.650  27.326  5.531   1.00 65.30  ? 293  ARG A CG  1 
ATOM   316  C CD  . ARG A 1 58  ? -9.228  28.483  4.652   1.00 65.13  ? 293  ARG A CD  1 
ATOM   317  N NE  . ARG A 1 58  ? -9.751  28.269  3.309   1.00 67.61  ? 293  ARG A NE  1 
ATOM   318  C CZ  . ARG A 1 58  ? -9.642  29.133  2.308   1.00 69.51  ? 293  ARG A CZ  1 
ATOM   319  N NH1 . ARG A 1 58  ? -9.030  30.296  2.496   1.00 70.08  ? 293  ARG A NH1 1 
ATOM   320  N NH2 . ARG A 1 58  ? -10.130 28.818  1.112   1.00 69.97  ? 293  ARG A NH2 1 
ATOM   321  N N   . GLY A 1 59  ? -7.578  27.655  9.842   1.00 61.41  ? 294  GLY A N   1 
ATOM   322  C CA  . GLY A 1 59  ? -7.733  27.323  11.251  1.00 60.66  ? 294  GLY A CA  1 
ATOM   323  C C   . GLY A 1 59  ? -8.125  25.892  11.543  1.00 60.19  ? 294  GLY A C   1 
ATOM   324  O O   . GLY A 1 59  ? -8.926  25.622  12.438  1.00 59.01  ? 294  GLY A O   1 
ATOM   325  N N   . ILE A 1 60  ? -7.548  24.968  10.795  1.00 60.66  ? 295  ILE A N   1 
ATOM   326  C CA  . ILE A 1 60  ? -7.860  23.561  10.974  1.00 62.39  ? 295  ILE A CA  1 
ATOM   327  C C   . ILE A 1 60  ? -6.677  22.777  11.523  1.00 63.85  ? 295  ILE A C   1 
ATOM   328  O O   . ILE A 1 60  ? -5.571  22.857  10.979  1.00 64.70  ? 295  ILE A O   1 
ATOM   329  C CB  . ILE A 1 60  ? -8.285  22.933  9.637   1.00 61.25  ? 295  ILE A CB  1 
ATOM   330  C CG1 . ILE A 1 60  ? -9.492  23.689  9.090   1.00 60.94  ? 295  ILE A CG1 1 
ATOM   331  C CG2 . ILE A 1 60  ? -8.594  21.453  9.825   1.00 61.41  ? 295  ILE A CG2 1 
ATOM   332  C CD1 . ILE A 1 60  ? -10.649 23.755  10.068  1.00 60.67  ? 295  ILE A CD1 1 
ATOM   333  N N   . THR A 1 61  ? -6.903  22.026  12.600  1.00 65.24  ? 296  THR A N   1 
ATOM   334  C CA  . THR A 1 61  ? -5.830  21.222  13.175  1.00 67.14  ? 296  THR A CA  1 
ATOM   335  C C   . THR A 1 61  ? -5.504  20.101  12.206  1.00 67.47  ? 296  THR A C   1 
ATOM   336  O O   . THR A 1 61  ? -6.354  19.668  11.430  1.00 67.27  ? 296  THR A O   1 
ATOM   337  C CB  . THR A 1 61  ? -6.221  20.590  14.506  1.00 67.77  ? 296  THR A CB  1 
ATOM   338  O OG1 . THR A 1 61  ? -5.176  19.703  14.926  1.00 68.76  ? 296  THR A OG1 1 
ATOM   339  C CG2 . THR A 1 61  ? -7.509  19.806  14.363  1.00 68.15  ? 296  THR A CG2 1 
ATOM   340  N N   . LEU A 1 62  ? -4.275  19.620  12.257  1.00 68.99  ? 297  LEU A N   1 
ATOM   341  C CA  . LEU A 1 62  ? -3.874  18.568  11.348  1.00 71.08  ? 297  LEU A CA  1 
ATOM   342  C C   . LEU A 1 62  ? -4.354  17.216  11.807  1.00 71.30  ? 297  LEU A C   1 
ATOM   343  O O   . LEU A 1 62  ? -4.375  16.269  11.026  1.00 70.79  ? 297  LEU A O   1 
ATOM   344  C CB  . LEU A 1 62  ? -2.363  18.563  11.179  1.00 73.81  ? 297  LEU A CB  1 
ATOM   345  C CG  . LEU A 1 62  ? -1.828  19.837  10.506  1.00 76.93  ? 297  LEU A CG  1 
ATOM   346  C CD1 . LEU A 1 62  ? -2.103  21.097  11.371  1.00 78.50  ? 297  LEU A CD1 1 
ATOM   347  C CD2 . LEU A 1 62  ? -0.334  19.666  10.278  1.00 78.15  ? 297  LEU A CD2 1 
ATOM   348  N N   . ARG A 1 63  ? -4.740  17.119  13.076  1.00 72.80  ? 298  ARG A N   1 
ATOM   349  C CA  . ARG A 1 63  ? -5.245  15.849  13.577  1.00 74.22  ? 298  ARG A CA  1 
ATOM   350  C C   . ARG A 1 63  ? -6.548  15.579  12.802  1.00 73.85  ? 298  ARG A C   1 
ATOM   351  O O   . ARG A 1 63  ? -7.082  14.469  12.839  1.00 73.94  ? 298  ARG A O   1 
ATOM   352  C CB  . ARG A 1 63  ? -5.508  15.897  15.107  1.00 75.97  ? 298  ARG A CB  1 
ATOM   353  C CG  . ARG A 1 63  ? -4.246  16.005  16.016  1.00 78.84  ? 298  ARG A CG  1 
ATOM   354  C CD  . ARG A 1 63  ? -4.499  15.540  17.502  1.00 81.61  ? 298  ARG A CD  1 
ATOM   355  N NE  . ARG A 1 63  ? -3.382  15.834  18.430  1.00 81.38  ? 298  ARG A NE  1 
ATOM   356  C CZ  . ARG A 1 63  ? -3.306  15.445  19.711  1.00 79.18  ? 298  ARG A CZ  1 
ATOM   357  N NH1 . ARG A 1 63  ? -4.275  14.722  20.271  1.00 77.32  ? 298  ARG A NH1 1 
ATOM   358  N NH2 . ARG A 1 63  ? -2.257  15.797  20.445  1.00 77.71  ? 298  ARG A NH2 1 
ATOM   359  N N   . ARG A 1 64  ? -7.031  16.594  12.082  1.00 73.16  ? 299  ARG A N   1 
ATOM   360  C CA  . ARG A 1 64  ? -8.262  16.480  11.304  1.00 72.55  ? 299  ARG A CA  1 
ATOM   361  C C   . ARG A 1 64  ? -8.124  16.799  9.833   1.00 72.10  ? 299  ARG A C   1 
ATOM   362  O O   . ARG A 1 64  ? -9.045  17.334  9.213   1.00 71.41  ? 299  ARG A O   1 
ATOM   363  C CB  . ARG A 1 64  ? -9.353  17.375  11.882  1.00 73.86  ? 299  ARG A CB  1 
ATOM   364  C CG  . ARG A 1 64  ? -9.853  16.919  13.213  1.00 76.33  ? 299  ARG A CG  1 
ATOM   365  C CD  . ARG A 1 64  ? -10.213 15.457  13.159  1.00 79.17  ? 299  ARG A CD  1 
ATOM   366  N NE  . ARG A 1 64  ? -10.082 14.857  14.481  1.00 83.88  ? 299  ARG A NE  1 
ATOM   367  C CZ  . ARG A 1 64  ? -10.936 15.054  15.483  1.00 86.23  ? 299  ARG A CZ  1 
ATOM   368  N NH1 . ARG A 1 64  ? -11.997 15.837  15.300  1.00 87.33  ? 299  ARG A NH1 1 
ATOM   369  N NH2 . ARG A 1 64  ? -10.717 14.490  16.674  1.00 86.95  ? 299  ARG A NH2 1 
ATOM   370  N N   . ALA A 1 65  ? -6.969  16.499  9.265   1.00 72.22  ? 300  ALA A N   1 
ATOM   371  C CA  . ALA A 1 65  ? -6.805  16.740  7.849   1.00 72.83  ? 300  ALA A CA  1 
ATOM   372  C C   . ALA A 1 65  ? -7.679  15.659  7.251   1.00 74.00  ? 300  ALA A C   1 
ATOM   373  O O   . ALA A 1 65  ? -8.245  14.844  7.979   1.00 74.83  ? 300  ALA A O   1 
ATOM   374  C CB  . ALA A 1 65  ? -5.363  16.545  7.432   1.00 71.47  ? 300  ALA A CB  1 
ATOM   375  N N   . GLU A 1 66  ? -7.782  15.651  5.933   1.00 75.26  ? 301  GLU A N   1 
ATOM   376  C CA  . GLU A 1 66  ? -8.589  14.676  5.202   1.00 77.21  ? 301  GLU A CA  1 
ATOM   377  C C   . GLU A 1 66  ? -10.037 14.575  5.672   1.00 76.41  ? 301  GLU A C   1 
ATOM   378  O O   . GLU A 1 66  ? -10.929 14.294  4.867   1.00 77.96  ? 301  GLU A O   1 
ATOM   379  C CB  . GLU A 1 66  ? -7.925  13.301  5.215   1.00 78.61  ? 301  GLU A CB  1 
ATOM   380  C CG  . GLU A 1 66  ? -8.195  12.449  6.420   1.00 80.72  ? 301  GLU A CG  1 
ATOM   381  C CD  . GLU A 1 66  ? -7.586  11.075  6.242   1.00 82.60  ? 301  GLU A CD  1 
ATOM   382  O OE1 . GLU A 1 66  ? -6.351  11.012  6.047   1.00 83.48  ? 301  GLU A OE1 1 
ATOM   383  O OE2 . GLU A 1 66  ? -8.332  10.066  6.282   1.00 82.28  ? 301  GLU A OE2 1 
ATOM   384  N N   . ASP A 1 67  ? -10.274 14.771  6.963   1.00 74.51  ? 302  ASP A N   1 
ATOM   385  C CA  . ASP A 1 67  ? -11.639 14.781  7.465   1.00 72.29  ? 302  ASP A CA  1 
ATOM   386  C C   . ASP A 1 67  ? -12.103 16.113  6.890   1.00 69.90  ? 302  ASP A C   1 
ATOM   387  O O   . ASP A 1 67  ? -13.258 16.303  6.490   1.00 69.88  ? 302  ASP A O   1 
ATOM   388  C CB  . ASP A 1 67  ? -11.645 14.847  8.989   1.00 74.88  ? 302  ASP A CB  1 
ATOM   389  C CG  . ASP A 1 67  ? -12.173 13.577  9.622   1.00 77.65  ? 302  ASP A CG  1 
ATOM   390  O OD1 . ASP A 1 67  ? -12.165 13.469  10.876  1.00 78.67  ? 302  ASP A OD1 1 
ATOM   391  O OD2 . ASP A 1 67  ? -12.601 12.686  8.855   1.00 79.30  ? 302  ASP A OD2 1 
ATOM   392  N N   . PHE A 1 68  ? -11.137 17.023  6.835   1.00 66.34  ? 303  PHE A N   1 
ATOM   393  C CA  . PHE A 1 68  ? -11.329 18.353  6.324   1.00 62.11  ? 303  PHE A CA  1 
ATOM   394  C C   . PHE A 1 68  ? -11.323 18.333  4.793   1.00 60.52  ? 303  PHE A C   1 
ATOM   395  O O   . PHE A 1 68  ? -12.133 18.998  4.142   1.00 60.52  ? 303  PHE A O   1 
ATOM   396  C CB  . PHE A 1 68  ? -10.212 19.242  6.851   1.00 60.50  ? 303  PHE A CB  1 
ATOM   397  C CG  . PHE A 1 68  ? -10.291 20.639  6.360   1.00 59.80  ? 303  PHE A CG  1 
ATOM   398  C CD1 . PHE A 1 68  ? -9.210  21.224  5.719   1.00 59.88  ? 303  PHE A CD1 1 
ATOM   399  C CD2 . PHE A 1 68  ? -11.463 21.371  6.509   1.00 59.65  ? 303  PHE A CD2 1 
ATOM   400  C CE1 . PHE A 1 68  ? -9.293  22.527  5.224   1.00 59.78  ? 303  PHE A CE1 1 
ATOM   401  C CE2 . PHE A 1 68  ? -11.562 22.670  6.022   1.00 58.95  ? 303  PHE A CE2 1 
ATOM   402  C CZ  . PHE A 1 68  ? -10.473 23.251  5.376   1.00 59.54  ? 303  PHE A CZ  1 
ATOM   403  N N   . ASN A 1 69  ? -10.411 17.559  4.220   1.00 58.46  ? 304  ASN A N   1 
ATOM   404  C CA  . ASN A 1 69  ? -10.314 17.455  2.770   1.00 57.27  ? 304  ASN A CA  1 
ATOM   405  C C   . ASN A 1 69  ? -11.616 16.909  2.231   1.00 56.41  ? 304  ASN A C   1 
ATOM   406  O O   . ASN A 1 69  ? -12.051 17.266  1.134   1.00 56.23  ? 304  ASN A O   1 
ATOM   407  C CB  . ASN A 1 69  ? -9.185  16.517  2.371   1.00 58.41  ? 304  ASN A CB  1 
ATOM   408  C CG  . ASN A 1 69  ? -7.896  16.822  3.095   1.00 59.85  ? 304  ASN A CG  1 
ATOM   409  O OD1 . ASN A 1 69  ? -6.833  16.301  2.748   1.00 60.03  ? 304  ASN A OD1 1 
ATOM   410  N ND2 . ASN A 1 69  ? -7.981  17.663  4.124   1.00 61.83  ? 304  ASN A ND2 1 
ATOM   411  N N   . LYS A 1 70  ? -12.224 16.021  3.008   1.00 55.08  ? 305  LYS A N   1 
ATOM   412  C CA  . LYS A 1 70  ? -13.491 15.444  2.628   1.00 53.91  ? 305  LYS A CA  1 
ATOM   413  C C   . LYS A 1 70  ? -14.410 16.608  2.355   1.00 53.29  ? 305  LYS A C   1 
ATOM   414  O O   . LYS A 1 70  ? -15.084 16.640  1.333   1.00 54.94  ? 305  LYS A O   1 
ATOM   415  C CB  . LYS A 1 70  ? -14.062 14.610  3.760   1.00 55.34  ? 305  LYS A CB  1 
ATOM   416  C CG  . LYS A 1 70  ? -13.817 13.119  3.624   1.00 57.66  ? 305  LYS A CG  1 
ATOM   417  C CD  . LYS A 1 70  ? -15.001 12.354  4.209   1.00 61.07  ? 305  LYS A CD  1 
ATOM   418  C CE  . LYS A 1 70  ? -14.854 10.846  4.082   1.00 64.68  ? 305  LYS A CE  1 
ATOM   419  N NZ  . LYS A 1 70  ? -13.701 10.336  4.891   1.00 65.81  ? 305  LYS A NZ  1 
ATOM   420  N N   . ILE A 1 71  ? -14.423 17.570  3.270   1.00 51.71  ? 306  ILE A N   1 
ATOM   421  C CA  . ILE A 1 71  ? -15.256 18.749  3.111   1.00 50.49  ? 306  ILE A CA  1 
ATOM   422  C C   . ILE A 1 71  ? -14.772 19.599  1.953   1.00 51.02  ? 306  ILE A C   1 
ATOM   423  O O   . ILE A 1 71  ? -15.557 20.002  1.102   1.00 51.07  ? 306  ILE A O   1 
ATOM   424  C CB  . ILE A 1 71  ? -15.261 19.616  4.380   1.00 50.74  ? 306  ILE A CB  1 
ATOM   425  C CG1 . ILE A 1 71  ? -16.070 18.912  5.478   1.00 50.77  ? 306  ILE A CG1 1 
ATOM   426  C CG2 . ILE A 1 71  ? -15.811 21.007  4.063   1.00 49.61  ? 306  ILE A CG2 1 
ATOM   427  C CD1 . ILE A 1 71  ? -16.396 19.778  6.698   1.00 50.50  ? 306  ILE A CD1 1 
ATOM   428  N N   . VAL A 1 72  ? -13.480 19.880  1.919   1.00 50.75  ? 307  VAL A N   1 
ATOM   429  C CA  . VAL A 1 72  ? -12.934 20.689  0.844   1.00 51.20  ? 307  VAL A CA  1 
ATOM   430  C C   . VAL A 1 72  ? -13.420 20.210  -0.505  1.00 52.77  ? 307  VAL A C   1 
ATOM   431  O O   . VAL A 1 72  ? -13.606 21.001  -1.425  1.00 52.82  ? 307  VAL A O   1 
ATOM   432  C CB  . VAL A 1 72  ? -11.427 20.630  0.835   1.00 51.06  ? 307  VAL A CB  1 
ATOM   433  C CG1 . VAL A 1 72  ? -10.884 21.357  -0.386  1.00 49.30  ? 307  VAL A CG1 1 
ATOM   434  C CG2 . VAL A 1 72  ? -10.906 21.231  2.112   1.00 51.11  ? 307  VAL A CG2 1 
ATOM   435  N N   . MET A 1 73  ? -13.616 18.904  -0.607  1.00 54.15  ? 308  MET A N   1 
ATOM   436  C CA  . MET A 1 73  ? -14.072 18.266  -1.835  1.00 56.55  ? 308  MET A CA  1 
ATOM   437  C C   . MET A 1 73  ? -15.538 18.539  -2.179  1.00 57.93  ? 308  MET A C   1 
ATOM   438  O O   . MET A 1 73  ? -15.892 18.791  -3.342  1.00 58.85  ? 308  MET A O   1 
ATOM   439  C CB  . MET A 1 73  ? -13.868 16.759  -1.723  1.00 57.45  ? 308  MET A CB  1 
ATOM   440  C CG  . MET A 1 73  ? -12.425 16.334  -1.786  1.00 59.77  ? 308  MET A CG  1 
ATOM   441  S SD  . MET A 1 73  ? -11.743 16.531  -3.444  1.00 63.29  ? 308  MET A SD  1 
ATOM   442  C CE  . MET A 1 73  ? -12.330 15.018  -4.249  1.00 60.22  ? 308  MET A CE  1 
ATOM   443  N N   . ALA A 1 74  ? -16.392 18.475  -1.165  1.00 58.43  ? 309  ALA A N   1 
ATOM   444  C CA  . ALA A 1 74  ? -17.817 18.689  -1.354  1.00 59.55  ? 309  ALA A CA  1 
ATOM   445  C C   . ALA A 1 74  ? -18.218 20.161  -1.425  1.00 60.37  ? 309  ALA A C   1 
ATOM   446  O O   . ALA A 1 74  ? -19.395 20.470  -1.623  1.00 61.48  ? 309  ALA A O   1 
ATOM   447  C CB  . ALA A 1 74  ? -18.585 18.000  -0.238  1.00 58.85  ? 309  ALA A CB  1 
ATOM   448  N N   . SER A 1 75  ? -17.255 21.068  -1.269  1.00 59.62  ? 310  SER A N   1 
ATOM   449  C CA  . SER A 1 75  ? -17.556 22.494  -1.305  1.00 58.99  ? 310  SER A CA  1 
ATOM   450  C C   . SER A 1 75  ? -17.192 23.124  -2.638  1.00 59.71  ? 310  SER A C   1 
ATOM   451  O O   . SER A 1 75  ? -16.885 24.309  -2.704  1.00 61.31  ? 310  SER A O   1 
ATOM   452  C CB  . SER A 1 75  ? -16.815 23.220  -0.181  1.00 58.04  ? 310  SER A CB  1 
ATOM   453  O OG  . SER A 1 75  ? -17.206 22.743  1.091   1.00 55.92  ? 310  SER A OG  1 
ATOM   454  N N   . GLY A 1 76  ? -17.220 22.346  -3.708  1.00 59.52  ? 311  GLY A N   1 
ATOM   455  C CA  . GLY A 1 76  ? -16.880 22.927  -4.991  1.00 60.72  ? 311  GLY A CA  1 
ATOM   456  C C   . GLY A 1 76  ? -15.396 23.221  -5.127  1.00 61.29  ? 311  GLY A C   1 
ATOM   457  O O   . GLY A 1 76  ? -14.592 22.833  -4.273  1.00 61.66  ? 311  GLY A O   1 
ATOM   458  N N   . TYR A 1 77  ? -15.036 23.928  -6.196  1.00 60.91  ? 312  TYR A N   1 
ATOM   459  C CA  . TYR A 1 77  ? -13.644 24.242  -6.480  1.00 60.53  ? 312  TYR A CA  1 
ATOM   460  C C   . TYR A 1 77  ? -13.130 25.579  -5.982  1.00 61.36  ? 312  TYR A C   1 
ATOM   461  O O   . TYR A 1 77  ? -13.821 26.587  -6.057  1.00 61.92  ? 312  TYR A O   1 
ATOM   462  C CB  . TYR A 1 77  ? -13.403 24.183  -7.980  1.00 59.99  ? 312  TYR A CB  1 
ATOM   463  C CG  . TYR A 1 77  ? -11.980 24.501  -8.368  1.00 59.93  ? 312  TYR A CG  1 
ATOM   464  C CD1 . TYR A 1 77  ? -10.942 23.624  -8.051  1.00 60.75  ? 312  TYR A CD1 1 
ATOM   465  C CD2 . TYR A 1 77  ? -11.667 25.667  -9.056  1.00 59.65  ? 312  TYR A CD2 1 
ATOM   466  C CE1 . TYR A 1 77  ? -9.627  23.895  -8.415  1.00 60.62  ? 312  TYR A CE1 1 
ATOM   467  C CE2 . TYR A 1 77  ? -10.358 25.952  -9.427  1.00 60.59  ? 312  TYR A CE2 1 
ATOM   468  C CZ  . TYR A 1 77  ? -9.340  25.059  -9.105  1.00 61.16  ? 312  TYR A CZ  1 
ATOM   469  O OH  . TYR A 1 77  ? -8.036  25.318  -9.487  1.00 61.81  ? 312  TYR A OH  1 
ATOM   470  N N   . ASP A 1 78  ? -11.898 25.566  -5.487  1.00 62.13  ? 313  ASP A N   1 
ATOM   471  C CA  . ASP A 1 78  ? -11.215 26.756  -5.006  1.00 63.26  ? 313  ASP A CA  1 
ATOM   472  C C   . ASP A 1 78  ? -9.747  26.509  -5.236  1.00 64.40  ? 313  ASP A C   1 
ATOM   473  O O   . ASP A 1 78  ? -9.120  25.727  -4.516  1.00 64.50  ? 313  ASP A O   1 
ATOM   474  C CB  . ASP A 1 78  ? -11.438 26.987  -3.518  1.00 64.32  ? 313  ASP A CB  1 
ATOM   475  C CG  . ASP A 1 78  ? -10.409 27.937  -2.924  1.00 66.38  ? 313  ASP A CG  1 
ATOM   476  O OD1 . ASP A 1 78  ? -10.140 28.994  -3.541  1.00 67.52  ? 313  ASP A OD1 1 
ATOM   477  O OD2 . ASP A 1 78  ? -9.868  27.631  -1.839  1.00 67.32  ? 313  ASP A OD2 1 
ATOM   478  N N   . GLU A 1 79  ? -9.204  27.170  -6.248  1.00 65.32  ? 314  GLU A N   1 
ATOM   479  C CA  . GLU A 1 79  ? -7.804  27.011  -6.585  1.00 67.26  ? 314  GLU A CA  1 
ATOM   480  C C   . GLU A 1 79  ? -6.990  26.947  -5.302  1.00 66.82  ? 314  GLU A C   1 
ATOM   481  O O   . GLU A 1 79  ? -6.242  26.001  -5.053  1.00 66.89  ? 314  GLU A O   1 
ATOM   482  C CB  . GLU A 1 79  ? -7.350  28.184  -7.447  1.00 69.13  ? 314  GLU A CB  1 
ATOM   483  C CG  . GLU A 1 79  ? -6.063  27.909  -8.205  1.00 74.37  ? 314  GLU A CG  1 
ATOM   484  C CD  . GLU A 1 79  ? -5.723  28.995  -9.215  1.00 77.00  ? 314  GLU A CD  1 
ATOM   485  O OE1 . GLU A 1 79  ? -4.708  28.839  -9.936  1.00 78.62  ? 314  GLU A OE1 1 
ATOM   486  O OE2 . GLU A 1 79  ? -6.468  30.000  -9.286  1.00 78.20  ? 314  GLU A OE2 1 
ATOM   487  N N   . ARG A 1 80  ? -7.171  27.967  -4.481  1.00 66.69  ? 315  ARG A N   1 
ATOM   488  C CA  . ARG A 1 80  ? -6.487  28.078  -3.211  1.00 66.78  ? 315  ARG A CA  1 
ATOM   489  C C   . ARG A 1 80  ? -6.450  26.724  -2.521  1.00 65.08  ? 315  ARG A C   1 
ATOM   490  O O   . ARG A 1 80  ? -5.401  26.096  -2.381  1.00 64.13  ? 315  ARG A O   1 
ATOM   491  C CB  . ARG A 1 80  ? -7.246  29.083  -2.347  1.00 69.96  ? 315  ARG A CB  1 
ATOM   492  C CG  . ARG A 1 80  ? -6.415  29.777  -1.299  1.00 74.40  ? 315  ARG A CG  1 
ATOM   493  C CD  . ARG A 1 80  ? -6.017  28.845  -0.173  1.00 77.21  ? 315  ARG A CD  1 
ATOM   494  N NE  . ARG A 1 80  ? -5.065  29.484  0.738   1.00 80.77  ? 315  ARG A NE  1 
ATOM   495  C CZ  . ARG A 1 80  ? -5.295  30.611  1.413   1.00 82.06  ? 315  ARG A CZ  1 
ATOM   496  N NH1 . ARG A 1 80  ? -6.460  31.252  1.295   1.00 83.11  ? 315  ARG A NH1 1 
ATOM   497  N NH2 . ARG A 1 80  ? -4.347  31.106  2.204   1.00 82.34  ? 315  ARG A NH2 1 
ATOM   498  N N   . ALA A 1 81  ? -7.628  26.285  -2.110  1.00 63.54  ? 316  ALA A N   1 
ATOM   499  C CA  . ALA A 1 81  ? -7.797  25.027  -1.415  1.00 61.99  ? 316  ALA A CA  1 
ATOM   500  C C   . ALA A 1 81  ? -7.373  23.818  -2.229  1.00 61.25  ? 316  ALA A C   1 
ATOM   501  O O   . ALA A 1 81  ? -6.747  22.896  -1.704  1.00 61.50  ? 316  ALA A O   1 
ATOM   502  C CB  . ALA A 1 81  ? -9.240  24.874  -1.005  1.00 61.52  ? 316  ALA A CB  1 
ATOM   503  N N   . TYR A 1 82  ? -7.710  23.805  -3.510  1.00 59.77  ? 317  TYR A N   1 
ATOM   504  C CA  . TYR A 1 82  ? -7.360  22.660  -4.333  1.00 58.78  ? 317  TYR A CA  1 
ATOM   505  C C   . TYR A 1 82  ? -5.883  22.449  -4.598  1.00 58.70  ? 317  TYR A C   1 
ATOM   506  O O   . TYR A 1 82  ? -5.418  21.313  -4.659  1.00 56.67  ? 317  TYR A O   1 
ATOM   507  C CB  . TYR A 1 82  ? -8.149  22.703  -5.633  1.00 58.05  ? 317  TYR A CB  1 
ATOM   508  C CG  . TYR A 1 82  ? -9.472  22.016  -5.457  1.00 57.04  ? 317  TYR A CG  1 
ATOM   509  C CD1 . TYR A 1 82  ? -9.725  20.790  -6.064  1.00 57.26  ? 317  TYR A CD1 1 
ATOM   510  C CD2 . TYR A 1 82  ? -10.443 22.547  -4.608  1.00 56.24  ? 317  TYR A CD2 1 
ATOM   511  C CE1 . TYR A 1 82  ? -10.912 20.097  -5.828  1.00 56.71  ? 317  TYR A CE1 1 
ATOM   512  C CE2 . TYR A 1 82  ? -11.635 21.867  -4.360  1.00 55.82  ? 317  TYR A CE2 1 
ATOM   513  C CZ  . TYR A 1 82  ? -11.863 20.640  -4.974  1.00 56.35  ? 317  TYR A CZ  1 
ATOM   514  O OH  . TYR A 1 82  ? -13.030 19.950  -4.731  1.00 56.41  ? 317  TYR A OH  1 
ATOM   515  N N   . GLU A 1 83  ? -5.134  23.531  -4.749  1.00 60.70  ? 318  GLU A N   1 
ATOM   516  C CA  . GLU A 1 83  ? -3.710  23.384  -4.992  1.00 62.94  ? 318  GLU A CA  1 
ATOM   517  C C   . GLU A 1 83  ? -3.071  22.788  -3.762  1.00 61.80  ? 318  GLU A C   1 
ATOM   518  O O   . GLU A 1 83  ? -2.006  22.179  -3.835  1.00 62.04  ? 318  GLU A O   1 
ATOM   519  C CB  . GLU A 1 83  ? -3.080  24.730  -5.340  1.00 66.52  ? 318  GLU A CB  1 
ATOM   520  C CG  . GLU A 1 83  ? -3.595  25.262  -6.670  1.00 73.38  ? 318  GLU A CG  1 
ATOM   521  C CD  . GLU A 1 83  ? -3.586  24.187  -7.771  1.00 77.37  ? 318  GLU A CD  1 
ATOM   522  O OE1 . GLU A 1 83  ? -2.479  23.699  -8.112  1.00 79.43  ? 318  GLU A OE1 1 
ATOM   523  O OE2 . GLU A 1 83  ? -4.680  23.828  -8.290  1.00 78.86  ? 318  GLU A OE2 1 
ATOM   524  N N   . ALA A 1 84  ? -3.745  22.960  -2.631  1.00 60.94  ? 319  ALA A N   1 
ATOM   525  C CA  . ALA A 1 84  ? -3.270  22.421  -1.367  1.00 59.33  ? 319  ALA A CA  1 
ATOM   526  C C   . ALA A 1 84  ? -3.513  20.921  -1.391  1.00 58.60  ? 319  ALA A C   1 
ATOM   527  O O   . ALA A 1 84  ? -2.678  20.141  -0.943  1.00 57.75  ? 319  ALA A O   1 
ATOM   528  C CB  . ALA A 1 84  ? -4.013  23.057  -0.214  1.00 58.70  ? 319  ALA A CB  1 
ATOM   529  N N   . LEU A 1 85  ? -4.664  20.516  -1.916  1.00 58.56  ? 320  LEU A N   1 
ATOM   530  C CA  . LEU A 1 85  ? -4.963  19.097  -2.001  1.00 58.94  ? 320  LEU A CA  1 
ATOM   531  C C   . LEU A 1 85  ? -4.007  18.452  -2.992  1.00 59.56  ? 320  LEU A C   1 
ATOM   532  O O   . LEU A 1 85  ? -3.558  17.324  -2.784  1.00 59.40  ? 320  LEU A O   1 
ATOM   533  C CB  . LEU A 1 85  ? -6.411  18.873  -2.432  1.00 58.38  ? 320  LEU A CB  1 
ATOM   534  C CG  . LEU A 1 85  ? -7.443  19.303  -1.382  1.00 58.29  ? 320  LEU A CG  1 
ATOM   535  C CD1 . LEU A 1 85  ? -8.855  18.858  -1.781  1.00 57.69  ? 320  LEU A CD1 1 
ATOM   536  C CD2 . LEU A 1 85  ? -7.074  18.684  -0.053  1.00 58.04  ? 320  LEU A CD2 1 
ATOM   537  N N   . ARG A 1 86  ? -3.690  19.174  -4.065  1.00 60.89  ? 321  ARG A N   1 
ATOM   538  C CA  . ARG A 1 86  ? -2.759  18.662  -5.068  1.00 62.62  ? 321  ARG A CA  1 
ATOM   539  C C   . ARG A 1 86  ? -1.413  18.458  -4.382  1.00 62.85  ? 321  ARG A C   1 
ATOM   540  O O   . ARG A 1 86  ? -0.624  17.586  -4.759  1.00 62.63  ? 321  ARG A O   1 
ATOM   541  C CB  . ARG A 1 86  ? -2.606  19.647  -6.247  1.00 63.72  ? 321  ARG A CB  1 
ATOM   542  C CG  . ARG A 1 86  ? -3.793  19.693  -7.232  1.00 65.98  ? 321  ARG A CG  1 
ATOM   543  C CD  . ARG A 1 86  ? -3.370  19.443  -8.699  1.00 68.40  ? 321  ARG A CD  1 
ATOM   544  N NE  . ARG A 1 86  ? -2.746  20.604  -9.346  1.00 73.00  ? 321  ARG A NE  1 
ATOM   545  C CZ  . ARG A 1 86  ? -2.151  20.574  -10.542 1.00 75.54  ? 321  ARG A CZ  1 
ATOM   546  N NH1 . ARG A 1 86  ? -2.092  19.438  -11.230 1.00 77.35  ? 321  ARG A NH1 1 
ATOM   547  N NH2 . ARG A 1 86  ? -1.608  21.677  -11.055 1.00 77.23  ? 321  ARG A NH2 1 
ATOM   548  N N   . ALA A 1 87  ? -1.158  19.275  -3.367  1.00 63.26  ? 322  ALA A N   1 
ATOM   549  C CA  . ALA A 1 87  ? 0.081   19.175  -2.621  1.00 64.13  ? 322  ALA A CA  1 
ATOM   550  C C   . ALA A 1 87  ? 0.033   17.880  -1.840  1.00 65.96  ? 322  ALA A C   1 
ATOM   551  O O   . ALA A 1 87  ? 0.916   17.038  -1.990  1.00 67.31  ? 322  ALA A O   1 
ATOM   552  C CB  . ALA A 1 87  ? 0.223   20.337  -1.680  1.00 62.91  ? 322  ALA A CB  1 
ATOM   553  N N   . TRP A 1 88  ? -1.004  17.724  -1.012  1.00 67.90  ? 323  TRP A N   1 
ATOM   554  C CA  . TRP A 1 88  ? -1.201  16.518  -0.197  1.00 69.81  ? 323  TRP A CA  1 
ATOM   555  C C   . TRP A 1 88  ? -0.975  15.277  -1.059  1.00 71.68  ? 323  TRP A C   1 
ATOM   556  O O   . TRP A 1 88  ? -0.490  14.255  -0.573  1.00 71.85  ? 323  TRP A O   1 
ATOM   557  C CB  . TRP A 1 88  ? -2.620  16.523  0.403   1.00 69.97  ? 323  TRP A CB  1 
ATOM   558  C CG  . TRP A 1 88  ? -3.122  15.203  1.009   1.00 70.08  ? 323  TRP A CG  1 
ATOM   559  C CD1 . TRP A 1 88  ? -3.564  14.089  0.329   1.00 70.58  ? 323  TRP A CD1 1 
ATOM   560  C CD2 . TRP A 1 88  ? -3.290  14.904  2.401   1.00 69.05  ? 323  TRP A CD2 1 
ATOM   561  N NE1 . TRP A 1 88  ? -4.003  13.127  1.216   1.00 69.63  ? 323  TRP A NE1 1 
ATOM   562  C CE2 . TRP A 1 88  ? -3.845  13.600  2.492   1.00 69.79  ? 323  TRP A CE2 1 
ATOM   563  C CE3 . TRP A 1 88  ? -3.032  15.611  3.582   1.00 68.69  ? 323  TRP A CE3 1 
ATOM   564  C CZ2 . TRP A 1 88  ? -4.140  12.994  3.717   1.00 70.56  ? 323  TRP A CZ2 1 
ATOM   565  C CZ3 . TRP A 1 88  ? -3.326  15.007  4.802   1.00 69.22  ? 323  TRP A CZ3 1 
ATOM   566  C CH2 . TRP A 1 88  ? -3.874  13.711  4.860   1.00 69.96  ? 323  TRP A CH2 1 
ATOM   567  N N   . GLU A 1 89  ? -1.319  15.388  -2.341  1.00 73.83  ? 324  GLU A N   1 
ATOM   568  C CA  . GLU A 1 89  ? -1.145  14.306  -3.305  1.00 76.25  ? 324  GLU A CA  1 
ATOM   569  C C   . GLU A 1 89  ? 0.310   13.885  -3.459  1.00 75.65  ? 324  GLU A C   1 
ATOM   570  O O   . GLU A 1 89  ? 0.685   12.766  -3.114  1.00 75.73  ? 324  GLU A O   1 
ATOM   571  C CB  . GLU A 1 89  ? -1.668  14.747  -4.665  1.00 79.82  ? 324  GLU A CB  1 
ATOM   572  C CG  . GLU A 1 89  ? -3.151  14.968  -4.664  1.00 85.93  ? 324  GLU A CG  1 
ATOM   573  C CD  . GLU A 1 89  ? -3.902  13.700  -4.304  1.00 89.47  ? 324  GLU A CD  1 
ATOM   574  O OE1 . GLU A 1 89  ? -3.760  12.715  -5.069  1.00 91.32  ? 324  GLU A OE1 1 
ATOM   575  O OE2 . GLU A 1 89  ? -4.619  13.685  -3.266  1.00 92.00  ? 324  GLU A OE2 1 
ATOM   576  N N   . GLU A 1 90  ? 1.121   14.788  -3.997  1.00 75.52  ? 325  GLU A N   1 
ATOM   577  C CA  . GLU A 1 90  ? 2.532   14.514  -4.200  1.00 75.60  ? 325  GLU A CA  1 
ATOM   578  C C   . GLU A 1 90  ? 3.205   13.916  -2.971  1.00 74.11  ? 325  GLU A C   1 
ATOM   579  O O   . GLU A 1 90  ? 3.971   12.953  -3.080  1.00 74.81  ? 325  GLU A O   1 
ATOM   580  C CB  . GLU A 1 90  ? 3.249   15.792  -4.640  1.00 78.58  ? 325  GLU A CB  1 
ATOM   581  C CG  . GLU A 1 90  ? 3.196   15.986  -6.147  1.00 81.87  ? 325  GLU A CG  1 
ATOM   582  C CD  . GLU A 1 90  ? 3.839   14.810  -6.889  1.00 83.77  ? 325  GLU A CD  1 
ATOM   583  O OE1 . GLU A 1 90  ? 3.260   14.361  -7.903  1.00 84.65  ? 325  GLU A OE1 1 
ATOM   584  O OE2 . GLU A 1 90  ? 4.922   14.337  -6.458  1.00 84.14  ? 325  GLU A OE2 1 
ATOM   585  N N   . ALA A 1 91  ? 2.918   14.480  -1.805  1.00 71.87  ? 326  ALA A N   1 
ATOM   586  C CA  . ALA A 1 91  ? 3.487   13.979  -0.567  1.00 70.16  ? 326  ALA A CA  1 
ATOM   587  C C   . ALA A 1 91  ? 3.155   12.497  -0.477  1.00 69.99  ? 326  ALA A C   1 
ATOM   588  O O   . ALA A 1 91  ? 4.043   11.640  -0.494  1.00 70.02  ? 326  ALA A O   1 
ATOM   589  C CB  . ALA A 1 91  ? 2.889   14.717  0.608   1.00 69.58  ? 326  ALA A CB  1 
ATOM   590  N N   . ARG A 1 92  ? 1.861   12.213  -0.389  1.00 69.35  ? 327  ARG A N   1 
ATOM   591  C CA  . ARG A 1 92  ? 1.361   10.846  -0.302  1.00 68.75  ? 327  ARG A CA  1 
ATOM   592  C C   . ARG A 1 92  ? 2.122   10.038  -1.358  1.00 68.17  ? 327  ARG A C   1 
ATOM   593  O O   . ARG A 1 92  ? 2.746   9.024   -1.049  1.00 67.74  ? 327  ARG A O   1 
ATOM   594  C CB  . ARG A 1 92  ? -0.163  10.836  -0.573  1.00 69.89  ? 327  ARG A CB  1 
ATOM   595  C CG  . ARG A 1 92  ? -1.015  9.711   0.108   1.00 70.98  ? 327  ARG A CG  1 
ATOM   596  C CD  . ARG A 1 92  ? -1.363  9.964   1.607   1.00 71.05  ? 327  ARG A CD  1 
ATOM   597  N NE  . ARG A 1 92  ? -1.274  8.726   2.394   1.00 70.41  ? 327  ARG A NE  1 
ATOM   598  C CZ  . ARG A 1 92  ? -0.922  8.660   3.680   1.00 68.94  ? 327  ARG A CZ  1 
ATOM   599  N NH1 . ARG A 1 92  ? -0.631  9.768   4.365   1.00 67.75  ? 327  ARG A NH1 1 
ATOM   600  N NH2 . ARG A 1 92  ? -0.805  7.471   4.264   1.00 67.14  ? 327  ARG A NH2 1 
ATOM   601  N N   . ARG A 1 93  ? 2.096   10.516  -2.596  1.00 68.40  ? 328  ARG A N   1 
ATOM   602  C CA  . ARG A 1 93  ? 2.776   9.848   -3.699  1.00 68.81  ? 328  ARG A CA  1 
ATOM   603  C C   . ARG A 1 93  ? 4.220   9.497   -3.358  1.00 67.64  ? 328  ARG A C   1 
ATOM   604  O O   . ARG A 1 93  ? 4.585   8.323   -3.289  1.00 68.00  ? 328  ARG A O   1 
ATOM   605  C CB  . ARG A 1 93  ? 2.750   10.740  -4.939  1.00 72.05  ? 328  ARG A CB  1 
ATOM   606  C CG  . ARG A 1 93  ? 3.414   10.127  -6.153  1.00 77.12  ? 328  ARG A CG  1 
ATOM   607  C CD  . ARG A 1 93  ? 4.417   11.097  -6.769  1.00 83.11  ? 328  ARG A CD  1 
ATOM   608  N NE  . ARG A 1 93  ? 5.246   10.465  -7.798  1.00 88.39  ? 328  ARG A NE  1 
ATOM   609  C CZ  . ARG A 1 93  ? 4.822   10.126  -9.016  1.00 90.61  ? 328  ARG A CZ  1 
ATOM   610  N NH1 . ARG A 1 93  ? 5.661   9.549   -9.874  1.00 91.47  ? 328  ARG A NH1 1 
ATOM   611  N NH2 . ARG A 1 93  ? 3.567   10.377  -9.384  1.00 91.85  ? 328  ARG A NH2 1 
ATOM   612  N N   . ILE A 1 94  ? 5.040   10.519  -3.153  1.00 66.01  ? 329  ILE A N   1 
ATOM   613  C CA  . ILE A 1 94  ? 6.443   10.319  -2.823  1.00 65.17  ? 329  ILE A CA  1 
ATOM   614  C C   . ILE A 1 94  ? 6.647   9.201   -1.810  1.00 65.84  ? 329  ILE A C   1 
ATOM   615  O O   . ILE A 1 94  ? 7.336   8.218   -2.092  1.00 66.11  ? 329  ILE A O   1 
ATOM   616  C CB  . ILE A 1 94  ? 7.052   11.604  -2.262  1.00 64.22  ? 329  ILE A CB  1 
ATOM   617  C CG1 . ILE A 1 94  ? 7.043   12.676  -3.353  1.00 63.44  ? 329  ILE A CG1 1 
ATOM   618  C CG2 . ILE A 1 94  ? 8.460   11.334  -1.739  1.00 62.46  ? 329  ILE A CG2 1 
ATOM   619  C CD1 . ILE A 1 94  ? 7.394   14.064  -2.863  1.00 63.86  ? 329  ILE A CD1 1 
ATOM   620  N N   . ALA A 1 95  ? 6.041   9.357   -0.637  1.00 65.82  ? 330  ALA A N   1 
ATOM   621  C CA  . ALA A 1 95  ? 6.152   8.373   0.436   1.00 66.15  ? 330  ALA A CA  1 
ATOM   622  C C   . ALA A 1 95  ? 5.913   6.949   -0.044  1.00 67.33  ? 330  ALA A C   1 
ATOM   623  O O   . ALA A 1 95  ? 6.680   6.035   0.279   1.00 68.96  ? 330  ALA A O   1 
ATOM   624  C CB  . ALA A 1 95  ? 5.172   8.702   1.540   1.00 65.23  ? 330  ALA A CB  1 
ATOM   625  N N   . PHE A 1 96  ? 4.844   6.762   -0.810  1.00 67.42  ? 331  PHE A N   1 
ATOM   626  C CA  . PHE A 1 96  ? 4.495   5.448   -1.332  1.00 66.84  ? 331  PHE A CA  1 
ATOM   627  C C   . PHE A 1 96  ? 5.577   4.826   -2.203  1.00 66.94  ? 331  PHE A C   1 
ATOM   628  O O   . PHE A 1 96  ? 5.897   3.644   -2.044  1.00 67.29  ? 331  PHE A O   1 
ATOM   629  C CB  . PHE A 1 96  ? 3.196   5.538   -2.131  1.00 66.50  ? 331  PHE A CB  1 
ATOM   630  C CG  . PHE A 1 96  ? 1.958   5.328   -1.304  1.00 66.45  ? 331  PHE A CG  1 
ATOM   631  C CD1 . PHE A 1 96  ? 1.662   4.076   -0.773  1.00 67.57  ? 331  PHE A CD1 1 
ATOM   632  C CD2 . PHE A 1 96  ? 1.086   6.374   -1.051  1.00 66.13  ? 331  PHE A CD2 1 
ATOM   633  C CE1 . PHE A 1 96  ? 0.507   3.868   0.005   1.00 66.13  ? 331  PHE A CE1 1 
ATOM   634  C CE2 . PHE A 1 96  ? -0.064  6.175   -0.278  1.00 65.53  ? 331  PHE A CE2 1 
ATOM   635  C CZ  . PHE A 1 96  ? -0.350  4.919   0.249   1.00 64.64  ? 331  PHE A CZ  1 
ATOM   636  N N   . ASN A 1 97  ? 6.145   5.624   -3.105  1.00 66.25  ? 332  ASN A N   1 
ATOM   637  C CA  . ASN A 1 97  ? 7.155   5.136   -4.035  1.00 65.79  ? 332  ASN A CA  1 
ATOM   638  C C   . ASN A 1 97  ? 8.588   5.344   -3.610  1.00 64.83  ? 332  ASN A C   1 
ATOM   639  O O   . ASN A 1 97  ? 9.503   5.276   -4.430  1.00 64.64  ? 332  ASN A O   1 
ATOM   640  C CB  . ASN A 1 97  ? 6.935   5.784   -5.392  1.00 67.12  ? 332  ASN A CB  1 
ATOM   641  C CG  . ASN A 1 97  ? 5.474   5.826   -5.770  1.00 68.00  ? 332  ASN A CG  1 
ATOM   642  O OD1 . ASN A 1 97  ? 4.712   6.618   -5.219  1.00 69.17  ? 332  ASN A OD1 1 
ATOM   643  N ND2 . ASN A 1 97  ? 5.067   4.955   -6.692  1.00 67.78  ? 332  ASN A ND2 1 
ATOM   644  N N   . SER A 1 98  ? 8.790   5.588   -2.328  1.00 64.04  ? 333  SER A N   1 
ATOM   645  C CA  . SER A 1 98  ? 10.129  5.802   -1.826  1.00 63.69  ? 333  SER A CA  1 
ATOM   646  C C   . SER A 1 98  ? 11.066  4.741   -2.362  1.00 63.01  ? 333  SER A C   1 
ATOM   647  O O   . SER A 1 98  ? 10.724  3.565   -2.378  1.00 63.50  ? 333  SER A O   1 
ATOM   648  C CB  . SER A 1 98  ? 10.129  5.751   -0.306  1.00 64.72  ? 333  SER A CB  1 
ATOM   649  O OG  . SER A 1 98  ? 11.445  5.913   0.182   1.00 66.13  ? 333  SER A OG  1 
ATOM   650  N N   . LYS A 1 99  ? 12.243  5.161   -2.806  1.00 62.29  ? 334  LYS A N   1 
ATOM   651  C CA  . LYS A 1 99  ? 13.236  4.236   -3.327  1.00 61.90  ? 334  LYS A CA  1 
ATOM   652  C C   . LYS A 1 99  ? 13.440  3.131   -2.295  1.00 60.70  ? 334  LYS A C   1 
ATOM   653  O O   . LYS A 1 99  ? 13.612  1.959   -2.640  1.00 61.09  ? 334  LYS A O   1 
ATOM   654  C CB  . LYS A 1 99  ? 14.573  4.953   -3.547  1.00 64.74  ? 334  LYS A CB  1 
ATOM   655  C CG  . LYS A 1 99  ? 14.539  6.147   -4.506  1.00 69.26  ? 334  LYS A CG  1 
ATOM   656  C CD  . LYS A 1 99  ? 15.874  6.928   -4.489  1.00 72.16  ? 334  LYS A CD  1 
ATOM   657  C CE  . LYS A 1 99  ? 15.851  8.186   -5.388  1.00 74.40  ? 334  LYS A CE  1 
ATOM   658  N NZ  . LYS A 1 99  ? 15.771  7.921   -6.871  1.00 76.46  ? 334  LYS A NZ  1 
ATOM   659  N N   . ASN A 1 100 ? 13.404  3.514   -1.024  1.00 58.92  ? 335  ASN A N   1 
ATOM   660  C CA  . ASN A 1 100 ? 13.617  2.576   0.072   1.00 58.06  ? 335  ASN A CA  1 
ATOM   661  C C   . ASN A 1 100 ? 12.498  1.582   0.258   1.00 57.19  ? 335  ASN A C   1 
ATOM   662  O O   . ASN A 1 100 ? 12.739  0.429   0.633   1.00 57.55  ? 335  ASN A O   1 
ATOM   663  C CB  . ASN A 1 100 ? 13.829  3.341   1.369   1.00 59.13  ? 335  ASN A CB  1 
ATOM   664  C CG  . ASN A 1 100 ? 14.919  4.387   1.244   1.00 60.57  ? 335  ASN A CG  1 
ATOM   665  O OD1 . ASN A 1 100 ? 15.946  4.152   0.597   1.00 61.64  ? 335  ASN A OD1 1 
ATOM   666  N ND2 . ASN A 1 100 ? 14.710  5.545   1.867   1.00 60.27  ? 335  ASN A ND2 1 
ATOM   667  N N   . LYS A 1 101 ? 11.275  2.037   0.016   1.00 55.78  ? 336  LYS A N   1 
ATOM   668  C CA  . LYS A 1 101 ? 10.106  1.177   0.130   1.00 54.92  ? 336  LYS A CA  1 
ATOM   669  C C   . LYS A 1 101 ? 10.340  -0.046  -0.755  1.00 54.68  ? 336  LYS A C   1 
ATOM   670  O O   . LYS A 1 101 ? 9.986   -1.179  -0.408  1.00 54.05  ? 336  LYS A O   1 
ATOM   671  C CB  . LYS A 1 101 ? 8.856   1.934   -0.334  1.00 55.56  ? 336  LYS A CB  1 
ATOM   672  C CG  . LYS A 1 101 ? 8.263   2.889   0.695   1.00 55.13  ? 336  LYS A CG  1 
ATOM   673  C CD  . LYS A 1 101 ? 7.595   2.121   1.825   1.00 54.49  ? 336  LYS A CD  1 
ATOM   674  C CE  . LYS A 1 101 ? 6.948   3.065   2.816   1.00 56.38  ? 336  LYS A CE  1 
ATOM   675  N NZ  . LYS A 1 101 ? 5.929   3.943   2.172   1.00 57.57  ? 336  LYS A NZ  1 
ATOM   676  N N   . ILE A 1 102 ? 10.953  0.204   -1.905  1.00 53.56  ? 337  ILE A N   1 
ATOM   677  C CA  . ILE A 1 102 ? 11.257  -0.848  -2.849  1.00 53.14  ? 337  ILE A CA  1 
ATOM   678  C C   . ILE A 1 102 ? 12.422  -1.666  -2.334  1.00 53.89  ? 337  ILE A C   1 
ATOM   679  O O   . ILE A 1 102 ? 12.349  -2.891  -2.267  1.00 53.34  ? 337  ILE A O   1 
ATOM   680  C CB  . ILE A 1 102 ? 11.624  -0.260  -4.206  1.00 52.04  ? 337  ILE A CB  1 
ATOM   681  C CG1 . ILE A 1 102 ? 10.420  0.486   -4.773  1.00 52.23  ? 337  ILE A CG1 1 
ATOM   682  C CG2 . ILE A 1 102 ? 12.045  -1.361  -5.151  1.00 52.38  ? 337  ILE A CG2 1 
ATOM   683  C CD1 . ILE A 1 102 ? 9.188   -0.390  -4.936  1.00 52.11  ? 337  ILE A CD1 1 
ATOM   684  N N   . ARG A 1 103 ? 13.499  -0.984  -1.969  1.00 55.04  ? 338  ARG A N   1 
ATOM   685  C CA  . ARG A 1 103 ? 14.672  -1.669  -1.463  1.00 56.79  ? 338  ARG A CA  1 
ATOM   686  C C   . ARG A 1 103 ? 14.252  -2.602  -0.346  1.00 55.74  ? 338  ARG A C   1 
ATOM   687  O O   . ARG A 1 103 ? 14.697  -3.751  -0.267  1.00 54.66  ? 338  ARG A O   1 
ATOM   688  C CB  . ARG A 1 103 ? 15.683  -0.660  -0.947  1.00 60.01  ? 338  ARG A CB  1 
ATOM   689  C CG  . ARG A 1 103 ? 16.092  0.340   -1.991  1.00 66.08  ? 338  ARG A CG  1 
ATOM   690  C CD  . ARG A 1 103 ? 17.470  0.890   -1.680  1.00 72.59  ? 338  ARG A CD  1 
ATOM   691  N NE  . ARG A 1 103 ? 18.511  -0.144  -1.770  1.00 79.53  ? 338  ARG A NE  1 
ATOM   692  C CZ  . ARG A 1 103 ? 19.305  -0.344  -2.828  1.00 81.11  ? 338  ARG A CZ  1 
ATOM   693  N NH1 . ARG A 1 103 ? 20.214  -1.316  -2.797  1.00 79.96  ? 338  ARG A NH1 1 
ATOM   694  N NH2 . ARG A 1 103 ? 19.208  0.428   -3.910  1.00 81.32  ? 338  ARG A NH2 1 
ATOM   695  N N   . LYS A 1 104 ? 13.374  -2.104  0.510   1.00 54.38  ? 339  LYS A N   1 
ATOM   696  C CA  . LYS A 1 104 ? 12.891  -2.890  1.621   1.00 54.28  ? 339  LYS A CA  1 
ATOM   697  C C   . LYS A 1 104 ? 11.998  -4.034  1.149   1.00 53.24  ? 339  LYS A C   1 
ATOM   698  O O   . LYS A 1 104 ? 12.188  -5.185  1.538   1.00 53.24  ? 339  LYS A O   1 
ATOM   699  C CB  . LYS A 1 104 ? 12.130  -1.994  2.587   1.00 56.37  ? 339  LYS A CB  1 
ATOM   700  C CG  . LYS A 1 104 ? 11.556  -2.735  3.784   1.00 58.95  ? 339  LYS A CG  1 
ATOM   701  C CD  . LYS A 1 104 ? 12.647  -3.341  4.642   1.00 60.20  ? 339  LYS A CD  1 
ATOM   702  C CE  . LYS A 1 104 ? 13.529  -2.254  5.240   1.00 62.83  ? 339  LYS A CE  1 
ATOM   703  N NZ  . LYS A 1 104 ? 14.565  -2.789  6.181   1.00 65.33  ? 339  LYS A NZ  1 
ATOM   704  N N   . LEU A 1 105 ? 11.016  -3.715  0.316   1.00 52.19  ? 340  LEU A N   1 
ATOM   705  C CA  . LEU A 1 105 ? 10.114  -4.735  -0.204  1.00 51.04  ? 340  LEU A CA  1 
ATOM   706  C C   . LEU A 1 105 ? 10.968  -5.902  -0.712  1.00 51.55  ? 340  LEU A C   1 
ATOM   707  O O   . LEU A 1 105 ? 10.721  -7.068  -0.403  1.00 51.25  ? 340  LEU A O   1 
ATOM   708  C CB  . LEU A 1 105 ? 9.288   -4.155  -1.357  1.00 49.38  ? 340  LEU A CB  1 
ATOM   709  C CG  . LEU A 1 105 ? 7.916   -4.761  -1.692  1.00 48.27  ? 340  LEU A CG  1 
ATOM   710  C CD1 . LEU A 1 105 ? 7.594   -4.487  -3.153  1.00 46.47  ? 340  LEU A CD1 1 
ATOM   711  C CD2 . LEU A 1 105 ? 7.908   -6.253  -1.435  1.00 45.97  ? 340  LEU A CD2 1 
ATOM   712  N N   . ARG A 1 106 ? 11.983  -5.563  -1.495  1.00 52.62  ? 341  ARG A N   1 
ATOM   713  C CA  . ARG A 1 106 ? 12.902  -6.538  -2.056  1.00 54.17  ? 341  ARG A CA  1 
ATOM   714  C C   . ARG A 1 106 ? 13.294  -7.594  -1.037  1.00 55.09  ? 341  ARG A C   1 
ATOM   715  O O   . ARG A 1 106 ? 13.103  -8.784  -1.264  1.00 53.61  ? 341  ARG A O   1 
ATOM   716  C CB  . ARG A 1 106 ? 14.147  -5.815  -2.549  1.00 55.84  ? 341  ARG A CB  1 
ATOM   717  C CG  . ARG A 1 106 ? 15.306  -6.712  -2.912  1.00 58.45  ? 341  ARG A CG  1 
ATOM   718  C CD  . ARG A 1 106 ? 15.911  -6.270  -4.233  1.00 61.33  ? 341  ARG A CD  1 
ATOM   719  N NE  . ARG A 1 106 ? 16.037  -4.817  -4.311  1.00 64.96  ? 341  ARG A NE  1 
ATOM   720  C CZ  . ARG A 1 106 ? 15.694  -4.097  -5.380  1.00 67.64  ? 341  ARG A CZ  1 
ATOM   721  N NH1 . ARG A 1 106 ? 15.838  -2.773  -5.367  1.00 69.86  ? 341  ARG A NH1 1 
ATOM   722  N NH2 . ARG A 1 106 ? 15.202  -4.696  -6.461  1.00 66.72  ? 341  ARG A NH2 1 
ATOM   723  N N   . GLU A 1 107 ? 13.848  -7.144  0.083   1.00 57.36  ? 342  GLU A N   1 
ATOM   724  C CA  . GLU A 1 107 ? 14.278  -8.032  1.164   1.00 58.85  ? 342  GLU A CA  1 
ATOM   725  C C   . GLU A 1 107 ? 13.172  -8.975  1.561   1.00 57.88  ? 342  GLU A C   1 
ATOM   726  O O   . GLU A 1 107 ? 13.369  -10.182 1.714   1.00 57.43  ? 342  GLU A O   1 
ATOM   727  C CB  . GLU A 1 107 ? 14.627  -7.229  2.400   1.00 62.65  ? 342  GLU A CB  1 
ATOM   728  C CG  . GLU A 1 107 ? 15.642  -6.151  2.184   1.00 70.54  ? 342  GLU A CG  1 
ATOM   729  C CD  . GLU A 1 107 ? 15.747  -5.232  3.391   1.00 75.56  ? 342  GLU A CD  1 
ATOM   730  O OE1 . GLU A 1 107 ? 15.825  -5.749  4.534   1.00 76.85  ? 342  GLU A OE1 1 
ATOM   731  O OE2 . GLU A 1 107 ? 15.747  -3.993  3.194   1.00 79.70  ? 342  GLU A OE2 1 
ATOM   732  N N   . ILE A 1 108 ? 12.005  -8.390  1.774   1.00 56.17  ? 343  ILE A N   1 
ATOM   733  C CA  . ILE A 1 108 ? 10.864  -9.168  2.165   1.00 55.75  ? 343  ILE A CA  1 
ATOM   734  C C   . ILE A 1 108 ? 10.635  -10.249 1.135   1.00 55.72  ? 343  ILE A C   1 
ATOM   735  O O   . ILE A 1 108 ? 10.539  -11.425 1.475   1.00 55.97  ? 343  ILE A O   1 
ATOM   736  C CB  . ILE A 1 108 ? 9.621   -8.276  2.298   1.00 55.35  ? 343  ILE A CB  1 
ATOM   737  C CG1 . ILE A 1 108 ? 9.859   -7.270  3.430   1.00 53.59  ? 343  ILE A CG1 1 
ATOM   738  C CG2 . ILE A 1 108 ? 8.367   -9.132  2.536   1.00 54.18  ? 343  ILE A CG2 1 
ATOM   739  C CD1 . ILE A 1 108 ? 8.636   -6.499  3.851   1.00 53.45  ? 343  ILE A CD1 1 
ATOM   740  N N   . LEU A 1 109 ? 10.571  -9.855  -0.129  1.00 56.48  ? 344  LEU A N   1 
ATOM   741  C CA  . LEU A 1 109 ? 10.349  -10.823 -1.194  1.00 58.33  ? 344  LEU A CA  1 
ATOM   742  C C   . LEU A 1 109 ? 11.365  -11.945 -1.155  1.00 59.61  ? 344  LEU A C   1 
ATOM   743  O O   . LEU A 1 109 ? 11.044  -13.108 -1.435  1.00 59.86  ? 344  LEU A O   1 
ATOM   744  C CB  . LEU A 1 109 ? 10.415  -10.136 -2.548  1.00 57.86  ? 344  LEU A CB  1 
ATOM   745  C CG  . LEU A 1 109 ? 9.353   -9.056  -2.663  1.00 58.35  ? 344  LEU A CG  1 
ATOM   746  C CD1 . LEU A 1 109 ? 9.395   -8.439  -4.041  1.00 59.53  ? 344  LEU A CD1 1 
ATOM   747  C CD2 . LEU A 1 109 ? 7.992   -9.673  -2.400  1.00 58.48  ? 344  LEU A CD2 1 
ATOM   748  N N   . GLU A 1 110 ? 12.595  -11.589 -0.805  1.00 61.55  ? 345  GLU A N   1 
ATOM   749  C CA  . GLU A 1 110 ? 13.669  -12.561 -0.734  1.00 63.69  ? 345  GLU A CA  1 
ATOM   750  C C   . GLU A 1 110 ? 13.544  -13.403 0.513   1.00 63.96  ? 345  GLU A C   1 
ATOM   751  O O   . GLU A 1 110 ? 13.529  -14.630 0.439   1.00 63.47  ? 345  GLU A O   1 
ATOM   752  C CB  . GLU A 1 110 ? 15.013  -11.854 -0.748  1.00 65.53  ? 345  GLU A CB  1 
ATOM   753  C CG  . GLU A 1 110 ? 15.201  -10.993 -1.965  1.00 69.54  ? 345  GLU A CG  1 
ATOM   754  C CD  . GLU A 1 110 ? 16.569  -10.337 -2.005  1.00 73.12  ? 345  GLU A CD  1 
ATOM   755  O OE1 . GLU A 1 110 ? 16.928  -9.621  -1.034  1.00 74.51  ? 345  GLU A OE1 1 
ATOM   756  O OE2 . GLU A 1 110 ? 17.285  -10.535 -3.018  1.00 74.75  ? 345  GLU A OE2 1 
ATOM   757  N N   . ARG A 1 111 ? 13.463  -12.747 1.663   1.00 65.18  ? 346  ARG A N   1 
ATOM   758  C CA  . ARG A 1 111 ? 13.326  -13.496 2.887   1.00 66.97  ? 346  ARG A CA  1 
ATOM   759  C C   . ARG A 1 111 ? 12.215  -14.530 2.722   1.00 66.70  ? 346  ARG A C   1 
ATOM   760  O O   . ARG A 1 111 ? 12.358  -15.667 3.163   1.00 68.05  ? 346  ARG A O   1 
ATOM   761  C CB  . ARG A 1 111 ? 13.002  -12.579 4.056   1.00 69.33  ? 346  ARG A CB  1 
ATOM   762  C CG  . ARG A 1 111 ? 12.398  -13.327 5.231   1.00 73.75  ? 346  ARG A CG  1 
ATOM   763  C CD  . ARG A 1 111 ? 12.640  -12.596 6.528   1.00 79.60  ? 346  ARG A CD  1 
ATOM   764  N NE  . ARG A 1 111 ? 12.554  -11.149 6.336   1.00 85.67  ? 346  ARG A NE  1 
ATOM   765  C CZ  . ARG A 1 111 ? 12.630  -10.250 7.316   1.00 87.45  ? 346  ARG A CZ  1 
ATOM   766  N NH1 . ARG A 1 111 ? 12.543  -8.949  7.031   1.00 87.60  ? 346  ARG A NH1 1 
ATOM   767  N NH2 . ARG A 1 111 ? 12.785  -10.653 8.579   1.00 88.51  ? 346  ARG A NH2 1 
ATOM   768  N N   . HIS A 1 112 ? 11.129  -14.156 2.054   1.00 65.61  ? 347  HIS A N   1 
ATOM   769  C CA  . HIS A 1 112 ? 10.002  -15.068 1.883   1.00 64.91  ? 347  HIS A CA  1 
ATOM   770  C C   . HIS A 1 112 ? 9.829   -15.661 0.496   1.00 65.59  ? 347  HIS A C   1 
ATOM   771  O O   . HIS A 1 112 ? 8.706   -15.864 0.042   1.00 65.68  ? 347  HIS A O   1 
ATOM   772  C CB  . HIS A 1 112 ? 8.717   -14.354 2.274   1.00 64.23  ? 347  HIS A CB  1 
ATOM   773  C CG  . HIS A 1 112 ? 8.657   -13.969 3.718   1.00 63.94  ? 347  HIS A CG  1 
ATOM   774  N ND1 . HIS A 1 112 ? 8.304   -14.857 4.710   1.00 63.21  ? 347  HIS A ND1 1 
ATOM   775  C CD2 . HIS A 1 112 ? 8.907   -12.790 4.339   1.00 63.98  ? 347  HIS A CD2 1 
ATOM   776  C CE1 . HIS A 1 112 ? 8.335   -14.242 5.880   1.00 63.87  ? 347  HIS A CE1 1 
ATOM   777  N NE2 . HIS A 1 112 ? 8.699   -12.987 5.682   1.00 63.46  ? 347  HIS A NE2 1 
ATOM   778  N N   . ARG A 1 113 ? 10.931  -15.953 -0.176  1.00 66.97  ? 348  ARG A N   1 
ATOM   779  C CA  . ARG A 1 113 ? 10.864  -16.516 -1.518  1.00 68.51  ? 348  ARG A CA  1 
ATOM   780  C C   . ARG A 1 113 ? 10.244  -17.897 -1.525  1.00 67.25  ? 348  ARG A C   1 
ATOM   781  O O   . ARG A 1 113 ? 9.844   -18.408 -2.568  1.00 67.05  ? 348  ARG A O   1 
ATOM   782  C CB  . ARG A 1 113 ? 12.257  -16.636 -2.099  1.00 72.14  ? 348  ARG A CB  1 
ATOM   783  C CG  . ARG A 1 113 ? 13.167  -17.487 -1.234  1.00 77.66  ? 348  ARG A CG  1 
ATOM   784  C CD  . ARG A 1 113 ? 14.107  -18.250 -2.111  1.00 81.61  ? 348  ARG A CD  1 
ATOM   785  N NE  . ARG A 1 113 ? 14.490  -17.428 -3.250  1.00 86.37  ? 348  ARG A NE  1 
ATOM   786  C CZ  . ARG A 1 113 ? 14.982  -17.912 -4.385  1.00 89.02  ? 348  ARG A CZ  1 
ATOM   787  N NH1 . ARG A 1 113 ? 15.153  -19.221 -4.535  1.00 91.13  ? 348  ARG A NH1 1 
ATOM   788  N NH2 . ARG A 1 113 ? 15.290  -17.090 -5.378  1.00 91.82  ? 348  ARG A NH2 1 
ATOM   789  N N   . LYS A 1 114 ? 10.176  -18.513 -0.360  1.00 66.52  ? 349  LYS A N   1 
ATOM   790  C CA  . LYS A 1 114 ? 9.622   -19.849 -0.285  1.00 67.03  ? 349  LYS A CA  1 
ATOM   791  C C   . LYS A 1 114 ? 8.104   -19.890 -0.031  1.00 66.96  ? 349  LYS A C   1 
ATOM   792  O O   . LYS A 1 114 ? 7.504   -20.964 -0.108  1.00 66.86  ? 349  LYS A O   1 
ATOM   793  C CB  . LYS A 1 114 ? 10.374  -20.648 0.790   1.00 67.59  ? 349  LYS A CB  1 
ATOM   794  C CG  . LYS A 1 114 ? 10.275  -22.165 0.648   1.00 68.51  ? 349  LYS A CG  1 
ATOM   795  C CD  . LYS A 1 114 ? 11.284  -22.887 1.545   1.00 69.88  ? 349  LYS A CD  1 
ATOM   796  C CE  . LYS A 1 114 ? 12.729  -22.646 1.110   1.00 71.22  ? 349  LYS A CE  1 
ATOM   797  N NZ  . LYS A 1 114 ? 13.167  -21.212 1.197   1.00 72.92  ? 349  LYS A NZ  1 
ATOM   798  N N   . ASP A 1 115 ? 7.489   -18.734 0.247   1.00 67.36  ? 350  ASP A N   1 
ATOM   799  C CA  . ASP A 1 115 ? 6.038   -18.644 0.533   1.00 66.51  ? 350  ASP A CA  1 
ATOM   800  C C   . ASP A 1 115 ? 5.258   -17.918 -0.560  1.00 65.90  ? 350  ASP A C   1 
ATOM   801  O O   . ASP A 1 115 ? 5.848   -17.352 -1.487  1.00 66.34  ? 350  ASP A O   1 
ATOM   802  C CB  . ASP A 1 115 ? 5.778   -17.874 1.841   1.00 66.73  ? 350  ASP A CB  1 
ATOM   803  C CG  . ASP A 1 115 ? 6.816   -18.151 2.914   1.00 67.68  ? 350  ASP A CG  1 
ATOM   804  O OD1 . ASP A 1 115 ? 6.925   -19.317 3.353   1.00 68.63  ? 350  ASP A OD1 1 
ATOM   805  O OD2 . ASP A 1 115 ? 7.521   -17.195 3.321   1.00 67.86  ? 350  ASP A OD2 1 
ATOM   806  N N   . LYS A 1 116 ? 3.928   -17.932 -0.444  1.00 64.68  ? 351  LYS A N   1 
ATOM   807  C CA  . LYS A 1 116 ? 3.078   -17.221 -1.397  1.00 64.21  ? 351  LYS A CA  1 
ATOM   808  C C   . LYS A 1 116 ? 2.813   -15.858 -0.783  1.00 62.58  ? 351  LYS A C   1 
ATOM   809  O O   . LYS A 1 116 ? 2.337   -15.768 0.348   1.00 63.68  ? 351  LYS A O   1 
ATOM   810  C CB  . LYS A 1 116 ? 1.744   -17.935 -1.634  1.00 65.35  ? 351  LYS A CB  1 
ATOM   811  C CG  . LYS A 1 116 ? 1.809   -19.058 -2.667  1.00 67.48  ? 351  LYS A CG  1 
ATOM   812  C CD  . LYS A 1 116 ? 0.432   -19.365 -3.270  1.00 69.95  ? 351  LYS A CD  1 
ATOM   813  C CE  . LYS A 1 116 ? 0.422   -20.723 -3.985  1.00 71.86  ? 351  LYS A CE  1 
ATOM   814  N NZ  . LYS A 1 116 ? 1.501   -20.873 -5.010  1.00 72.55  ? 351  LYS A NZ  1 
ATOM   815  N N   . ILE A 1 117 ? 3.125   -14.802 -1.525  1.00 59.83  ? 352  ILE A N   1 
ATOM   816  C CA  . ILE A 1 117 ? 2.935   -13.455 -1.019  1.00 57.66  ? 352  ILE A CA  1 
ATOM   817  C C   . ILE A 1 117 ? 1.850   -12.672 -1.719  1.00 57.28  ? 352  ILE A C   1 
ATOM   818  O O   . ILE A 1 117 ? 1.607   -12.829 -2.913  1.00 57.49  ? 352  ILE A O   1 
ATOM   819  C CB  . ILE A 1 117 ? 4.227   -12.638 -1.119  1.00 56.82  ? 352  ILE A CB  1 
ATOM   820  C CG1 . ILE A 1 117 ? 5.336   -13.338 -0.338  1.00 56.89  ? 352  ILE A CG1 1 
ATOM   821  C CG2 . ILE A 1 117 ? 3.998   -11.232 -0.584  1.00 55.91  ? 352  ILE A CG2 1 
ATOM   822  C CD1 . ILE A 1 117 ? 6.693   -12.663 -0.465  1.00 57.03  ? 352  ILE A CD1 1 
ATOM   823  N N   . ILE A 1 118 ? 1.202   -11.814 -0.951  1.00 55.67  ? 353  ILE A N   1 
ATOM   824  C CA  . ILE A 1 118 ? 0.170   -10.978 -1.483  1.00 54.67  ? 353  ILE A CA  1 
ATOM   825  C C   . ILE A 1 118 ? 0.486   -9.583  -1.049  1.00 54.56  ? 353  ILE A C   1 
ATOM   826  O O   . ILE A 1 118 ? 0.464   -9.270  0.134   1.00 54.65  ? 353  ILE A O   1 
ATOM   827  C CB  . ILE A 1 118 ? -1.184  -11.361 -0.950  1.00 54.96  ? 353  ILE A CB  1 
ATOM   828  C CG1 . ILE A 1 118 ? -1.587  -12.720 -1.525  1.00 54.71  ? 353  ILE A CG1 1 
ATOM   829  C CG2 . ILE A 1 118 ? -2.188  -10.272 -1.291  1.00 54.94  ? 353  ILE A CG2 1 
ATOM   830  C CD1 . ILE A 1 118 ? -3.043  -13.065 -1.316  1.00 53.69  ? 353  ILE A CD1 1 
ATOM   831  N N   . ILE A 1 119 ? 0.797   -8.748  -2.023  1.00 55.34  ? 354  ILE A N   1 
ATOM   832  C CA  . ILE A 1 119 ? 1.134   -7.369  -1.748  1.00 56.20  ? 354  ILE A CA  1 
ATOM   833  C C   . ILE A 1 119 ? -0.072  -6.518  -2.047  1.00 58.16  ? 354  ILE A C   1 
ATOM   834  O O   . ILE A 1 119 ? -0.806  -6.773  -3.003  1.00 58.08  ? 354  ILE A O   1 
ATOM   835  C CB  . ILE A 1 119 ? 2.277   -6.899  -2.633  1.00 55.04  ? 354  ILE A CB  1 
ATOM   836  C CG1 . ILE A 1 119 ? 3.372   -7.961  -2.650  1.00 54.21  ? 354  ILE A CG1 1 
ATOM   837  C CG2 . ILE A 1 119 ? 2.819   -5.582  -2.119  1.00 53.84  ? 354  ILE A CG2 1 
ATOM   838  C CD1 . ILE A 1 119 ? 4.451   -7.694  -3.654  1.00 54.98  ? 354  ILE A CD1 1 
ATOM   839  N N   . PHE A 1 120 ? -0.276  -5.503  -1.222  1.00 60.10  ? 355  PHE A N   1 
ATOM   840  C CA  . PHE A 1 120 ? -1.398  -4.612  -1.410  1.00 61.50  ? 355  PHE A CA  1 
ATOM   841  C C   . PHE A 1 120 ? -0.953  -3.179  -1.258  1.00 62.68  ? 355  PHE A C   1 
ATOM   842  O O   . PHE A 1 120 ? 0.006   -2.885  -0.550  1.00 62.49  ? 355  PHE A O   1 
ATOM   843  C CB  . PHE A 1 120 ? -2.493  -4.897  -0.386  1.00 62.36  ? 355  PHE A CB  1 
ATOM   844  C CG  . PHE A 1 120 ? -3.699  -4.023  -0.552  1.00 63.34  ? 355  PHE A CG  1 
ATOM   845  C CD1 . PHE A 1 120 ? -4.785  -4.451  -1.307  1.00 63.85  ? 355  PHE A CD1 1 
ATOM   846  C CD2 . PHE A 1 120 ? -3.717  -2.732  -0.028  1.00 63.31  ? 355  PHE A CD2 1 
ATOM   847  C CE1 . PHE A 1 120 ? -5.863  -3.604  -1.539  1.00 62.95  ? 355  PHE A CE1 1 
ATOM   848  C CE2 . PHE A 1 120 ? -4.790  -1.877  -0.255  1.00 62.11  ? 355  PHE A CE2 1 
ATOM   849  C CZ  . PHE A 1 120 ? -5.860  -2.313  -1.012  1.00 62.65  ? 355  PHE A CZ  1 
ATOM   850  N N   . THR A 1 121 ? -1.673  -2.292  -1.928  1.00 65.41  ? 356  THR A N   1 
ATOM   851  C CA  . THR A 1 121 ? -1.401  -0.868  -1.878  1.00 69.36  ? 356  THR A CA  1 
ATOM   852  C C   . THR A 1 121 ? -2.602  -0.153  -2.468  1.00 72.51  ? 356  THR A C   1 
ATOM   853  O O   . THR A 1 121 ? -3.128  -0.568  -3.501  1.00 72.31  ? 356  THR A O   1 
ATOM   854  C CB  . THR A 1 121 ? -0.135  -0.502  -2.693  1.00 69.17  ? 356  THR A CB  1 
ATOM   855  O OG1 . THR A 1 121 ? -0.040  0.920   -2.813  1.00 68.95  ? 356  THR A OG1 1 
ATOM   856  C CG2 . THR A 1 121 ? -0.187  -1.114  -4.080  1.00 68.65  ? 356  THR A CG2 1 
ATOM   857  N N   . ARG A 1 122 ? -3.047  0.909   -1.805  1.00 76.67  ? 357  ARG A N   1 
ATOM   858  C CA  . ARG A 1 122 ? -4.190  1.679   -2.286  1.00 80.69  ? 357  ARG A CA  1 
ATOM   859  C C   . ARG A 1 122 ? -3.737  2.613   -3.428  1.00 81.65  ? 357  ARG A C   1 
ATOM   860  O O   . ARG A 1 122 ? -4.544  3.273   -4.088  1.00 81.60  ? 357  ARG A O   1 
ATOM   861  C CB  . ARG A 1 122 ? -4.792  2.489   -1.122  1.00 83.25  ? 357  ARG A CB  1 
ATOM   862  C CG  . ARG A 1 122 ? -6.121  3.190   -1.439  1.00 88.32  ? 357  ARG A CG  1 
ATOM   863  C CD  . ARG A 1 122 ? -6.638  4.049   -0.270  1.00 91.97  ? 357  ARG A CD  1 
ATOM   864  N NE  . ARG A 1 122 ? -7.864  4.786   -0.607  1.00 95.93  ? 357  ARG A NE  1 
ATOM   865  C CZ  . ARG A 1 122 ? -7.919  5.883   -1.369  1.00 98.06  ? 357  ARG A CZ  1 
ATOM   866  N NH1 . ARG A 1 122 ? -9.087  6.468   -1.613  1.00 99.43  ? 357  ARG A NH1 1 
ATOM   867  N NH2 . ARG A 1 122 ? -6.813  6.413   -1.881  1.00 98.79  ? 357  ARG A NH2 1 
ATOM   868  N N   . HIS A 1 123 ? -2.431  2.638   -3.667  1.00 82.97  ? 358  HIS A N   1 
ATOM   869  C CA  . HIS A 1 123 ? -1.837  3.487   -4.697  1.00 83.30  ? 358  HIS A CA  1 
ATOM   870  C C   . HIS A 1 123 ? -1.642  2.723   -6.008  1.00 81.65  ? 358  HIS A C   1 
ATOM   871  O O   . HIS A 1 123 ? -0.749  1.876   -6.124  1.00 81.08  ? 358  HIS A O   1 
ATOM   872  C CB  . HIS A 1 123 ? -0.496  4.009   -4.182  1.00 86.85  ? 358  HIS A CB  1 
ATOM   873  C CG  . HIS A 1 123 ? 0.058   5.156   -4.965  1.00 90.81  ? 358  HIS A CG  1 
ATOM   874  N ND1 . HIS A 1 123 ? 0.365   5.067   -6.308  1.00 92.63  ? 358  HIS A ND1 1 
ATOM   875  C CD2 . HIS A 1 123 ? 0.399   6.409   -4.582  1.00 92.50  ? 358  HIS A CD2 1 
ATOM   876  C CE1 . HIS A 1 123 ? 0.874   6.218   -6.715  1.00 92.98  ? 358  HIS A CE1 1 
ATOM   877  N NE2 . HIS A 1 123 ? 0.906   7.048   -5.687  1.00 93.61  ? 358  HIS A NE2 1 
ATOM   878  N N   . ASN A 1 124 ? -2.467  3.040   -7.000  1.00 79.92  ? 359  ASN A N   1 
ATOM   879  C CA  . ASN A 1 124 ? -2.397  2.360   -8.286  1.00 78.49  ? 359  ASN A CA  1 
ATOM   880  C C   . ASN A 1 124 ? -1.014  2.350   -8.922  1.00 76.49  ? 359  ASN A C   1 
ATOM   881  O O   . ASN A 1 124 ? -0.499  1.300   -9.308  1.00 75.23  ? 359  ASN A O   1 
ATOM   882  C CB  . ASN A 1 124 ? -3.391  2.975   -9.266  1.00 79.30  ? 359  ASN A CB  1 
ATOM   883  C CG  . ASN A 1 124 ? -4.186  1.923   -10.004 1.00 80.87  ? 359  ASN A CG  1 
ATOM   884  O OD1 . ASN A 1 124 ? -4.616  2.133   -11.139 1.00 82.50  ? 359  ASN A OD1 1 
ATOM   885  N ND2 . ASN A 1 124 ? -4.394  0.779   -9.356  1.00 80.29  ? 359  ASN A ND2 1 
ATOM   886  N N   . GLU A 1 125 ? -0.420  3.526   -9.038  1.00 74.73  ? 360  GLU A N   1 
ATOM   887  C CA  . GLU A 1 125 ? 0.899   3.643   -9.633  1.00 74.21  ? 360  GLU A CA  1 
ATOM   888  C C   . GLU A 1 125 ? 1.876   2.646   -9.031  1.00 73.03  ? 360  GLU A C   1 
ATOM   889  O O   . GLU A 1 125 ? 2.474   1.832   -9.740  1.00 73.25  ? 360  GLU A O   1 
ATOM   890  C CB  . GLU A 1 125 ? 1.430   5.057   -9.440  1.00 74.64  ? 360  GLU A CB  1 
ATOM   891  C CG  . GLU A 1 125 ? 2.898   5.220   -9.753  1.00 77.56  ? 360  GLU A CG  1 
ATOM   892  C CD  . GLU A 1 125 ? 3.368   6.649   -9.554  1.00 79.14  ? 360  GLU A CD  1 
ATOM   893  O OE1 . GLU A 1 125 ? 2.783   7.554   -10.187 1.00 80.69  ? 360  GLU A OE1 1 
ATOM   894  O OE2 . GLU A 1 125 ? 4.317   6.869   -8.767  1.00 79.43  ? 360  GLU A OE2 1 
ATOM   895  N N   . LEU A 1 126 ? 2.038   2.714   -7.717  1.00 71.12  ? 361  LEU A N   1 
ATOM   896  C CA  . LEU A 1 126 ? 2.952   1.820   -7.034  1.00 68.56  ? 361  LEU A CA  1 
ATOM   897  C C   . LEU A 1 126 ? 2.760   0.404   -7.544  1.00 67.81  ? 361  LEU A C   1 
ATOM   898  O O   . LEU A 1 126 ? 3.732   -0.287  -7.852  1.00 67.79  ? 361  LEU A O   1 
ATOM   899  C CB  . LEU A 1 126 ? 2.706   1.847   -5.527  1.00 67.23  ? 361  LEU A CB  1 
ATOM   900  C CG  . LEU A 1 126 ? 3.956   1.709   -4.655  1.00 66.23  ? 361  LEU A CG  1 
ATOM   901  C CD1 . LEU A 1 126 ? 3.556   1.281   -3.251  1.00 64.69  ? 361  LEU A CD1 1 
ATOM   902  C CD2 . LEU A 1 126 ? 4.902   0.688   -5.264  1.00 66.67  ? 361  LEU A CD2 1 
ATOM   903  N N   . VAL A 1 127 ? 1.502   -0.020  -7.640  1.00 67.09  ? 362  VAL A N   1 
ATOM   904  C CA  . VAL A 1 127 ? 1.197   -1.370  -8.100  1.00 66.50  ? 362  VAL A CA  1 
ATOM   905  C C   . VAL A 1 127 ? 1.998   -1.698  -9.339  1.00 66.99  ? 362  VAL A C   1 
ATOM   906  O O   . VAL A 1 127 ? 2.644   -2.739  -9.419  1.00 67.10  ? 362  VAL A O   1 
ATOM   907  C CB  . VAL A 1 127 ? -0.300  -1.550  -8.427  1.00 65.95  ? 362  VAL A CB  1 
ATOM   908  C CG1 . VAL A 1 127 ? -0.572  -2.992  -8.827  1.00 65.13  ? 362  VAL A CG1 1 
ATOM   909  C CG2 . VAL A 1 127 ? -1.146  -1.193  -7.218  1.00 66.33  ? 362  VAL A CG2 1 
ATOM   910  N N   . TYR A 1 128 ? 1.968   -0.795  -10.305 1.00 67.99  ? 363  TYR A N   1 
ATOM   911  C CA  . TYR A 1 128 ? 2.705   -1.013  -11.534 1.00 68.90  ? 363  TYR A CA  1 
ATOM   912  C C   . TYR A 1 128 ? 4.201   -0.944  -11.294 1.00 68.48  ? 363  TYR A C   1 
ATOM   913  O O   . TYR A 1 128 ? 4.946   -1.811  -11.754 1.00 68.11  ? 363  TYR A O   1 
ATOM   914  C CB  . TYR A 1 128 ? 2.278   0.014   -12.568 1.00 71.48  ? 363  TYR A CB  1 
ATOM   915  C CG  . TYR A 1 128 ? 0.800   -0.048  -12.842 1.00 75.00  ? 363  TYR A CG  1 
ATOM   916  C CD1 . TYR A 1 128 ? 0.193   -1.254  -13.193 1.00 76.36  ? 363  TYR A CD1 1 
ATOM   917  C CD2 . TYR A 1 128 ? 0.003   1.093   -12.748 1.00 77.12  ? 363  TYR A CD2 1 
ATOM   918  C CE1 . TYR A 1 128 ? -1.173  -1.329  -13.445 1.00 79.11  ? 363  TYR A CE1 1 
ATOM   919  C CE2 . TYR A 1 128 ? -1.368  1.037   -12.999 1.00 80.08  ? 363  TYR A CE2 1 
ATOM   920  C CZ  . TYR A 1 128 ? -1.950  -0.181  -13.349 1.00 80.65  ? 363  TYR A CZ  1 
ATOM   921  O OH  . TYR A 1 128 ? -3.305  -0.252  -13.610 1.00 82.81  ? 363  TYR A OH  1 
ATOM   922  N N   . ARG A 1 129 ? 4.643   0.082   -10.572 1.00 67.80  ? 364  ARG A N   1 
ATOM   923  C CA  . ARG A 1 129 ? 6.061   0.213   -10.270 1.00 68.10  ? 364  ARG A CA  1 
ATOM   924  C C   . ARG A 1 129 ? 6.566   -1.137  -9.778  1.00 66.82  ? 364  ARG A C   1 
ATOM   925  O O   . ARG A 1 129 ? 7.577   -1.651  -10.261 1.00 66.39  ? 364  ARG A O   1 
ATOM   926  C CB  . ARG A 1 129 ? 6.292   1.255   -9.180  1.00 70.46  ? 364  ARG A CB  1 
ATOM   927  C CG  . ARG A 1 129 ? 7.741   1.339   -8.730  1.00 74.13  ? 364  ARG A CG  1 
ATOM   928  C CD  . ARG A 1 129 ? 7.873   2.203   -7.489  1.00 78.27  ? 364  ARG A CD  1 
ATOM   929  N NE  . ARG A 1 129 ? 7.283   3.520   -7.695  1.00 82.56  ? 364  ARG A NE  1 
ATOM   930  C CZ  . ARG A 1 129 ? 7.680   4.366   -8.639  1.00 85.15  ? 364  ARG A CZ  1 
ATOM   931  N NH1 . ARG A 1 129 ? 8.670   4.017   -9.451  1.00 87.48  ? 364  ARG A NH1 1 
ATOM   932  N NH2 . ARG A 1 129 ? 7.095   5.553   -8.781  1.00 86.17  ? 364  ARG A NH2 1 
ATOM   933  N N   . ILE A 1 130 ? 5.842   -1.713  -8.822  1.00 64.83  ? 365  ILE A N   1 
ATOM   934  C CA  . ILE A 1 130 ? 6.209   -3.001  -8.260  1.00 62.77  ? 365  ILE A CA  1 
ATOM   935  C C   . ILE A 1 130 ? 6.228   -4.123  -9.290  1.00 62.54  ? 365  ILE A C   1 
ATOM   936  O O   . ILE A 1 130 ? 7.273   -4.712  -9.549  1.00 62.50  ? 365  ILE A O   1 
ATOM   937  C CB  . ILE A 1 130 ? 5.256   -3.409  -7.123  1.00 61.84  ? 365  ILE A CB  1 
ATOM   938  C CG1 . ILE A 1 130 ? 5.489   -2.508  -5.909  1.00 60.76  ? 365  ILE A CG1 1 
ATOM   939  C CG2 . ILE A 1 130 ? 5.471   -4.883  -6.762  1.00 60.96  ? 365  ILE A CG2 1 
ATOM   940  C CD1 . ILE A 1 130 ? 4.657   -2.892  -4.694  1.00 60.65  ? 365  ILE A CD1 1 
ATOM   941  N N   . SER A 1 131 ? 5.071   -4.415  -9.869  1.00 61.48  ? 366  SER A N   1 
ATOM   942  C CA  . SER A 1 131 ? 4.948   -5.485  -10.857 1.00 61.48  ? 366  SER A CA  1 
ATOM   943  C C   . SER A 1 131 ? 5.995   -5.429  -11.962 1.00 61.17  ? 366  SER A C   1 
ATOM   944  O O   . SER A 1 131 ? 6.287   -6.444  -12.604 1.00 61.32  ? 366  SER A O   1 
ATOM   945  C CB  . SER A 1 131 ? 3.576   -5.439  -11.507 1.00 61.46  ? 366  SER A CB  1 
ATOM   946  O OG  . SER A 1 131 ? 3.445   -4.244  -12.249 1.00 63.67  ? 366  SER A OG  1 
ATOM   947  N N   . LYS A 1 132 ? 6.552   -4.246  -12.194 1.00 60.95  ? 367  LYS A N   1 
ATOM   948  C CA  . LYS A 1 132 ? 7.540   -4.101  -13.246 1.00 60.62  ? 367  LYS A CA  1 
ATOM   949  C C   . LYS A 1 132 ? 8.952   -4.199  -12.711 1.00 59.77  ? 367  LYS A C   1 
ATOM   950  O O   . LYS A 1 132 ? 9.844   -4.650  -13.414 1.00 60.38  ? 367  LYS A O   1 
ATOM   951  C CB  . LYS A 1 132 ? 7.354   -2.773  -13.961 1.00 61.88  ? 367  LYS A CB  1 
ATOM   952  C CG  . LYS A 1 132 ? 8.008   -1.627  -13.251 1.00 64.44  ? 367  LYS A CG  1 
ATOM   953  C CD  . LYS A 1 132 ? 9.317   -1.279  -13.918 1.00 66.99  ? 367  LYS A CD  1 
ATOM   954  C CE  . LYS A 1 132 ? 9.061   -0.762  -15.324 1.00 69.16  ? 367  LYS A CE  1 
ATOM   955  N NZ  . LYS A 1 132 ? 10.241  -0.037  -15.883 1.00 72.82  ? 367  LYS A NZ  1 
ATOM   956  N N   . VAL A 1 133 ? 9.167   -3.761  -11.476 1.00 58.84  ? 368  VAL A N   1 
ATOM   957  C CA  . VAL A 1 133 ? 10.500  -3.843  -10.893 1.00 58.39  ? 368  VAL A CA  1 
ATOM   958  C C   . VAL A 1 133 ? 10.767  -5.296  -10.521 1.00 57.99  ? 368  VAL A C   1 
ATOM   959  O O   . VAL A 1 133 ? 11.829  -5.836  -10.819 1.00 58.52  ? 368  VAL A O   1 
ATOM   960  C CB  . VAL A 1 133 ? 10.628  -2.958  -9.655  1.00 57.72  ? 368  VAL A CB  1 
ATOM   961  C CG1 . VAL A 1 133 ? 11.981  -3.166  -9.014  1.00 57.18  ? 368  VAL A CG1 1 
ATOM   962  C CG2 . VAL A 1 133 ? 10.455  -1.500  -10.049 1.00 58.25  ? 368  VAL A CG2 1 
ATOM   963  N N   . PHE A 1 134 ? 9.798   -5.915  -9.851  1.00 57.83  ? 369  PHE A N   1 
ATOM   964  C CA  . PHE A 1 134 ? 9.870   -7.328  -9.478  1.00 58.04  ? 369  PHE A CA  1 
ATOM   965  C C   . PHE A 1 134 ? 8.794   -7.881  -10.396 1.00 59.66  ? 369  PHE A C   1 
ATOM   966  O O   . PHE A 1 134 ? 7.663   -7.401  -10.364 1.00 62.97  ? 369  PHE A O   1 
ATOM   967  C CB  . PHE A 1 134 ? 9.454   -7.547  -8.022  1.00 55.14  ? 369  PHE A CB  1 
ATOM   968  C CG  . PHE A 1 134 ? 10.082  -6.579  -7.054  1.00 54.24  ? 369  PHE A CG  1 
ATOM   969  C CD1 . PHE A 1 134 ? 9.507   -5.331  -6.822  1.00 54.03  ? 369  PHE A CD1 1 
ATOM   970  C CD2 . PHE A 1 134 ? 11.245  -6.916  -6.369  1.00 52.89  ? 369  PHE A CD2 1 
ATOM   971  C CE1 . PHE A 1 134 ? 10.079  -4.428  -5.915  1.00 52.02  ? 369  PHE A CE1 1 
ATOM   972  C CE2 . PHE A 1 134 ? 11.824  -6.021  -5.461  1.00 52.31  ? 369  PHE A CE2 1 
ATOM   973  C CZ  . PHE A 1 134 ? 11.235  -4.774  -5.236  1.00 52.13  ? 369  PHE A CZ  1 
ATOM   974  N N   . LEU A 1 135 ? 9.123   -8.864  -11.218 1.00 59.46  ? 370  LEU A N   1 
ATOM   975  C CA  . LEU A 1 135 ? 8.147   -9.403  -12.166 1.00 59.56  ? 370  LEU A CA  1 
ATOM   976  C C   . LEU A 1 135 ? 6.904   -10.022 -11.537 1.00 60.17  ? 370  LEU A C   1 
ATOM   977  O O   . LEU A 1 135 ? 6.637   -11.211 -11.725 1.00 61.10  ? 370  LEU A O   1 
ATOM   978  C CB  . LEU A 1 135 ? 8.829   -10.429 -13.074 1.00 59.81  ? 370  LEU A CB  1 
ATOM   979  C CG  . LEU A 1 135 ? 9.868   -9.900  -14.075 1.00 59.71  ? 370  LEU A CG  1 
ATOM   980  C CD1 . LEU A 1 135 ? 9.905   -8.372  -14.041 1.00 59.53  ? 370  LEU A CD1 1 
ATOM   981  C CD2 . LEU A 1 135 ? 11.242  -10.482 -13.753 1.00 60.37  ? 370  LEU A CD2 1 
ATOM   982  N N   . ILE A 1 136 ? 6.129   -9.207  -10.825 1.00 59.87  ? 371  ILE A N   1 
ATOM   983  C CA  . ILE A 1 136 ? 4.928   -9.675  -10.136 1.00 58.92  ? 371  ILE A CA  1 
ATOM   984  C C   . ILE A 1 136 ? 3.629   -9.328  -10.851 1.00 58.89  ? 371  ILE A C   1 
ATOM   985  O O   . ILE A 1 136 ? 3.388   -8.168  -11.178 1.00 60.30  ? 371  ILE A O   1 
ATOM   986  C CB  . ILE A 1 136 ? 4.856   -9.085  -8.710  1.00 58.16  ? 371  ILE A CB  1 
ATOM   987  C CG1 . ILE A 1 136 ? 6.011   -9.624  -7.869  1.00 57.70  ? 371  ILE A CG1 1 
ATOM   988  C CG2 . ILE A 1 136 ? 3.523   -9.423  -8.068  1.00 58.81  ? 371  ILE A CG2 1 
ATOM   989  C CD1 . ILE A 1 136 ? 6.111   -9.004  -6.501  1.00 57.71  ? 371  ILE A CD1 1 
ATOM   990  N N   . PRO A 1 137 ? 2.773   -10.334 -11.101 1.00 58.08  ? 372  PRO A N   1 
ATOM   991  C CA  . PRO A 1 137 ? 1.492   -10.099 -11.775 1.00 57.16  ? 372  PRO A CA  1 
ATOM   992  C C   . PRO A 1 137 ? 0.701   -9.092  -10.940 1.00 57.51  ? 372  PRO A C   1 
ATOM   993  O O   . PRO A 1 137 ? 0.739   -9.141  -9.705  1.00 57.60  ? 372  PRO A O   1 
ATOM   994  C CB  . PRO A 1 137 ? 0.844   -11.477 -11.767 1.00 56.39  ? 372  PRO A CB  1 
ATOM   995  C CG  . PRO A 1 137 ? 2.023   -12.416 -11.764 1.00 56.61  ? 372  PRO A CG  1 
ATOM   996  C CD  . PRO A 1 137 ? 2.954   -11.763 -10.789 1.00 57.27  ? 372  PRO A CD  1 
ATOM   997  N N   . ALA A 1 138 ? -0.012  -8.185  -11.602 1.00 58.23  ? 373  ALA A N   1 
ATOM   998  C CA  . ALA A 1 138 ? -0.778  -7.161  -10.896 1.00 60.10  ? 373  ALA A CA  1 
ATOM   999  C C   . ALA A 1 138 ? -2.292  -7.229  -11.113 1.00 62.18  ? 373  ALA A C   1 
ATOM   1000 O O   . ALA A 1 138 ? -2.772  -7.796  -12.091 1.00 62.79  ? 373  ALA A O   1 
ATOM   1001 C CB  . ALA A 1 138 ? -0.262  -5.779  -11.292 1.00 57.60  ? 373  ALA A CB  1 
ATOM   1002 N N   . ILE A 1 139 ? -3.037  -6.652  -10.181 1.00 64.75  ? 374  ILE A N   1 
ATOM   1003 C CA  . ILE A 1 139 ? -4.483  -6.606  -10.272 1.00 67.32  ? 374  ILE A CA  1 
ATOM   1004 C C   . ILE A 1 139 ? -4.887  -5.232  -9.820  1.00 72.14  ? 374  ILE A C   1 
ATOM   1005 O O   . ILE A 1 139 ? -4.738  -4.889  -8.651  1.00 73.23  ? 374  ILE A O   1 
ATOM   1006 C CB  . ILE A 1 139 ? -5.144  -7.611  -9.357  1.00 64.52  ? 374  ILE A CB  1 
ATOM   1007 C CG1 . ILE A 1 139 ? -4.902  -9.012  -9.885  1.00 63.36  ? 374  ILE A CG1 1 
ATOM   1008 C CG2 . ILE A 1 139 ? -6.619  -7.338  -9.280  1.00 63.45  ? 374  ILE A CG2 1 
ATOM   1009 C CD1 . ILE A 1 139 ? -5.644  -10.072 -9.119  1.00 63.19  ? 374  ILE A CD1 1 
ATOM   1010 N N   . THR A 1 140 ? -5.394  -4.439  -10.751 1.00 77.31  ? 375  THR A N   1 
ATOM   1011 C CA  . THR A 1 140 ? -5.814  -3.082  -10.447 1.00 82.16  ? 375  THR A CA  1 
ATOM   1012 C C   . THR A 1 140 ? -7.275  -2.912  -10.840 1.00 86.28  ? 375  THR A C   1 
ATOM   1013 O O   . THR A 1 140 ? -7.969  -3.890  -11.135 1.00 86.88  ? 375  THR A O   1 
ATOM   1014 C CB  . THR A 1 140 ? -4.958  -2.071  -11.230 1.00 81.92  ? 375  THR A CB  1 
ATOM   1015 O OG1 . THR A 1 140 ? -5.425  -0.741  -10.975 1.00 82.21  ? 375  THR A OG1 1 
ATOM   1016 C CG2 . THR A 1 140 ? -5.037  -2.367  -12.728 1.00 82.28  ? 375  THR A CG2 1 
ATOM   1017 N N   . HIS A 1 141 ? -7.746  -1.671  -10.827 1.00 91.97  ? 376  HIS A N   1 
ATOM   1018 C CA  . HIS A 1 141 ? -9.117  -1.395  -11.219 1.00 97.20  ? 376  HIS A CA  1 
ATOM   1019 C C   . HIS A 1 141 ? -9.152  -1.118  -12.698 1.00 98.85  ? 376  HIS A C   1 
ATOM   1020 O O   . HIS A 1 141 ? -9.621  -0.078  -13.162 1.00 99.71  ? 376  HIS A O   1 
ATOM   1021 C CB  . HIS A 1 141 ? -9.677  -0.224  -10.436 1.00 100.24 ? 376  HIS A CB  1 
ATOM   1022 C CG  . HIS A 1 141 ? -10.235 -0.626  -9.113  1.00 104.22 ? 376  HIS A CG  1 
ATOM   1023 N ND1 . HIS A 1 141 ? -9.515  -1.370  -8.200  1.00 105.39 ? 376  HIS A ND1 1 
ATOM   1024 C CD2 . HIS A 1 141 ? -11.450 -0.416  -8.555  1.00 105.51 ? 376  HIS A CD2 1 
ATOM   1025 C CE1 . HIS A 1 141 ? -10.266 -1.598  -7.137  1.00 106.52 ? 376  HIS A CE1 1 
ATOM   1026 N NE2 . HIS A 1 141 ? -11.443 -1.032  -7.326  1.00 107.23 ? 376  HIS A NE2 1 
ATOM   1027 N N   . ARG A 1 142 ? -8.603  -2.085  -13.416 1.00 100.08 ? 377  ARG A N   1 
ATOM   1028 C CA  . ARG A 1 142 ? -8.523  -2.097  -14.858 1.00 100.86 ? 377  ARG A CA  1 
ATOM   1029 C C   . ARG A 1 142 ? -8.387  -3.584  -15.070 1.00 101.24 ? 377  ARG A C   1 
ATOM   1030 O O   . ARG A 1 142 ? -9.362  -4.338  -14.974 1.00 100.15 ? 377  ARG A O   1 
ATOM   1031 C CB  . ARG A 1 142 ? -7.241  -1.432  -15.382 1.00 101.40 ? 377  ARG A CB  1 
ATOM   1032 C CG  . ARG A 1 142 ? -6.923  -0.043  -14.863 1.00 102.24 ? 377  ARG A CG  1 
ATOM   1033 C CD  . ARG A 1 142 ? -5.635  0.468   -15.516 1.00 102.35 ? 377  ARG A CD  1 
ATOM   1034 N NE  . ARG A 1 142 ? -5.018  1.565   -14.769 1.00 102.96 ? 377  ARG A NE  1 
ATOM   1035 C CZ  . ARG A 1 142 ? -5.474  2.815   -14.732 1.00 103.41 ? 377  ARG A CZ  1 
ATOM   1036 N NH1 . ARG A 1 142 ? -6.566  3.157   -15.409 1.00 103.39 ? 377  ARG A NH1 1 
ATOM   1037 N NH2 . ARG A 1 142 ? -4.839  3.724   -14.004 1.00 102.83 ? 377  ARG A NH2 1 
ATOM   1038 N N   . THR A 1 143 ? -7.135  -3.983  -15.284 1.00 102.19 ? 378  THR A N   1 
ATOM   1039 C CA  . THR A 1 143 ? -6.768  -5.366  -15.530 1.00 102.75 ? 378  THR A CA  1 
ATOM   1040 C C   . THR A 1 143 ? -7.829  -6.033  -16.398 1.00 103.83 ? 378  THR A C   1 
ATOM   1041 O O   . THR A 1 143 ? -7.740  -5.997  -17.630 1.00 104.25 ? 378  THR A O   1 
ATOM   1042 C CB  . THR A 1 143 ? -6.585  -6.147  -14.210 1.00 100.90 ? 378  THR A CB  1 
ATOM   1043 O OG1 . THR A 1 143 ? -7.759  -6.016  -13.400 1.00 99.86  ? 378  THR A OG1 1 
ATOM   1044 C CG2 . THR A 1 143 ? -5.376  -5.619  -13.461 1.00 99.37  ? 378  THR A CG2 1 
ATOM   1045 N N   . SER A 1 144 ? -8.839  -6.616  -15.763 1.00 103.83 ? 379  SER A N   1 
ATOM   1046 C CA  . SER A 1 144 ? -9.903  -7.288  -16.496 1.00 103.79 ? 379  SER A CA  1 
ATOM   1047 C C   . SER A 1 144 ? -10.729 -8.079  -15.499 1.00 103.62 ? 379  SER A C   1 
ATOM   1048 O O   . SER A 1 144 ? -10.768 -7.738  -14.314 1.00 103.80 ? 379  SER A O   1 
ATOM   1049 C CB  . SER A 1 144 ? -9.301  -8.233  -17.541 1.00 103.62 ? 379  SER A CB  1 
ATOM   1050 O OG  . SER A 1 144 ? -10.300 -8.887  -18.294 1.00 103.05 ? 379  SER A OG  1 
ATOM   1051 N N   . ARG A 1 145 ? -11.395 -9.122  -15.989 1.00 103.00 ? 380  ARG A N   1 
ATOM   1052 C CA  . ARG A 1 145 ? -12.205 -9.996  -15.146 1.00 102.21 ? 380  ARG A CA  1 
ATOM   1053 C C   . ARG A 1 145 ? -11.613 -11.394 -15.246 1.00 101.10 ? 380  ARG A C   1 
ATOM   1054 O O   . ARG A 1 145 ? -11.459 -12.082 -14.240 1.00 101.10 ? 380  ARG A O   1 
ATOM   1055 C CB  . ARG A 1 145 ? -13.671 -10.017 -15.599 1.00 102.86 ? 380  ARG A CB  1 
ATOM   1056 C CG  . ARG A 1 145 ? -14.400 -8.675  -15.501 1.00 103.88 ? 380  ARG A CG  1 
ATOM   1057 C CD  . ARG A 1 145 ? -14.310 -8.059  -14.103 1.00 104.52 ? 380  ARG A CD  1 
ATOM   1058 N NE  . ARG A 1 145 ? -14.908 -8.888  -13.058 1.00 104.27 ? 380  ARG A NE  1 
ATOM   1059 C CZ  . ARG A 1 145 ? -16.195 -9.214  -12.996 1.00 103.76 ? 380  ARG A CZ  1 
ATOM   1060 N NH1 . ARG A 1 145 ? -17.042 -8.788  -13.927 1.00 103.08 ? 380  ARG A NH1 1 
ATOM   1061 N NH2 . ARG A 1 145 ? -16.638 -9.957  -11.991 1.00 103.17 ? 380  ARG A NH2 1 
ATOM   1062 N N   . GLU A 1 146 ? -11.280 -11.812 -16.464 1.00 100.18 ? 381  GLU A N   1 
ATOM   1063 C CA  . GLU A 1 146 ? -10.685 -13.126 -16.648 1.00 99.63  ? 381  GLU A CA  1 
ATOM   1064 C C   . GLU A 1 146 ? -9.209  -12.962 -16.364 1.00 98.10  ? 381  GLU A C   1 
ATOM   1065 O O   . GLU A 1 146 ? -8.599  -13.806 -15.715 1.00 98.27  ? 381  GLU A O   1 
ATOM   1066 C CB  . GLU A 1 146 ? -10.880 -13.646 -18.077 1.00 101.39 ? 381  GLU A CB  1 
ATOM   1067 C CG  . GLU A 1 146 ? -9.778  -13.254 -19.060 1.00 104.55 ? 381  GLU A CG  1 
ATOM   1068 C CD  . GLU A 1 146 ? -10.141 -12.051 -19.915 1.00 106.34 ? 381  GLU A CD  1 
ATOM   1069 O OE1 . GLU A 1 146 ? -9.247  -11.516 -20.614 1.00 106.85 ? 381  GLU A OE1 1 
ATOM   1070 O OE2 . GLU A 1 146 ? -11.323 -11.647 -19.894 1.00 107.37 ? 381  GLU A OE2 1 
ATOM   1071 N N   . GLU A 1 147 ? -8.635  -11.865 -16.851 1.00 96.25  ? 382  GLU A N   1 
ATOM   1072 C CA  . GLU A 1 147 ? -7.227  -11.614 -16.614 1.00 95.13  ? 382  GLU A CA  1 
ATOM   1073 C C   . GLU A 1 147 ? -7.034  -11.808 -15.125 1.00 93.80  ? 382  GLU A C   1 
ATOM   1074 O O   . GLU A 1 147 ? -6.231  -12.633 -14.700 1.00 93.20  ? 382  GLU A O   1 
ATOM   1075 C CB  . GLU A 1 147 ? -6.838  -10.185 -16.997 1.00 96.50  ? 382  GLU A CB  1 
ATOM   1076 C CG  . GLU A 1 147 ? -5.363  -9.872  -16.729 1.00 99.03  ? 382  GLU A CG  1 
ATOM   1077 C CD  . GLU A 1 147 ? -4.956  -8.448  -17.102 1.00 100.84 ? 382  GLU A CD  1 
ATOM   1078 O OE1 . GLU A 1 147 ? -5.089  -8.074  -18.290 1.00 102.01 ? 382  GLU A OE1 1 
ATOM   1079 O OE2 . GLU A 1 147 ? -4.496  -7.703  -16.204 1.00 101.90 ? 382  GLU A OE2 1 
ATOM   1080 N N   . ARG A 1 148 ? -7.797  -11.059 -14.337 1.00 92.36  ? 383  ARG A N   1 
ATOM   1081 C CA  . ARG A 1 148 ? -7.699  -11.172 -12.897 1.00 91.43  ? 383  ARG A CA  1 
ATOM   1082 C C   . ARG A 1 148 ? -7.667  -12.647 -12.555 1.00 90.97  ? 383  ARG A C   1 
ATOM   1083 O O   . ARG A 1 148 ? -6.631  -13.175 -12.172 1.00 91.14  ? 383  ARG A O   1 
ATOM   1084 C CB  . ARG A 1 148 ? -8.898  -10.532 -12.204 1.00 92.32  ? 383  ARG A CB  1 
ATOM   1085 C CG  . ARG A 1 148 ? -8.626  -10.191 -10.746 1.00 93.69  ? 383  ARG A CG  1 
ATOM   1086 C CD  . ARG A 1 148 ? -9.832  -10.393 -9.831  1.00 95.35  ? 383  ARG A CD  1 
ATOM   1087 N NE  . ARG A 1 148 ? -11.033 -9.681  -10.263 1.00 97.50  ? 383  ARG A NE  1 
ATOM   1088 C CZ  . ARG A 1 148 ? -11.993 -10.216 -11.016 1.00 99.17  ? 383  ARG A CZ  1 
ATOM   1089 N NH1 . ARG A 1 148 ? -11.897 -11.475 -11.429 1.00 99.49  ? 383  ARG A NH1 1 
ATOM   1090 N NH2 . ARG A 1 148 ? -13.057 -9.497  -11.351 1.00 99.69  ? 383  ARG A NH2 1 
ATOM   1091 N N   . GLU A 1 149 ? -8.804  -13.312 -12.719 1.00 90.88  ? 384  GLU A N   1 
ATOM   1092 C CA  . GLU A 1 149 ? -8.923  -14.739 -12.413 1.00 90.91  ? 384  GLU A CA  1 
ATOM   1093 C C   . GLU A 1 149 ? -7.698  -15.507 -12.844 1.00 89.90  ? 384  GLU A C   1 
ATOM   1094 O O   . GLU A 1 149 ? -7.032  -16.171 -12.047 1.00 90.12  ? 384  GLU A O   1 
ATOM   1095 C CB  . GLU A 1 149 ? -10.109 -15.336 -13.136 1.00 92.70  ? 384  GLU A CB  1 
ATOM   1096 C CG  . GLU A 1 149 ? -11.401 -14.647 -12.866 1.00 96.69  ? 384  GLU A CG  1 
ATOM   1097 C CD  . GLU A 1 149 ? -12.519 -15.277 -13.653 1.00 99.52  ? 384  GLU A CD  1 
ATOM   1098 O OE1 . GLU A 1 149 ? -12.398 -15.338 -14.899 1.00 101.10 ? 384  GLU A OE1 1 
ATOM   1099 O OE2 . GLU A 1 149 ? -13.509 -15.719 -13.028 1.00 101.27 ? 384  GLU A OE2 1 
ATOM   1100 N N   . GLU A 1 150 ? -7.442  -15.432 -14.138 1.00 88.59  ? 385  GLU A N   1 
ATOM   1101 C CA  . GLU A 1 150 ? -6.303  -16.085 -14.744 1.00 87.27  ? 385  GLU A CA  1 
ATOM   1102 C C   . GLU A 1 150 ? -5.114  -16.018 -13.798 1.00 84.37  ? 385  GLU A C   1 
ATOM   1103 O O   . GLU A 1 150 ? -4.537  -17.042 -13.420 1.00 84.13  ? 385  GLU A O   1 
ATOM   1104 C CB  . GLU A 1 150 ? -5.975  -15.363 -16.034 1.00 90.16  ? 385  GLU A CB  1 
ATOM   1105 C CG  . GLU A 1 150 ? -4.697  -15.801 -16.678 1.00 96.19  ? 385  GLU A CG  1 
ATOM   1106 C CD  . GLU A 1 150 ? -3.928  -14.619 -17.225 1.00 99.79  ? 385  GLU A CD  1 
ATOM   1107 O OE1 . GLU A 1 150 ? -4.592  -13.628 -17.624 1.00 101.40 ? 385  GLU A OE1 1 
ATOM   1108 O OE2 . GLU A 1 150 ? -2.674  -14.680 -17.261 1.00 102.21 ? 385  GLU A OE2 1 
ATOM   1109 N N   . ILE A 1 151 ? -4.768  -14.792 -13.423 1.00 80.98  ? 386  ILE A N   1 
ATOM   1110 C CA  . ILE A 1 151 ? -3.655  -14.526 -12.522 1.00 77.67  ? 386  ILE A CA  1 
ATOM   1111 C C   . ILE A 1 151 ? -3.757  -15.334 -11.236 1.00 76.88  ? 386  ILE A C   1 
ATOM   1112 O O   . ILE A 1 151 ? -2.787  -15.955 -10.792 1.00 76.70  ? 386  ILE A O   1 
ATOM   1113 C CB  . ILE A 1 151 ? -3.604  -13.032 -12.134 1.00 76.08  ? 386  ILE A CB  1 
ATOM   1114 C CG1 . ILE A 1 151 ? -3.440  -12.171 -13.387 1.00 74.38  ? 386  ILE A CG1 1 
ATOM   1115 C CG2 . ILE A 1 151 ? -2.471  -12.785 -11.154 1.00 75.21  ? 386  ILE A CG2 1 
ATOM   1116 C CD1 . ILE A 1 151 ? -3.282  -10.685 -13.111 1.00 73.06  ? 386  ILE A CD1 1 
ATOM   1117 N N   . LEU A 1 152 ? -4.941  -15.321 -10.638 1.00 75.97  ? 387  LEU A N   1 
ATOM   1118 C CA  . LEU A 1 152 ? -5.160  -16.026 -9.391  1.00 75.41  ? 387  LEU A CA  1 
ATOM   1119 C C   . LEU A 1 152 ? -4.994  -17.537 -9.514  1.00 75.45  ? 387  LEU A C   1 
ATOM   1120 O O   . LEU A 1 152 ? -4.616  -18.202 -8.538  1.00 75.27  ? 387  LEU A O   1 
ATOM   1121 C CB  . LEU A 1 152 ? -6.539  -15.667 -8.837  1.00 75.24  ? 387  LEU A CB  1 
ATOM   1122 C CG  . LEU A 1 152 ? -6.768  -14.153 -8.757  1.00 74.46  ? 387  LEU A CG  1 
ATOM   1123 C CD1 . LEU A 1 152 ? -7.995  -13.851 -7.913  1.00 74.26  ? 387  LEU A CD1 1 
ATOM   1124 C CD2 . LEU A 1 152 ? -5.543  -13.487 -8.149  1.00 74.80  ? 387  LEU A CD2 1 
ATOM   1125 N N   . GLU A 1 153 ? -5.262  -18.082 -10.701 1.00 75.30  ? 388  GLU A N   1 
ATOM   1126 C CA  . GLU A 1 153 ? -5.097  -19.518 -10.895 1.00 75.76  ? 388  GLU A CA  1 
ATOM   1127 C C   . GLU A 1 153 ? -3.610  -19.821 -10.983 1.00 75.03  ? 388  GLU A C   1 
ATOM   1128 O O   . GLU A 1 153 ? -3.137  -20.835 -10.459 1.00 75.14  ? 388  GLU A O   1 
ATOM   1129 C CB  . GLU A 1 153 ? -5.796  -20.001 -12.164 1.00 77.13  ? 388  GLU A CB  1 
ATOM   1130 C CG  . GLU A 1 153 ? -5.716  -21.526 -12.357 1.00 79.96  ? 388  GLU A CG  1 
ATOM   1131 C CD  . GLU A 1 153 ? -6.244  -22.331 -11.151 1.00 82.68  ? 388  GLU A CD  1 
ATOM   1132 O OE1 . GLU A 1 153 ? -6.787  -21.723 -10.196 1.00 84.29  ? 388  GLU A OE1 1 
ATOM   1133 O OE2 . GLU A 1 153 ? -6.120  -23.582 -11.160 1.00 83.43  ? 388  GLU A OE2 1 
ATOM   1134 N N   . GLY A 1 154 ? -2.880  -18.934 -11.652 1.00 74.31  ? 389  GLY A N   1 
ATOM   1135 C CA  . GLY A 1 154 ? -1.448  -19.109 -11.768 1.00 72.99  ? 389  GLY A CA  1 
ATOM   1136 C C   . GLY A 1 154 ? -0.868  -19.067 -10.371 1.00 72.47  ? 389  GLY A C   1 
ATOM   1137 O O   . GLY A 1 154 ? -0.009  -19.869 -10.014 1.00 72.02  ? 389  GLY A O   1 
ATOM   1138 N N   . PHE A 1 155 ? -1.366  -18.132 -9.572  1.00 72.69  ? 390  PHE A N   1 
ATOM   1139 C CA  . PHE A 1 155 ? -0.910  -17.972 -8.201  1.00 73.50  ? 390  PHE A CA  1 
ATOM   1140 C C   . PHE A 1 155 ? -1.084  -19.263 -7.415  1.00 74.38  ? 390  PHE A C   1 
ATOM   1141 O O   . PHE A 1 155 ? -0.124  -19.810 -6.875  1.00 75.18  ? 390  PHE A O   1 
ATOM   1142 C CB  . PHE A 1 155 ? -1.698  -16.863 -7.505  1.00 72.83  ? 390  PHE A CB  1 
ATOM   1143 C CG  . PHE A 1 155 ? -1.102  -16.423 -6.199  1.00 72.67  ? 390  PHE A CG  1 
ATOM   1144 C CD1 . PHE A 1 155 ? -1.912  -16.179 -5.096  1.00 72.57  ? 390  PHE A CD1 1 
ATOM   1145 C CD2 . PHE A 1 155 ? 0.270   -16.217 -6.078  1.00 72.43  ? 390  PHE A CD2 1 
ATOM   1146 C CE1 . PHE A 1 155 ? -1.363  -15.736 -3.892  1.00 72.61  ? 390  PHE A CE1 1 
ATOM   1147 C CE2 . PHE A 1 155 ? 0.829   -15.773 -4.880  1.00 72.08  ? 390  PHE A CE2 1 
ATOM   1148 C CZ  . PHE A 1 155 ? 0.010   -15.532 -3.784  1.00 72.38  ? 390  PHE A CZ  1 
ATOM   1149 N N   . ARG A 1 156 ? -2.315  -19.754 -7.364  1.00 75.47  ? 391  ARG A N   1 
ATOM   1150 C CA  . ARG A 1 156 ? -2.604  -20.963 -6.613  1.00 76.30  ? 391  ARG A CA  1 
ATOM   1151 C C   . ARG A 1 156 ? -1.975  -22.224 -7.182  1.00 74.95  ? 391  ARG A C   1 
ATOM   1152 O O   . ARG A 1 156 ? -2.173  -23.298 -6.634  1.00 75.12  ? 391  ARG A O   1 
ATOM   1153 C CB  . ARG A 1 156 ? -4.119  -21.175 -6.491  1.00 79.72  ? 391  ARG A CB  1 
ATOM   1154 C CG  . ARG A 1 156 ? -4.759  -21.844 -7.689  1.00 83.72  ? 391  ARG A CG  1 
ATOM   1155 C CD  . ARG A 1 156 ? -6.125  -22.441 -7.348  1.00 88.01  ? 391  ARG A CD  1 
ATOM   1156 N NE  . ARG A 1 156 ? -6.336  -23.714 -8.050  1.00 92.89  ? 391  ARG A NE  1 
ATOM   1157 C CZ  . ARG A 1 156 ? -6.061  -24.920 -7.543  1.00 94.68  ? 391  ARG A CZ  1 
ATOM   1158 N NH1 . ARG A 1 156 ? -5.567  -25.038 -6.310  1.00 94.73  ? 391  ARG A NH1 1 
ATOM   1159 N NH2 . ARG A 1 156 ? -6.261  -26.014 -8.282  1.00 95.03  ? 391  ARG A NH2 1 
ATOM   1160 N N   . THR A 1 157 ? -1.219  -22.117 -8.269  1.00 74.84  ? 392  THR A N   1 
ATOM   1161 C CA  . THR A 1 157 ? -0.609  -23.316 -8.851  1.00 74.23  ? 392  THR A CA  1 
ATOM   1162 C C   . THR A 1 157 ? 0.856   -23.175 -9.208  1.00 74.09  ? 392  THR A C   1 
ATOM   1163 O O   . THR A 1 157 ? 1.364   -23.904 -10.054 1.00 74.41  ? 392  THR A O   1 
ATOM   1164 C CB  . THR A 1 157 ? -1.339  -23.761 -10.125 1.00 73.86  ? 392  THR A CB  1 
ATOM   1165 O OG1 . THR A 1 157 ? -1.450  -22.650 -11.022 1.00 72.23  ? 392  THR A OG1 1 
ATOM   1166 C CG2 . THR A 1 157 ? -2.714  -24.308 -9.786  1.00 74.15  ? 392  THR A CG2 1 
ATOM   1167 N N   . GLY A 1 158 ? 1.541   -22.252 -8.553  1.00 74.16  ? 393  GLY A N   1 
ATOM   1168 C CA  . GLY A 1 158 ? 2.941   -22.053 -8.863  1.00 74.73  ? 393  GLY A CA  1 
ATOM   1169 C C   . GLY A 1 158 ? 3.041   -20.912 -9.848  1.00 74.94  ? 393  GLY A C   1 
ATOM   1170 O O   . GLY A 1 158 ? 2.400   -19.880 -9.671  1.00 75.96  ? 393  GLY A O   1 
ATOM   1171 N N   . ARG A 1 159 ? 3.818   -21.097 -10.902 1.00 74.94  ? 394  ARG A N   1 
ATOM   1172 C CA  . ARG A 1 159 ? 3.988   -20.046 -11.892 1.00 75.85  ? 394  ARG A CA  1 
ATOM   1173 C C   . ARG A 1 159 ? 4.686   -18.886 -11.190 1.00 74.77  ? 394  ARG A C   1 
ATOM   1174 O O   . ARG A 1 159 ? 5.867   -18.621 -11.434 1.00 74.96  ? 394  ARG A O   1 
ATOM   1175 C CB  . ARG A 1 159 ? 2.630   -19.599 -12.451 1.00 78.00  ? 394  ARG A CB  1 
ATOM   1176 C CG  . ARG A 1 159 ? 1.808   -20.724 -13.100 1.00 82.17  ? 394  ARG A CG  1 
ATOM   1177 C CD  . ARG A 1 159 ? 1.143   -20.286 -14.421 1.00 85.10  ? 394  ARG A CD  1 
ATOM   1178 N NE  . ARG A 1 159 ? 1.889   -20.730 -15.603 1.00 88.91  ? 394  ARG A NE  1 
ATOM   1179 C CZ  . ARG A 1 159 ? 1.928   -21.989 -16.050 1.00 90.91  ? 394  ARG A CZ  1 
ATOM   1180 N NH1 . ARG A 1 159 ? 2.644   -22.293 -17.136 1.00 90.63  ? 394  ARG A NH1 1 
ATOM   1181 N NH2 . ARG A 1 159 ? 1.246   -22.944 -15.421 1.00 91.24  ? 394  ARG A NH2 1 
ATOM   1182 N N   . PHE A 1 160 ? 3.951   -18.202 -10.318 1.00 73.39  ? 395  PHE A N   1 
ATOM   1183 C CA  . PHE A 1 160 ? 4.499   -17.092 -9.538  1.00 71.73  ? 395  PHE A CA  1 
ATOM   1184 C C   . PHE A 1 160 ? 4.042   -17.207 -8.080  1.00 69.49  ? 395  PHE A C   1 
ATOM   1185 O O   . PHE A 1 160 ? 2.910   -17.619 -7.809  1.00 68.10  ? 395  PHE A O   1 
ATOM   1186 C CB  . PHE A 1 160 ? 4.072   -15.744 -10.130 1.00 73.09  ? 395  PHE A CB  1 
ATOM   1187 C CG  . PHE A 1 160 ? 2.706   -15.751 -10.718 1.00 74.09  ? 395  PHE A CG  1 
ATOM   1188 C CD1 . PHE A 1 160 ? 2.497   -16.241 -12.001 1.00 75.39  ? 395  PHE A CD1 1 
ATOM   1189 C CD2 . PHE A 1 160 ? 1.619   -15.305 -9.974  1.00 75.40  ? 395  PHE A CD2 1 
ATOM   1190 C CE1 . PHE A 1 160 ? 1.221   -16.295 -12.545 1.00 76.42  ? 395  PHE A CE1 1 
ATOM   1191 C CE2 . PHE A 1 160 ? 0.333   -15.352 -10.501 1.00 76.44  ? 395  PHE A CE2 1 
ATOM   1192 C CZ  . PHE A 1 160 ? 0.132   -15.850 -11.792 1.00 76.88  ? 395  PHE A CZ  1 
ATOM   1193 N N   . ARG A 1 161 ? 4.926   -16.848 -7.147  1.00 67.50  ? 396  ARG A N   1 
ATOM   1194 C CA  . ARG A 1 161 ? 4.603   -16.945 -5.728  1.00 65.56  ? 396  ARG A CA  1 
ATOM   1195 C C   . ARG A 1 161 ? 4.228   -15.623 -5.067  1.00 63.61  ? 396  ARG A C   1 
ATOM   1196 O O   . ARG A 1 161 ? 4.371   -15.471 -3.853  1.00 63.48  ? 396  ARG A O   1 
ATOM   1197 C CB  . ARG A 1 161 ? 5.771   -17.556 -4.962  1.00 66.36  ? 396  ARG A CB  1 
ATOM   1198 C CG  . ARG A 1 161 ? 6.341   -18.795 -5.589  1.00 67.70  ? 396  ARG A CG  1 
ATOM   1199 C CD  . ARG A 1 161 ? 7.270   -19.491 -4.609  1.00 71.19  ? 396  ARG A CD  1 
ATOM   1200 N NE  . ARG A 1 161 ? 6.533   -20.083 -3.495  1.00 74.10  ? 396  ARG A NE  1 
ATOM   1201 C CZ  . ARG A 1 161 ? 5.561   -20.980 -3.641  1.00 75.23  ? 396  ARG A CZ  1 
ATOM   1202 N NH1 . ARG A 1 161 ? 5.210   -21.384 -4.853  1.00 76.73  ? 396  ARG A NH1 1 
ATOM   1203 N NH2 . ARG A 1 161 ? 4.940   -21.479 -2.581  1.00 75.62  ? 396  ARG A NH2 1 
ATOM   1204 N N   . ALA A 1 162 ? 3.749   -14.668 -5.851  1.00 60.73  ? 397  ALA A N   1 
ATOM   1205 C CA  . ALA A 1 162 ? 3.367   -13.390 -5.284  1.00 58.49  ? 397  ALA A CA  1 
ATOM   1206 C C   . ALA A 1 162 ? 2.564   -12.616 -6.280  1.00 57.44  ? 397  ALA A C   1 
ATOM   1207 O O   . ALA A 1 162 ? 2.603   -12.897 -7.474  1.00 57.12  ? 397  ALA A O   1 
ATOM   1208 C CB  . ALA A 1 162 ? 4.589   -12.596 -4.901  1.00 58.07  ? 397  ALA A CB  1 
ATOM   1209 N N   . ILE A 1 163 ? 1.831   -11.636 -5.779  1.00 56.33  ? 398  ILE A N   1 
ATOM   1210 C CA  . ILE A 1 163 ? 1.024   -10.794 -6.629  1.00 55.11  ? 398  ILE A CA  1 
ATOM   1211 C C   . ILE A 1 163 ? 0.832   -9.487  -5.920  1.00 54.86  ? 398  ILE A C   1 
ATOM   1212 O O   . ILE A 1 163 ? 0.780   -9.437  -4.693  1.00 54.51  ? 398  ILE A O   1 
ATOM   1213 C CB  . ILE A 1 163 ? -0.347  -11.412 -6.907  1.00 54.41  ? 398  ILE A CB  1 
ATOM   1214 C CG1 . ILE A 1 163 ? -1.086  -11.650 -5.597  1.00 54.29  ? 398  ILE A CG1 1 
ATOM   1215 C CG2 . ILE A 1 163 ? -0.184  -12.725 -7.652  1.00 55.84  ? 398  ILE A CG2 1 
ATOM   1216 C CD1 . ILE A 1 163 ? -2.373  -12.431 -5.765  1.00 53.51  ? 398  ILE A CD1 1 
ATOM   1217 N N   . VAL A 1 164 ? 0.765   -8.425  -6.705  1.00 55.08  ? 399  VAL A N   1 
ATOM   1218 C CA  . VAL A 1 164 ? 0.558   -7.093  -6.180  1.00 55.22  ? 399  VAL A CA  1 
ATOM   1219 C C   . VAL A 1 164 ? -0.834  -6.722  -6.660  1.00 56.64  ? 399  VAL A C   1 
ATOM   1220 O O   . VAL A 1 164 ? -1.197  -7.032  -7.794  1.00 56.33  ? 399  VAL A O   1 
ATOM   1221 C CB  . VAL A 1 164 ? 1.601   -6.117  -6.739  1.00 53.28  ? 399  VAL A CB  1 
ATOM   1222 C CG1 . VAL A 1 164 ? 1.633   -6.205  -8.240  1.00 51.14  ? 399  VAL A CG1 1 
ATOM   1223 C CG2 . VAL A 1 164 ? 1.288   -4.706  -6.289  1.00 53.08  ? 399  VAL A CG2 1 
ATOM   1224 N N   . SER A 1 165 ? -1.623  -6.088  -5.796  1.00 58.75  ? 400  SER A N   1 
ATOM   1225 C CA  . SER A 1 165 ? -2.988  -5.716  -6.158  1.00 61.55  ? 400  SER A CA  1 
ATOM   1226 C C   . SER A 1 165 ? -3.512  -4.450  -5.505  1.00 63.92  ? 400  SER A C   1 
ATOM   1227 O O   . SER A 1 165 ? -3.430  -4.288  -4.286  1.00 63.75  ? 400  SER A O   1 
ATOM   1228 C CB  . SER A 1 165 ? -3.948  -6.849  -5.824  1.00 60.99  ? 400  SER A CB  1 
ATOM   1229 O OG  . SER A 1 165 ? -5.257  -6.340  -5.645  1.00 61.16  ? 400  SER A OG  1 
ATOM   1230 N N   . SER A 1 166 ? -4.076  -3.568  -6.324  1.00 66.52  ? 401  SER A N   1 
ATOM   1231 C CA  . SER A 1 166 ? -4.629  -2.322  -5.823  1.00 69.60  ? 401  SER A CA  1 
ATOM   1232 C C   . SER A 1 166 ? -6.048  -2.537  -5.319  1.00 71.95  ? 401  SER A C   1 
ATOM   1233 O O   . SER A 1 166 ? -6.469  -1.872  -4.390  1.00 72.73  ? 401  SER A O   1 
ATOM   1234 C CB  . SER A 1 166 ? -4.625  -1.243  -6.911  1.00 68.70  ? 401  SER A CB  1 
ATOM   1235 O OG  . SER A 1 166 ? -5.525  -1.558  -7.957  1.00 69.29  ? 401  SER A OG  1 
ATOM   1236 N N   . GLN A 1 167 ? -6.789  -3.466  -5.912  1.00 75.54  ? 402  GLN A N   1 
ATOM   1237 C CA  . GLN A 1 167 ? -8.163  -3.707  -5.468  1.00 79.30  ? 402  GLN A CA  1 
ATOM   1238 C C   . GLN A 1 167 ? -8.240  -4.638  -4.276  1.00 80.77  ? 402  GLN A C   1 
ATOM   1239 O O   . GLN A 1 167 ? -7.339  -5.443  -4.052  1.00 80.12  ? 402  GLN A O   1 
ATOM   1240 C CB  . GLN A 1 167 ? -9.022  -4.286  -6.596  1.00 80.74  ? 402  GLN A CB  1 
ATOM   1241 C CG  . GLN A 1 167 ? -8.506  -5.572  -7.198  1.00 84.27  ? 402  GLN A CG  1 
ATOM   1242 C CD  . GLN A 1 167 ? -9.495  -6.194  -8.166  1.00 86.85  ? 402  GLN A CD  1 
ATOM   1243 O OE1 . GLN A 1 167 ? -10.400 -6.925  -7.760  1.00 88.51  ? 402  GLN A OE1 1 
ATOM   1244 N NE2 . GLN A 1 167 ? -9.337  -5.893  -9.457  1.00 86.87  ? 402  GLN A NE2 1 
ATOM   1245 N N   . VAL A 1 168 ? -9.325  -4.513  -3.513  1.00 83.27  ? 403  VAL A N   1 
ATOM   1246 C CA  . VAL A 1 168 ? -9.554  -5.354  -2.342  1.00 85.67  ? 403  VAL A CA  1 
ATOM   1247 C C   . VAL A 1 168 ? -9.568  -6.782  -2.852  1.00 87.49  ? 403  VAL A C   1 
ATOM   1248 O O   . VAL A 1 168 ? -9.919  -7.014  -4.010  1.00 87.38  ? 403  VAL A O   1 
ATOM   1249 C CB  . VAL A 1 168 ? -10.922 -5.048  -1.680  1.00 85.53  ? 403  VAL A CB  1 
ATOM   1250 C CG1 . VAL A 1 168 ? -12.059 -5.289  -2.677  1.00 85.20  ? 403  VAL A CG1 1 
ATOM   1251 C CG2 . VAL A 1 168 ? -11.107 -5.919  -0.451  1.00 84.29  ? 403  VAL A CG2 1 
ATOM   1252 N N   . LEU A 1 169 ? -9.202  -7.741  -2.008  1.00 89.56  ? 404  LEU A N   1 
ATOM   1253 C CA  . LEU A 1 169 ? -9.178  -9.126  -2.460  1.00 92.57  ? 404  LEU A CA  1 
ATOM   1254 C C   . LEU A 1 169 ? -10.151 -10.063 -1.760  1.00 95.14  ? 404  LEU A C   1 
ATOM   1255 O O   . LEU A 1 169 ? -10.308 -11.211 -2.176  1.00 94.88  ? 404  LEU A O   1 
ATOM   1256 C CB  . LEU A 1 169 ? -7.761  -9.693  -2.351  1.00 91.34  ? 404  LEU A CB  1 
ATOM   1257 C CG  . LEU A 1 169 ? -6.658  -8.993  -3.153  1.00 90.34  ? 404  LEU A CG  1 
ATOM   1258 C CD1 . LEU A 1 169 ? -7.054  -8.911  -4.624  1.00 88.95  ? 404  LEU A CD1 1 
ATOM   1259 C CD2 . LEU A 1 169 ? -6.407  -7.608  -2.573  1.00 89.94  ? 404  LEU A CD2 1 
ATOM   1260 N N   . ASP A 1 170 ? -10.802 -9.583  -0.705  1.00 99.53  ? 405  ASP A N   1 
ATOM   1261 C CA  . ASP A 1 170 ? -11.763 -10.406 0.033   1.00 103.16 ? 405  ASP A CA  1 
ATOM   1262 C C   . ASP A 1 170 ? -13.164 -10.380 -0.592  1.00 104.93 ? 405  ASP A C   1 
ATOM   1263 O O   . ASP A 1 170 ? -13.792 -11.430 -0.771  1.00 104.72 ? 405  ASP A O   1 
ATOM   1264 C CB  . ASP A 1 170 ? -11.829 -9.974  1.511   1.00 103.85 ? 405  ASP A CB  1 
ATOM   1265 C CG  . ASP A 1 170 ? -11.882 -8.458  1.690   1.00 105.13 ? 405  ASP A CG  1 
ATOM   1266 O OD1 . ASP A 1 170 ? -12.858 -7.822  1.231   1.00 105.65 ? 405  ASP A OD1 1 
ATOM   1267 O OD2 . ASP A 1 170 ? -10.939 -7.905  2.301   1.00 105.60 ? 405  ASP A OD2 1 
ATOM   1268 N N   . GLU A 1 171 ? -13.640 -9.183  -0.931  1.00 106.75 ? 406  GLU A N   1 
ATOM   1269 C CA  . GLU A 1 171 ? -14.957 -9.019  -1.540  1.00 107.57 ? 406  GLU A CA  1 
ATOM   1270 C C   . GLU A 1 171 ? -15.071 -9.842  -2.812  1.00 107.83 ? 406  GLU A C   1 
ATOM   1271 O O   . GLU A 1 171 ? -14.371 -9.583  -3.789  1.00 107.32 ? 406  GLU A O   1 
ATOM   1272 C CB  . GLU A 1 171 ? -15.210 -7.549  -1.867  1.00 108.08 ? 406  GLU A CB  1 
ATOM   1273 C CG  . GLU A 1 171 ? -15.367 -6.671  -0.648  1.00 109.20 ? 406  GLU A CG  1 
ATOM   1274 C CD  . GLU A 1 171 ? -15.384 -5.205  -1.004  1.00 109.97 ? 406  GLU A CD  1 
ATOM   1275 O OE1 . GLU A 1 171 ? -15.622 -4.373  -0.103  1.00 110.27 ? 406  GLU A OE1 1 
ATOM   1276 O OE2 . GLU A 1 171 ? -15.149 -4.889  -2.191  1.00 110.64 ? 406  GLU A OE2 1 
ATOM   1277 N N   . GLY A 1 172 ? -15.955 -10.834 -2.785  1.00 108.24 ? 407  GLY A N   1 
ATOM   1278 C CA  . GLY A 1 172 ? -16.157 -11.688 -3.939  1.00 109.34 ? 407  GLY A CA  1 
ATOM   1279 C C   . GLY A 1 172 ? -14.952 -12.543 -4.282  1.00 110.06 ? 407  GLY A C   1 
ATOM   1280 O O   . GLY A 1 172 ? -15.016 -13.773 -4.224  1.00 110.31 ? 407  GLY A O   1 
ATOM   1281 N N   . ILE A 1 173 ? -13.854 -11.886 -4.648  1.00 110.50 ? 408  ILE A N   1 
ATOM   1282 C CA  . ILE A 1 173 ? -12.617 -12.573 -5.010  1.00 110.86 ? 408  ILE A CA  1 
ATOM   1283 C C   . ILE A 1 173 ? -12.355 -13.721 -4.045  1.00 110.35 ? 408  ILE A C   1 
ATOM   1284 O O   . ILE A 1 173 ? -12.656 -13.617 -2.851  1.00 111.09 ? 408  ILE A O   1 
ATOM   1285 C CB  . ILE A 1 173 ? -11.406 -11.612 -4.960  1.00 111.37 ? 408  ILE A CB  1 
ATOM   1286 C CG1 . ILE A 1 173 ? -11.709 -10.349 -5.775  1.00 111.49 ? 408  ILE A CG1 1 
ATOM   1287 C CG2 . ILE A 1 173 ? -10.163 -12.319 -5.495  1.00 111.33 ? 408  ILE A CG2 1 
ATOM   1288 C CD1 . ILE A 1 173 ? -10.596 -9.314  -5.765  1.00 111.29 ? 408  ILE A CD1 1 
ATOM   1289 N N   . ASP A 1 174 ? -11.796 -14.813 -4.554  1.00 108.63 ? 409  ASP A N   1 
ATOM   1290 C CA  . ASP A 1 174 ? -11.513 -15.958 -3.706  1.00 106.69 ? 409  ASP A CA  1 
ATOM   1291 C C   . ASP A 1 174 ? -10.081 -15.960 -3.198  1.00 104.41 ? 409  ASP A C   1 
ATOM   1292 O O   . ASP A 1 174 ? -9.834  -16.255 -2.028  1.00 104.42 ? 409  ASP A O   1 
ATOM   1293 C CB  . ASP A 1 174 ? -11.827 -17.251 -4.457  1.00 108.30 ? 409  ASP A CB  1 
ATOM   1294 C CG  . ASP A 1 174 ? -13.316 -17.422 -4.694  1.00 109.88 ? 409  ASP A CG  1 
ATOM   1295 O OD1 . ASP A 1 174 ? -13.910 -16.562 -5.386  1.00 110.49 ? 409  ASP A OD1 1 
ATOM   1296 O OD2 . ASP A 1 174 ? -13.892 -18.408 -4.180  1.00 110.72 ? 409  ASP A OD2 1 
ATOM   1297 N N   . VAL A 1 175 ? -9.142  -15.616 -4.073  1.00 101.28 ? 410  VAL A N   1 
ATOM   1298 C CA  . VAL A 1 175 ? -7.731  -15.563 -3.706  1.00 98.22  ? 410  VAL A CA  1 
ATOM   1299 C C   . VAL A 1 175 ? -7.201  -16.874 -3.137  1.00 97.18  ? 410  VAL A C   1 
ATOM   1300 O O   . VAL A 1 175 ? -7.777  -17.438 -2.207  1.00 97.43  ? 410  VAL A O   1 
ATOM   1301 C CB  . VAL A 1 175 ? -7.473  -14.472 -2.665  1.00 96.75  ? 410  VAL A CB  1 
ATOM   1302 C CG1 . VAL A 1 175 ? -6.000  -14.454 -2.303  1.00 95.85  ? 410  VAL A CG1 1 
ATOM   1303 C CG2 . VAL A 1 175 ? -7.923  -13.127 -3.200  1.00 95.95  ? 410  VAL A CG2 1 
ATOM   1304 N N   . PRO A 1 176 ? -6.084  -17.374 -3.686  1.00 95.97  ? 411  PRO A N   1 
ATOM   1305 C CA  . PRO A 1 176 ? -5.546  -18.630 -3.162  1.00 94.25  ? 411  PRO A CA  1 
ATOM   1306 C C   . PRO A 1 176 ? -5.077  -18.461 -1.724  1.00 91.98  ? 411  PRO A C   1 
ATOM   1307 O O   . PRO A 1 176 ? -5.036  -17.356 -1.178  1.00 91.33  ? 411  PRO A O   1 
ATOM   1308 C CB  . PRO A 1 176 ? -4.386  -18.939 -4.109  1.00 94.71  ? 411  PRO A CB  1 
ATOM   1309 C CG  . PRO A 1 176 ? -4.799  -18.257 -5.396  1.00 94.89  ? 411  PRO A CG  1 
ATOM   1310 C CD  . PRO A 1 176 ? -5.351  -16.948 -4.892  1.00 95.79  ? 411  PRO A CD  1 
ATOM   1311 N N   . ASP A 1 177 ? -4.720  -19.575 -1.119  1.00 89.60  ? 412  ASP A N   1 
ATOM   1312 C CA  . ASP A 1 177 ? -4.245  -19.562 0.240   1.00 86.72  ? 412  ASP A CA  1 
ATOM   1313 C C   . ASP A 1 177 ? -2.874  -18.898 0.197   1.00 83.80  ? 412  ASP A C   1 
ATOM   1314 O O   . ASP A 1 177 ? -1.911  -19.483 -0.290  1.00 83.31  ? 412  ASP A O   1 
ATOM   1315 C CB  . ASP A 1 177 ? -4.152  -21.002 0.722   1.00 88.70  ? 412  ASP A CB  1 
ATOM   1316 C CG  . ASP A 1 177 ? -5.341  -21.841 0.261   1.00 90.84  ? 412  ASP A CG  1 
ATOM   1317 O OD1 . ASP A 1 177 ? -5.664  -21.810 -0.952  1.00 91.85  ? 412  ASP A OD1 1 
ATOM   1318 O OD2 . ASP A 1 177 ? -5.953  -22.532 1.107   1.00 91.87  ? 412  ASP A OD2 1 
ATOM   1319 N N   . ALA A 1 178 ? -2.798  -17.659 0.667   1.00 80.24  ? 413  ALA A N   1 
ATOM   1320 C CA  . ALA A 1 178 ? -1.533  -16.936 0.685   1.00 76.45  ? 413  ALA A CA  1 
ATOM   1321 C C   . ALA A 1 178 ? -0.928  -17.010 2.080   1.00 74.38  ? 413  ALA A C   1 
ATOM   1322 O O   . ALA A 1 178 ? -1.635  -17.109 3.078   1.00 74.63  ? 413  ALA A O   1 
ATOM   1323 C CB  . ALA A 1 178 ? -1.743  -15.508 0.286   1.00 76.62  ? 413  ALA A CB  1 
ATOM   1324 N N   . ASN A 1 179 ? 0.389   -16.924 2.149   1.00 71.96  ? 414  ASN A N   1 
ATOM   1325 C CA  . ASN A 1 179 ? 1.088   -17.055 3.414   1.00 68.45  ? 414  ASN A CA  1 
ATOM   1326 C C   . ASN A 1 179 ? 1.602   -15.778 4.080   1.00 65.47  ? 414  ASN A C   1 
ATOM   1327 O O   . ASN A 1 179 ? 1.522   -15.614 5.301   1.00 63.85  ? 414  ASN A O   1 
ATOM   1328 C CB  . ASN A 1 179 ? 2.245   -18.002 3.193   1.00 69.86  ? 414  ASN A CB  1 
ATOM   1329 C CG  . ASN A 1 179 ? 2.678   -18.644 4.446   1.00 72.10  ? 414  ASN A CG  1 
ATOM   1330 O OD1 . ASN A 1 179 ? 3.630   -19.422 4.461   1.00 73.59  ? 414  ASN A OD1 1 
ATOM   1331 N ND2 . ASN A 1 179 ? 1.979   -18.334 5.535   1.00 74.74  ? 414  ASN A ND2 1 
ATOM   1332 N N   . VAL A 1 180 ? 2.159   -14.894 3.264   1.00 61.91  ? 415  VAL A N   1 
ATOM   1333 C CA  . VAL A 1 180 ? 2.700   -13.631 3.725   1.00 58.62  ? 415  VAL A CA  1 
ATOM   1334 C C   . VAL A 1 180 ? 1.977   -12.514 3.004   1.00 57.55  ? 415  VAL A C   1 
ATOM   1335 O O   . VAL A 1 180 ? 1.671   -12.627 1.821   1.00 58.63  ? 415  VAL A O   1 
ATOM   1336 C CB  . VAL A 1 180 ? 4.173   -13.509 3.373   1.00 57.81  ? 415  VAL A CB  1 
ATOM   1337 C CG1 . VAL A 1 180 ? 4.727   -12.211 3.903   1.00 57.52  ? 415  VAL A CG1 1 
ATOM   1338 C CG2 . VAL A 1 180 ? 4.923   -14.690 3.921   1.00 58.58  ? 415  VAL A CG2 1 
ATOM   1339 N N   . GLY A 1 181 ? 1.710   -11.426 3.706   1.00 55.28  ? 416  GLY A N   1 
ATOM   1340 C CA  . GLY A 1 181 ? 1.034   -10.323 3.065   1.00 52.58  ? 416  GLY A CA  1 
ATOM   1341 C C   . GLY A 1 181 ? 1.835   -9.076  3.311   1.00 51.41  ? 416  GLY A C   1 
ATOM   1342 O O   . GLY A 1 181 ? 2.446   -8.925  4.361   1.00 53.17  ? 416  GLY A O   1 
ATOM   1343 N N   . VAL A 1 182 ? 1.859   -8.181  2.343   1.00 49.73  ? 417  VAL A N   1 
ATOM   1344 C CA  . VAL A 1 182 ? 2.592   -6.952  2.521   1.00 48.75  ? 417  VAL A CA  1 
ATOM   1345 C C   . VAL A 1 182 ? 1.696   -5.809  2.152   1.00 50.08  ? 417  VAL A C   1 
ATOM   1346 O O   . VAL A 1 182 ? 0.977   -5.855  1.158   1.00 49.80  ? 417  VAL A O   1 
ATOM   1347 C CB  . VAL A 1 182 ? 3.839   -6.898  1.650   1.00 47.90  ? 417  VAL A CB  1 
ATOM   1348 C CG1 . VAL A 1 182 ? 4.457   -5.503  1.717   1.00 47.03  ? 417  VAL A CG1 1 
ATOM   1349 C CG2 . VAL A 1 182 ? 4.825   -7.944  2.112   1.00 46.97  ? 417  VAL A CG2 1 
ATOM   1350 N N   . ILE A 1 183 ? 1.758   -4.775  2.970   1.00 51.73  ? 418  ILE A N   1 
ATOM   1351 C CA  . ILE A 1 183 ? 0.949   -3.593  2.775   1.00 52.66  ? 418  ILE A CA  1 
ATOM   1352 C C   . ILE A 1 183 ? 1.862   -2.397  2.635   1.00 54.35  ? 418  ILE A C   1 
ATOM   1353 O O   . ILE A 1 183 ? 2.398   -1.886  3.612   1.00 54.01  ? 418  ILE A O   1 
ATOM   1354 C CB  . ILE A 1 183 ? -0.014  -3.417  3.973   1.00 52.74  ? 418  ILE A CB  1 
ATOM   1355 C CG1 . ILE A 1 183 ? -1.138  -4.460  3.873   1.00 52.21  ? 418  ILE A CG1 1 
ATOM   1356 C CG2 . ILE A 1 183 ? -0.556  -2.004  4.020   1.00 51.75  ? 418  ILE A CG2 1 
ATOM   1357 C CD1 . ILE A 1 183 ? -1.930  -4.662  5.154   1.00 52.55  ? 418  ILE A CD1 1 
ATOM   1358 N N   . MET A 1 184 ? 2.049   -1.971  1.397   1.00 56.39  ? 419  MET A N   1 
ATOM   1359 C CA  . MET A 1 184 ? 2.896   -0.832  1.101   1.00 58.59  ? 419  MET A CA  1 
ATOM   1360 C C   . MET A 1 184 ? 2.134   0.449   1.387   1.00 60.76  ? 419  MET A C   1 
ATOM   1361 O O   . MET A 1 184 ? 1.406   0.937   0.528   1.00 60.97  ? 419  MET A O   1 
ATOM   1362 C CB  . MET A 1 184 ? 3.293   -0.863  -0.369  1.00 58.78  ? 419  MET A CB  1 
ATOM   1363 C CG  . MET A 1 184 ? 3.926   -2.162  -0.784  1.00 58.47  ? 419  MET A CG  1 
ATOM   1364 S SD  . MET A 1 184 ? 5.411   -2.428  0.168   1.00 59.74  ? 419  MET A SD  1 
ATOM   1365 C CE  . MET A 1 184 ? 6.571   -1.362  -0.746  1.00 57.39  ? 419  MET A CE  1 
ATOM   1366 N N   . SER A 1 185 ? 2.280   0.988   2.594   1.00 62.76  ? 420  SER A N   1 
ATOM   1367 C CA  . SER A 1 185 ? 1.593   2.229   2.943   1.00 64.25  ? 420  SER A CA  1 
ATOM   1368 C C   . SER A 1 185 ? 2.433   3.413   2.513   1.00 65.53  ? 420  SER A C   1 
ATOM   1369 O O   . SER A 1 185 ? 3.575   3.263   2.072   1.00 65.60  ? 420  SER A O   1 
ATOM   1370 C CB  . SER A 1 185 ? 1.342   2.328   4.451   1.00 64.80  ? 420  SER A CB  1 
ATOM   1371 O OG  . SER A 1 185 ? 0.296   1.472   4.871   1.00 66.40  ? 420  SER A OG  1 
ATOM   1372 N N   . GLY A 1 186 ? 1.856   4.597   2.644   1.00 66.72  ? 421  GLY A N   1 
ATOM   1373 C CA  . GLY A 1 186 ? 2.576   5.788   2.265   1.00 67.76  ? 421  GLY A CA  1 
ATOM   1374 C C   . GLY A 1 186 ? 3.263   6.366   3.478   1.00 68.88  ? 421  GLY A C   1 
ATOM   1375 O O   . GLY A 1 186 ? 4.408   6.021   3.784   1.00 69.23  ? 421  GLY A O   1 
ATOM   1376 N N   . SER A 1 187 ? 2.540   7.229   4.182   1.00 69.90  ? 422  SER A N   1 
ATOM   1377 C CA  . SER A 1 187 ? 3.067   7.899   5.359   1.00 70.70  ? 422  SER A CA  1 
ATOM   1378 C C   . SER A 1 187 ? 2.371   7.485   6.654   1.00 70.99  ? 422  SER A C   1 
ATOM   1379 O O   . SER A 1 187 ? 2.823   7.837   7.745   1.00 70.49  ? 422  SER A O   1 
ATOM   1380 C CB  . SER A 1 187 ? 2.955   9.415   5.176   1.00 71.11  ? 422  SER A CB  1 
ATOM   1381 O OG  . SER A 1 187 ? 3.712   10.098  6.158   1.00 71.96  ? 422  SER A OG  1 
ATOM   1382 N N   . GLY A 1 188 ? 1.277   6.740   6.540   1.00 71.38  ? 423  GLY A N   1 
ATOM   1383 C CA  . GLY A 1 188 ? 0.567   6.313   7.730   1.00 72.51  ? 423  GLY A CA  1 
ATOM   1384 C C   . GLY A 1 188 ? 0.182   4.844   7.740   1.00 74.31  ? 423  GLY A C   1 
ATOM   1385 O O   . GLY A 1 188 ? 0.225   4.176   6.703   1.00 74.09  ? 423  GLY A O   1 
ATOM   1386 N N   . SER A 1 189 ? -0.192  4.347   8.918   1.00 76.26  ? 424  SER A N   1 
ATOM   1387 C CA  . SER A 1 189 ? -0.605  2.958   9.109   1.00 77.99  ? 424  SER A CA  1 
ATOM   1388 C C   . SER A 1 189 ? -2.040  2.745   8.629   1.00 79.86  ? 424  SER A C   1 
ATOM   1389 O O   . SER A 1 189 ? -2.923  3.552   8.913   1.00 79.63  ? 424  SER A O   1 
ATOM   1390 C CB  . SER A 1 189 ? -0.504  2.576   10.588  1.00 77.84  ? 424  SER A CB  1 
ATOM   1391 O OG  . SER A 1 189 ? -1.067  1.298   10.831  1.00 78.60  ? 424  SER A OG  1 
ATOM   1392 N N   . ALA A 1 190 ? -2.265  1.648   7.908   1.00 82.35  ? 425  ALA A N   1 
ATOM   1393 C CA  . ALA A 1 190 ? -3.593  1.325   7.381   1.00 84.60  ? 425  ALA A CA  1 
ATOM   1394 C C   . ALA A 1 190 ? -4.329  0.350   8.291   1.00 86.09  ? 425  ALA A C   1 
ATOM   1395 O O   . ALA A 1 190 ? -4.513  -0.818  7.938   1.00 86.66  ? 425  ALA A O   1 
ATOM   1396 C CB  . ALA A 1 190 ? -3.460  0.727   5.999   1.00 84.68  ? 425  ALA A CB  1 
ATOM   1397 N N   . ARG A 1 191 ? -4.759  0.838   9.453   1.00 87.62  ? 426  ARG A N   1 
ATOM   1398 C CA  . ARG A 1 191 ? -5.451  0.002   10.427  1.00 89.14  ? 426  ARG A CA  1 
ATOM   1399 C C   . ARG A 1 191 ? -6.435  -0.981  9.794   1.00 88.51  ? 426  ARG A C   1 
ATOM   1400 O O   . ARG A 1 191 ? -6.317  -2.192  9.987   1.00 88.30  ? 426  ARG A O   1 
ATOM   1401 C CB  . ARG A 1 191 ? -6.171  0.873   11.471  1.00 91.86  ? 426  ARG A CB  1 
ATOM   1402 C CG  . ARG A 1 191 ? -5.642  0.718   12.915  1.00 95.78  ? 426  ARG A CG  1 
ATOM   1403 C CD  . ARG A 1 191 ? -4.265  1.379   13.113  1.00 99.33  ? 426  ARG A CD  1 
ATOM   1404 N NE  . ARG A 1 191 ? -3.706  1.135   14.451  1.00 103.26 ? 426  ARG A NE  1 
ATOM   1405 C CZ  . ARG A 1 191 ? -2.634  1.758   14.948  1.00 104.85 ? 426  ARG A CZ  1 
ATOM   1406 N NH1 . ARG A 1 191 ? -2.195  1.469   16.177  1.00 104.25 ? 426  ARG A NH1 1 
ATOM   1407 N NH2 . ARG A 1 191 ? -2.005  2.681   14.219  1.00 105.88 ? 426  ARG A NH2 1 
ATOM   1408 N N   . GLU A 1 192 ? -7.390  -0.472  9.026   1.00 88.23  ? 427  GLU A N   1 
ATOM   1409 C CA  . GLU A 1 192 ? -8.383  -1.341  8.400   1.00 88.34  ? 427  GLU A CA  1 
ATOM   1410 C C   . GLU A 1 192 ? -7.765  -2.425  7.514   1.00 86.50  ? 427  GLU A C   1 
ATOM   1411 O O   . GLU A 1 192 ? -7.887  -3.626  7.781   1.00 86.67  ? 427  GLU A O   1 
ATOM   1412 C CB  . GLU A 1 192 ? -9.354  -0.512  7.562   1.00 91.19  ? 427  GLU A CB  1 
ATOM   1413 C CG  . GLU A 1 192 ? -10.459 -1.351  6.927   1.00 96.52  ? 427  GLU A CG  1 
ATOM   1414 C CD  . GLU A 1 192 ? -11.401 -0.551  6.027   1.00 99.53  ? 427  GLU A CD  1 
ATOM   1415 O OE1 . GLU A 1 192 ? -10.983 -0.153  4.908   1.00 100.61 ? 427  GLU A OE1 1 
ATOM   1416 O OE2 . GLU A 1 192 ? -12.562 -0.322  6.445   1.00 101.61 ? 427  GLU A OE2 1 
ATOM   1417 N N   . TYR A 1 193 ? -7.114  -1.978  6.450   1.00 84.12  ? 428  TYR A N   1 
ATOM   1418 C CA  . TYR A 1 193 ? -6.468  -2.858  5.491   1.00 81.12  ? 428  TYR A CA  1 
ATOM   1419 C C   . TYR A 1 193 ? -5.731  -4.021  6.145   1.00 78.64  ? 428  TYR A C   1 
ATOM   1420 O O   . TYR A 1 193 ? -5.831  -5.164  5.699   1.00 78.33  ? 428  TYR A O   1 
ATOM   1421 C CB  . TYR A 1 193 ? -5.509  -2.028  4.657   1.00 82.93  ? 428  TYR A CB  1 
ATOM   1422 C CG  . TYR A 1 193 ? -6.190  -1.009  3.757   1.00 85.45  ? 428  TYR A CG  1 
ATOM   1423 C CD1 . TYR A 1 193 ? -5.531  0.166   3.382   1.00 86.71  ? 428  TYR A CD1 1 
ATOM   1424 C CD2 . TYR A 1 193 ? -7.460  -1.244  3.223   1.00 86.66  ? 428  TYR A CD2 1 
ATOM   1425 C CE1 . TYR A 1 193 ? -6.109  1.083   2.491   1.00 87.75  ? 428  TYR A CE1 1 
ATOM   1426 C CE2 . TYR A 1 193 ? -8.052  -0.327  2.328   1.00 88.37  ? 428  TYR A CE2 1 
ATOM   1427 C CZ  . TYR A 1 193 ? -7.366  0.834   1.965   1.00 88.48  ? 428  TYR A CZ  1 
ATOM   1428 O OH  . TYR A 1 193 ? -7.915  1.739   1.072   1.00 89.61  ? 428  TYR A OH  1 
ATOM   1429 N N   . ILE A 1 194 ? -4.989  -3.725  7.203   1.00 75.51  ? 429  ILE A N   1 
ATOM   1430 C CA  . ILE A 1 194 ? -4.253  -4.750  7.911   1.00 72.69  ? 429  ILE A CA  1 
ATOM   1431 C C   . ILE A 1 194 ? -5.184  -5.874  8.340   1.00 72.49  ? 429  ILE A C   1 
ATOM   1432 O O   . ILE A 1 194 ? -4.911  -7.044  8.091   1.00 71.95  ? 429  ILE A O   1 
ATOM   1433 C CB  . ILE A 1 194 ? -3.585  -4.178  9.149   1.00 70.89  ? 429  ILE A CB  1 
ATOM   1434 C CG1 . ILE A 1 194 ? -2.661  -3.034  8.749   1.00 69.66  ? 429  ILE A CG1 1 
ATOM   1435 C CG2 . ILE A 1 194 ? -2.793  -5.254  9.844   1.00 70.80  ? 429  ILE A CG2 1 
ATOM   1436 C CD1 . ILE A 1 194 ? -1.959  -2.390  9.905   1.00 67.73  ? 429  ILE A CD1 1 
ATOM   1437 N N   . GLN A 1 195 ? -6.288  -5.520  8.986   1.00 73.06  ? 430  GLN A N   1 
ATOM   1438 C CA  . GLN A 1 195 ? -7.224  -6.537  9.433   1.00 74.56  ? 430  GLN A CA  1 
ATOM   1439 C C   . GLN A 1 195 ? -7.823  -7.278  8.242   1.00 73.43  ? 430  GLN A C   1 
ATOM   1440 O O   . GLN A 1 195 ? -7.871  -8.511  8.235   1.00 74.51  ? 430  GLN A O   1 
ATOM   1441 C CB  . GLN A 1 195 ? -8.324  -5.923  10.332  1.00 77.95  ? 430  GLN A CB  1 
ATOM   1442 C CG  . GLN A 1 195 ? -7.810  -5.529  11.757  1.00 83.10  ? 430  GLN A CG  1 
ATOM   1443 C CD  . GLN A 1 195 ? -8.913  -5.194  12.785  1.00 85.14  ? 430  GLN A CD  1 
ATOM   1444 O OE1 . GLN A 1 195 ? -9.795  -6.013  13.065  1.00 86.77  ? 430  GLN A OE1 1 
ATOM   1445 N NE2 . GLN A 1 195 ? -8.845  -3.990  13.360  1.00 86.44  ? 430  GLN A NE2 1 
ATOM   1446 N N   . ARG A 1 196 ? -8.256  -6.534  7.227   1.00 71.92  ? 431  ARG A N   1 
ATOM   1447 C CA  . ARG A 1 196 ? -8.839  -7.136  6.027   1.00 70.48  ? 431  ARG A CA  1 
ATOM   1448 C C   . ARG A 1 196 ? -7.943  -8.219  5.448   1.00 68.38  ? 431  ARG A C   1 
ATOM   1449 O O   . ARG A 1 196 ? -8.376  -9.347  5.204   1.00 67.40  ? 431  ARG A O   1 
ATOM   1450 C CB  . ARG A 1 196 ? -9.056  -6.073  4.962   1.00 71.97  ? 431  ARG A CB  1 
ATOM   1451 C CG  . ARG A 1 196 ? -10.386 -5.360  5.028   1.00 74.47  ? 431  ARG A CG  1 
ATOM   1452 C CD  . ARG A 1 196 ? -10.280 -4.036  4.289   1.00 78.04  ? 431  ARG A CD  1 
ATOM   1453 N NE  . ARG A 1 196 ? -11.553 -3.543  3.765   1.00 80.70  ? 431  ARG A NE  1 
ATOM   1454 C CZ  . ARG A 1 196 ? -12.232 -4.119  2.777   1.00 82.31  ? 431  ARG A CZ  1 
ATOM   1455 N NH1 . ARG A 1 196 ? -11.772 -5.220  2.199   1.00 82.76  ? 431  ARG A NH1 1 
ATOM   1456 N NH2 . ARG A 1 196 ? -13.365 -3.581  2.351   1.00 83.89  ? 431  ARG A NH2 1 
ATOM   1457 N N   . LEU A 1 197 ? -6.687  -7.853  5.231   1.00 66.55  ? 432  LEU A N   1 
ATOM   1458 C CA  . LEU A 1 197 ? -5.691  -8.749  4.671   1.00 65.58  ? 432  LEU A CA  1 
ATOM   1459 C C   . LEU A 1 197 ? -5.422  -9.935  5.577   1.00 65.70  ? 432  LEU A C   1 
ATOM   1460 O O   . LEU A 1 197 ? -5.353  -11.070 5.119   1.00 65.00  ? 432  LEU A O   1 
ATOM   1461 C CB  . LEU A 1 197 ? -4.392  -7.987  4.445   1.00 64.60  ? 432  LEU A CB  1 
ATOM   1462 C CG  . LEU A 1 197 ? -3.696  -8.264  3.116   1.00 64.01  ? 432  LEU A CG  1 
ATOM   1463 C CD1 . LEU A 1 197 ? -2.413  -7.453  3.031   1.00 63.28  ? 432  LEU A CD1 1 
ATOM   1464 C CD2 . LEU A 1 197 ? -3.420  -9.751  2.987   1.00 63.63  ? 432  LEU A CD2 1 
ATOM   1465 N N   . GLY A 1 198 ? -5.259  -9.661  6.865   1.00 66.94  ? 433  GLY A N   1 
ATOM   1466 C CA  . GLY A 1 198 ? -5.000  -10.720 7.818   1.00 69.38  ? 433  GLY A CA  1 
ATOM   1467 C C   . GLY A 1 198 ? -6.123  -11.740 7.883   1.00 71.90  ? 433  GLY A C   1 
ATOM   1468 O O   . GLY A 1 198 ? -5.943  -12.861 8.366   1.00 72.45  ? 433  GLY A O   1 
ATOM   1469 N N   . ARG A 1 199 ? -7.301  -11.363 7.416   1.00 73.94  ? 434  ARG A N   1 
ATOM   1470 C CA  . ARG A 1 199 ? -8.399  -12.303 7.434   1.00 76.28  ? 434  ARG A CA  1 
ATOM   1471 C C   . ARG A 1 199 ? -8.273  -13.227 6.237   1.00 76.14  ? 434  ARG A C   1 
ATOM   1472 O O   . ARG A 1 199 ? -8.638  -14.399 6.306   1.00 76.32  ? 434  ARG A O   1 
ATOM   1473 C CB  . ARG A 1 199 ? -9.725  -11.556 7.408   1.00 79.52  ? 434  ARG A CB  1 
ATOM   1474 C CG  . ARG A 1 199 ? -10.396 -11.538 8.768   1.00 85.70  ? 434  ARG A CG  1 
ATOM   1475 C CD  . ARG A 1 199 ? -10.908 -12.933 9.122   1.00 90.81  ? 434  ARG A CD  1 
ATOM   1476 N NE  . ARG A 1 199 ? -12.045 -13.315 8.275   1.00 95.49  ? 434  ARG A NE  1 
ATOM   1477 C CZ  . ARG A 1 199 ? -12.542 -14.550 8.176   1.00 96.80  ? 434  ARG A CZ  1 
ATOM   1478 N NH1 . ARG A 1 199 ? -12.000 -15.546 8.875   1.00 98.02  ? 434  ARG A NH1 1 
ATOM   1479 N NH2 . ARG A 1 199 ? -13.583 -14.788 7.376   1.00 97.22  ? 434  ARG A NH2 1 
ATOM   1480 N N   . ILE A 1 200 ? -7.714  -12.688 5.155   1.00 76.60  ? 435  ILE A N   1 
ATOM   1481 C CA  . ILE A 1 200 ? -7.520  -13.411 3.894   1.00 76.98  ? 435  ILE A CA  1 
ATOM   1482 C C   . ILE A 1 200 ? -6.342  -14.391 3.877   1.00 77.59  ? 435  ILE A C   1 
ATOM   1483 O O   . ILE A 1 200 ? -6.404  -15.441 3.229   1.00 77.89  ? 435  ILE A O   1 
ATOM   1484 C CB  . ILE A 1 200 ? -7.294  -12.428 2.743   1.00 76.67  ? 435  ILE A CB  1 
ATOM   1485 C CG1 . ILE A 1 200 ? -8.345  -11.320 2.793   1.00 77.51  ? 435  ILE A CG1 1 
ATOM   1486 C CG2 . ILE A 1 200 ? -7.355  -13.164 1.427   1.00 75.38  ? 435  ILE A CG2 1 
ATOM   1487 C CD1 . ILE A 1 200 ? -8.045  -10.144 1.875   1.00 78.13  ? 435  ILE A CD1 1 
ATOM   1488 N N   . LEU A 1 201 ? -5.260  -14.029 4.561   1.00 78.09  ? 436  LEU A N   1 
ATOM   1489 C CA  . LEU A 1 201 ? -4.077  -14.876 4.614   1.00 78.36  ? 436  LEU A CA  1 
ATOM   1490 C C   . LEU A 1 201 ? -4.471  -16.278 5.048   1.00 80.05  ? 436  LEU A C   1 
ATOM   1491 O O   . LEU A 1 201 ? -5.594  -16.506 5.503   1.00 80.26  ? 436  LEU A O   1 
ATOM   1492 C CB  . LEU A 1 201 ? -3.048  -14.291 5.587   1.00 75.98  ? 436  LEU A CB  1 
ATOM   1493 C CG  . LEU A 1 201 ? -2.386  -12.985 5.138   1.00 74.69  ? 436  LEU A CG  1 
ATOM   1494 C CD1 . LEU A 1 201 ? -1.635  -12.326 6.281   1.00 74.06  ? 436  LEU A CD1 1 
ATOM   1495 C CD2 . LEU A 1 201 ? -1.444  -13.288 3.994   1.00 74.20  ? 436  LEU A CD2 1 
ATOM   1496 N N   . ARG A 1 202 ? -3.545  -17.220 4.897   1.00 82.77  ? 437  ARG A N   1 
ATOM   1497 C CA  . ARG A 1 202 ? -3.799  -18.601 5.278   1.00 85.52  ? 437  ARG A CA  1 
ATOM   1498 C C   . ARG A 1 202 ? -2.541  -19.225 5.869   1.00 86.88  ? 437  ARG A C   1 
ATOM   1499 O O   . ARG A 1 202 ? -1.462  -19.152 5.276   1.00 86.44  ? 437  ARG A O   1 
ATOM   1500 C CB  . ARG A 1 202 ? -4.262  -19.408 4.065   1.00 86.63  ? 437  ARG A CB  1 
ATOM   1501 C CG  . ARG A 1 202 ? -4.838  -20.762 4.428   1.00 89.63  ? 437  ARG A CG  1 
ATOM   1502 C CD  . ARG A 1 202 ? -6.258  -20.933 3.887   1.00 92.59  ? 437  ARG A CD  1 
ATOM   1503 N NE  . ARG A 1 202 ? -7.101  -19.760 4.133   1.00 94.44  ? 437  ARG A NE  1 
ATOM   1504 C CZ  . ARG A 1 202 ? -8.434  -19.768 4.105   1.00 95.74  ? 437  ARG A CZ  1 
ATOM   1505 N NH1 . ARG A 1 202 ? -9.098  -20.896 3.847   1.00 95.49  ? 437  ARG A NH1 1 
ATOM   1506 N NH2 . ARG A 1 202 ? -9.108  -18.642 4.334   1.00 95.90  ? 437  ARG A NH2 1 
ATOM   1507 N N   . PRO A 1 203 ? -2.666  -19.852 7.053   1.00 88.86  ? 438  PRO A N   1 
ATOM   1508 C CA  . PRO A 1 203 ? -1.522  -20.486 7.716   1.00 90.30  ? 438  PRO A CA  1 
ATOM   1509 C C   . PRO A 1 203 ? -0.815  -21.446 6.767   1.00 91.04  ? 438  PRO A C   1 
ATOM   1510 O O   . PRO A 1 203 ? -1.469  -22.206 6.048   1.00 91.32  ? 438  PRO A O   1 
ATOM   1511 C CB  . PRO A 1 203 ? -2.165  -21.202 8.904   1.00 90.36  ? 438  PRO A CB  1 
ATOM   1512 C CG  . PRO A 1 203 ? -3.534  -21.542 8.391   1.00 89.94  ? 438  PRO A CG  1 
ATOM   1513 C CD  . PRO A 1 203 ? -3.930  -20.257 7.700   1.00 89.55  ? 438  PRO A CD  1 
ATOM   1514 N N   . SER A 1 204 ? 0.515   -21.404 6.765   1.00 91.96  ? 439  SER A N   1 
ATOM   1515 C CA  . SER A 1 204 ? 1.307   -22.270 5.888   1.00 92.96  ? 439  SER A CA  1 
ATOM   1516 C C   . SER A 1 204 ? 0.937   -23.753 5.994   1.00 94.15  ? 439  SER A C   1 
ATOM   1517 O O   . SER A 1 204 ? 0.159   -24.153 6.865   1.00 94.71  ? 439  SER A O   1 
ATOM   1518 C CB  . SER A 1 204 ? 2.809   -22.082 6.161   1.00 91.52  ? 439  SER A CB  1 
ATOM   1519 O OG  . SER A 1 204 ? 3.107   -22.129 7.544   1.00 89.38  ? 439  SER A OG  1 
ATOM   1520 N N   . LYS A 1 205 ? 1.484   -24.555 5.082   1.00 95.14  ? 440  LYS A N   1 
ATOM   1521 C CA  . LYS A 1 205 ? 1.237   -25.999 5.059   1.00 96.52  ? 440  LYS A CA  1 
ATOM   1522 C C   . LYS A 1 205 ? 1.734   -26.536 6.394   1.00 96.68  ? 440  LYS A C   1 
ATOM   1523 O O   . LYS A 1 205 ? 0.954   -26.969 7.243   1.00 97.29  ? 440  LYS A O   1 
ATOM   1524 C CB  . LYS A 1 205 ? 2.026   -26.652 3.920   1.00 98.05  ? 440  LYS A CB  1 
ATOM   1525 C CG  . LYS A 1 205 ? 1.987   -25.870 2.605   1.00 99.91  ? 440  LYS A CG  1 
ATOM   1526 C CD  . LYS A 1 205 ? 2.859   -26.509 1.519   1.00 100.80 ? 440  LYS A CD  1 
ATOM   1527 C CE  . LYS A 1 205 ? 2.335   -27.884 1.086   1.00 101.45 ? 440  LYS A CE  1 
ATOM   1528 N NZ  . LYS A 1 205 ? 0.955   -27.843 0.503   1.00 101.14 ? 440  LYS A NZ  1 
ATOM   1529 N N   . GLY A 1 206 ? 3.052   -26.509 6.557   1.00 96.37  ? 441  GLY A N   1 
ATOM   1530 C CA  . GLY A 1 206 ? 3.661   -26.940 7.796   1.00 95.46  ? 441  GLY A CA  1 
ATOM   1531 C C   . GLY A 1 206 ? 3.825   -25.641 8.550   1.00 95.18  ? 441  GLY A C   1 
ATOM   1532 O O   . GLY A 1 206 ? 3.864   -24.577 7.922   1.00 95.98  ? 441  GLY A O   1 
ATOM   1533 N N   . LYS A 1 207 ? 3.926   -25.711 9.876   1.00 94.09  ? 442  LYS A N   1 
ATOM   1534 C CA  . LYS A 1 207 ? 4.051   -24.516 10.712  1.00 92.54  ? 442  LYS A CA  1 
ATOM   1535 C C   . LYS A 1 207 ? 2.666   -23.848 10.825  1.00 91.76  ? 442  LYS A C   1 
ATOM   1536 O O   . LYS A 1 207 ? 2.235   -23.454 11.914  1.00 92.39  ? 442  LYS A O   1 
ATOM   1537 C CB  . LYS A 1 207 ? 5.047   -23.510 10.107  1.00 92.04  ? 442  LYS A CB  1 
ATOM   1538 C CG  . LYS A 1 207 ? 6.500   -23.940 10.057  1.00 90.66  ? 442  LYS A CG  1 
ATOM   1539 C CD  . LYS A 1 207 ? 7.281   -22.945 9.204   1.00 90.85  ? 442  LYS A CD  1 
ATOM   1540 C CE  . LYS A 1 207 ? 8.778   -23.182 9.268   1.00 90.68  ? 442  LYS A CE  1 
ATOM   1541 N NZ  . LYS A 1 207 ? 9.334   -22.825 10.602  1.00 91.18  ? 442  LYS A NZ  1 
ATOM   1542 N N   . LYS A 1 208 ? 1.972   -23.736 9.694   1.00 89.48  ? 443  LYS A N   1 
ATOM   1543 C CA  . LYS A 1 208 ? 0.658   -23.111 9.657   1.00 87.12  ? 443  LYS A CA  1 
ATOM   1544 C C   . LYS A 1 208 ? 0.733   -21.721 10.300  1.00 85.32  ? 443  LYS A C   1 
ATOM   1545 O O   . LYS A 1 208 ? -0.144  -21.327 11.077  1.00 85.47  ? 443  LYS A O   1 
ATOM   1546 C CB  . LYS A 1 208 ? -0.366  -24.001 10.370  1.00 87.82  ? 443  LYS A CB  1 
ATOM   1547 C CG  . LYS A 1 208 ? -0.321  -25.451 9.891   1.00 88.59  ? 443  LYS A CG  1 
ATOM   1548 C CD  . LYS A 1 208 ? -1.506  -26.291 10.378  1.00 90.05  ? 443  LYS A CD  1 
ATOM   1549 C CE  . LYS A 1 208 ? -2.808  -25.931 9.655   1.00 90.65  ? 443  LYS A CE  1 
ATOM   1550 N NZ  . LYS A 1 208 ? -3.936  -26.851 10.000  1.00 89.25  ? 443  LYS A NZ  1 
ATOM   1551 N N   . GLU A 1 209 ? 1.804   -20.996 9.969   1.00 82.78  ? 444  GLU A N   1 
ATOM   1552 C CA  . GLU A 1 209 ? 2.037   -19.643 10.470  1.00 79.32  ? 444  GLU A CA  1 
ATOM   1553 C C   . GLU A 1 209 ? 1.557   -18.660 9.401   1.00 76.09  ? 444  GLU A C   1 
ATOM   1554 O O   . GLU A 1 209 ? 0.882   -19.042 8.444   1.00 75.25  ? 444  GLU A O   1 
ATOM   1555 C CB  . GLU A 1 209 ? 3.536   -19.403 10.746  1.00 81.06  ? 444  GLU A CB  1 
ATOM   1556 C CG  . GLU A 1 209 ? 4.221   -20.427 11.677  1.00 84.45  ? 444  GLU A CG  1 
ATOM   1557 C CD  . GLU A 1 209 ? 5.688   -20.076 12.019  1.00 86.95  ? 444  GLU A CD  1 
ATOM   1558 O OE1 . GLU A 1 209 ? 6.433   -19.637 11.112  1.00 88.08  ? 444  GLU A OE1 1 
ATOM   1559 O OE2 . GLU A 1 209 ? 6.108   -20.253 13.191  1.00 87.19  ? 444  GLU A OE2 1 
ATOM   1560 N N   . ALA A 1 210 ? 1.916   -17.396 9.574   1.00 71.99  ? 445  ALA A N   1 
ATOM   1561 C CA  . ALA A 1 210 ? 1.539   -16.348 8.641   1.00 68.17  ? 445  ALA A CA  1 
ATOM   1562 C C   . ALA A 1 210 ? 2.180   -15.079 9.156   1.00 66.28  ? 445  ALA A C   1 
ATOM   1563 O O   . ALA A 1 210 ? 2.359   -14.918 10.366  1.00 66.41  ? 445  ALA A O   1 
ATOM   1564 C CB  . ALA A 1 210 ? 0.034   -16.196 8.603   1.00 67.15  ? 445  ALA A CB  1 
ATOM   1565 N N   . VAL A 1 211 ? 2.539   -14.187 8.241   1.00 63.66  ? 446  VAL A N   1 
ATOM   1566 C CA  . VAL A 1 211 ? 3.169   -12.928 8.615   1.00 60.38  ? 446  VAL A CA  1 
ATOM   1567 C C   . VAL A 1 211 ? 2.641   -11.808 7.754   1.00 59.88  ? 446  VAL A C   1 
ATOM   1568 O O   . VAL A 1 211 ? 2.491   -11.976 6.543   1.00 60.75  ? 446  VAL A O   1 
ATOM   1569 C CB  . VAL A 1 211 ? 4.684   -12.970 8.405   1.00 58.71  ? 446  VAL A CB  1 
ATOM   1570 C CG1 . VAL A 1 211 ? 5.301   -11.666 8.840   1.00 56.23  ? 446  VAL A CG1 1 
ATOM   1571 C CG2 . VAL A 1 211 ? 5.273   -14.110 9.176   1.00 59.34  ? 446  VAL A CG2 1 
ATOM   1572 N N   . LEU A 1 212 ? 2.360   -10.665 8.372   1.00 57.74  ? 447  LEU A N   1 
ATOM   1573 C CA  . LEU A 1 212 ? 1.879   -9.527  7.619   1.00 55.01  ? 447  LEU A CA  1 
ATOM   1574 C C   . LEU A 1 212 ? 2.754   -8.317  7.876   1.00 55.23  ? 447  LEU A C   1 
ATOM   1575 O O   . LEU A 1 212 ? 2.963   -7.916  9.019   1.00 55.51  ? 447  LEU A O   1 
ATOM   1576 C CB  . LEU A 1 212 ? 0.433   -9.210  7.972   1.00 53.26  ? 447  LEU A CB  1 
ATOM   1577 C CG  . LEU A 1 212 ? -0.120  -8.097  7.084   1.00 53.01  ? 447  LEU A CG  1 
ATOM   1578 C CD1 . LEU A 1 212 ? -1.595  -8.299  6.860   1.00 53.36  ? 447  LEU A CD1 1 
ATOM   1579 C CD2 . LEU A 1 212 ? 0.156   -6.742  7.707   1.00 52.97  ? 447  LEU A CD2 1 
ATOM   1580 N N   . TYR A 1 213 ? 3.275   -7.746  6.797   1.00 55.13  ? 448  TYR A N   1 
ATOM   1581 C CA  . TYR A 1 213 ? 4.129   -6.577  6.879   1.00 55.11  ? 448  TYR A CA  1 
ATOM   1582 C C   . TYR A 1 213 ? 3.385   -5.354  6.411   1.00 56.54  ? 448  TYR A C   1 
ATOM   1583 O O   . TYR A 1 213 ? 2.496   -5.458  5.568   1.00 56.53  ? 448  TYR A O   1 
ATOM   1584 C CB  . TYR A 1 213 ? 5.342   -6.719  5.975   1.00 53.53  ? 448  TYR A CB  1 
ATOM   1585 C CG  . TYR A 1 213 ? 6.255   -7.846  6.325   1.00 52.79  ? 448  TYR A CG  1 
ATOM   1586 C CD1 . TYR A 1 213 ? 5.970   -9.142  5.924   1.00 53.32  ? 448  TYR A CD1 1 
ATOM   1587 C CD2 . TYR A 1 213 ? 7.419   -7.615  7.046   1.00 52.40  ? 448  TYR A CD2 1 
ATOM   1588 C CE1 . TYR A 1 213 ? 6.830   -10.192 6.228   1.00 53.98  ? 448  TYR A CE1 1 
ATOM   1589 C CE2 . TYR A 1 213 ? 8.281   -8.647  7.356   1.00 53.62  ? 448  TYR A CE2 1 
ATOM   1590 C CZ  . TYR A 1 213 ? 7.986   -9.937  6.944   1.00 54.09  ? 448  TYR A CZ  1 
ATOM   1591 O OH  . TYR A 1 213 ? 8.854   -10.969 7.236   1.00 54.86  ? 448  TYR A OH  1 
ATOM   1592 N N   . GLU A 1 214 ? 3.778   -4.199  6.942   1.00 57.48  ? 449  GLU A N   1 
ATOM   1593 C CA  . GLU A 1 214 ? 3.198   -2.921  6.555   1.00 58.39  ? 449  GLU A CA  1 
ATOM   1594 C C   . GLU A 1 214 ? 4.309   -1.895  6.492   1.00 58.09  ? 449  GLU A C   1 
ATOM   1595 O O   . GLU A 1 214 ? 4.712   -1.359  7.516   1.00 57.57  ? 449  GLU A O   1 
ATOM   1596 C CB  . GLU A 1 214 ? 2.165   -2.432  7.565   1.00 61.17  ? 449  GLU A CB  1 
ATOM   1597 C CG  . GLU A 1 214 ? 1.383   -1.210  7.057   1.00 64.60  ? 449  GLU A CG  1 
ATOM   1598 C CD  . GLU A 1 214 ? 0.742   -0.372  8.163   1.00 66.69  ? 449  GLU A CD  1 
ATOM   1599 O OE1 . GLU A 1 214 ? 0.154   -0.939  9.112   1.00 67.24  ? 449  GLU A OE1 1 
ATOM   1600 O OE2 . GLU A 1 214 ? 0.822   0.870   8.072   1.00 68.00  ? 449  GLU A OE2 1 
ATOM   1601 N N   . LEU A 1 215 ? 4.805   -1.624  5.292   1.00 59.23  ? 450  LEU A N   1 
ATOM   1602 C CA  . LEU A 1 215 ? 5.875   -0.646  5.117   1.00 60.54  ? 450  LEU A CA  1 
ATOM   1603 C C   . LEU A 1 215 ? 5.292   0.759   5.188   1.00 62.33  ? 450  LEU A C   1 
ATOM   1604 O O   . LEU A 1 215 ? 4.294   1.058   4.533   1.00 63.09  ? 450  LEU A O   1 
ATOM   1605 C CB  . LEU A 1 215 ? 6.575   -0.857  3.775   1.00 58.12  ? 450  LEU A CB  1 
ATOM   1606 C CG  . LEU A 1 215 ? 6.911   -2.318  3.486   1.00 57.17  ? 450  LEU A CG  1 
ATOM   1607 C CD1 . LEU A 1 215 ? 7.846   -2.384  2.297   1.00 56.78  ? 450  LEU A CD1 1 
ATOM   1608 C CD2 . LEU A 1 215 ? 7.541   -2.965  4.710   1.00 55.93  ? 450  LEU A CD2 1 
ATOM   1609 N N   . ILE A 1 216 ? 5.927   1.619   5.979   1.00 63.71  ? 451  ILE A N   1 
ATOM   1610 C CA  . ILE A 1 216 ? 5.454   2.983   6.160   1.00 66.01  ? 451  ILE A CA  1 
ATOM   1611 C C   . ILE A 1 216 ? 6.602   3.977   6.103   1.00 68.03  ? 451  ILE A C   1 
ATOM   1612 O O   . ILE A 1 216 ? 7.495   3.933   6.944   1.00 68.58  ? 451  ILE A O   1 
ATOM   1613 C CB  . ILE A 1 216 ? 4.793   3.140   7.538   1.00 65.11  ? 451  ILE A CB  1 
ATOM   1614 C CG1 . ILE A 1 216 ? 3.753   2.037   7.754   1.00 64.56  ? 451  ILE A CG1 1 
ATOM   1615 C CG2 . ILE A 1 216 ? 4.178   4.518   7.655   1.00 65.42  ? 451  ILE A CG2 1 
ATOM   1616 C CD1 . ILE A 1 216 ? 3.273   1.920   9.189   1.00 62.57  ? 451  ILE A CD1 1 
ATOM   1617 N N   . SER A 1 217 ? 6.595   4.882   5.132   1.00 70.79  ? 452  SER A N   1 
ATOM   1618 C CA  . SER A 1 217 ? 7.673   5.853   5.081   1.00 74.07  ? 452  SER A CA  1 
ATOM   1619 C C   . SER A 1 217 ? 7.640   6.628   6.377   1.00 76.91  ? 452  SER A C   1 
ATOM   1620 O O   . SER A 1 217 ? 6.586   6.820   6.966   1.00 77.54  ? 452  SER A O   1 
ATOM   1621 C CB  . SER A 1 217 ? 7.522   6.786   3.890   1.00 72.77  ? 452  SER A CB  1 
ATOM   1622 O OG  . SER A 1 217 ? 8.098   6.179   2.750   1.00 73.40  ? 452  SER A OG  1 
ATOM   1623 N N   . ARG A 1 218 ? 8.804   7.051   6.842   1.00 81.21  ? 453  ARG A N   1 
ATOM   1624 C CA  . ARG A 1 218 ? 8.873   7.787   8.089   1.00 85.62  ? 453  ARG A CA  1 
ATOM   1625 C C   . ARG A 1 218 ? 10.259  8.385   8.253   1.00 87.33  ? 453  ARG A C   1 
ATOM   1626 O O   . ARG A 1 218 ? 10.627  9.324   7.540   1.00 87.78  ? 453  ARG A O   1 
ATOM   1627 C CB  . ARG A 1 218 ? 8.566   6.848   9.253   1.00 88.11  ? 453  ARG A CB  1 
ATOM   1628 C CG  . ARG A 1 218 ? 8.618   7.502   10.626  1.00 93.17  ? 453  ARG A CG  1 
ATOM   1629 C CD  . ARG A 1 218 ? 8.327   6.475   11.719  1.00 97.40  ? 453  ARG A CD  1 
ATOM   1630 N NE  . ARG A 1 218 ? 8.314   7.048   13.067  1.00 100.87 ? 453  ARG A NE  1 
ATOM   1631 C CZ  . ARG A 1 218 ? 7.941   6.383   14.163  1.00 102.86 ? 453  ARG A CZ  1 
ATOM   1632 N NH1 . ARG A 1 218 ? 7.547   5.115   14.081  1.00 103.02 ? 453  ARG A NH1 1 
ATOM   1633 N NH2 . ARG A 1 218 ? 7.956   6.985   15.348  1.00 104.22 ? 453  ARG A NH2 1 
ATOM   1634 N N   . GLY A 1 219 ? 11.022  7.828   9.189   1.00 88.96  ? 454  GLY A N   1 
ATOM   1635 C CA  . GLY A 1 219 ? 12.370  8.305   9.449   1.00 91.15  ? 454  GLY A CA  1 
ATOM   1636 C C   . GLY A 1 219 ? 12.532  9.817   9.447   1.00 92.72  ? 454  GLY A C   1 
ATOM   1637 O O   . GLY A 1 219 ? 13.325  10.327  8.615   1.00 93.30  ? 454  GLY A O   1 
ATOM   1638 O OXT . GLY A 1 219 ? 11.868  10.494  10.272  1.00 93.97  ? 454  GLY A OXT 1 
HETATM 1639 C C1  . IPA B 2 .   ? -0.113  13.961  6.021   1.00 77.60  ? 6001 IPA A C1  1 
HETATM 1640 C C2  . IPA B 2 .   ? 0.775   14.104  4.902   1.00 78.32  ? 6001 IPA A C2  1 
HETATM 1641 C C3  . IPA B 2 .   ? 0.395   13.171  3.811   1.00 77.85  ? 6001 IPA A C3  1 
HETATM 1642 O O2  . IPA B 2 .   ? 0.722   15.484  4.494   1.00 77.20  ? 6001 IPA A O2  1 
HETATM 1643 O O   . HOH C 3 .   ? 13.087  1.300   12.345  1.00 85.76  ? 1001 HOH A O   1 
HETATM 1644 O O   . HOH C 3 .   ? -7.825  13.486  -1.980  1.00 46.09  ? 1002 HOH A O   1 
HETATM 1645 O O   . HOH C 3 .   ? 1.667   18.625  -7.917  1.00 43.75  ? 1003 HOH A O   1 
HETATM 1646 O O   . HOH C 3 .   ? -4.764  5.932   -7.246  1.00 66.62  ? 1004 HOH A O   1 
HETATM 1647 O O   . HOH C 3 .   ? 4.585   -10.080 -15.307 1.00 42.97  ? 1005 HOH A O   1 
HETATM 1648 O O   . HOH C 3 .   ? 1.976   -17.322 -17.498 1.00 77.44  ? 1006 HOH A O   1 
HETATM 1649 O O   . HOH C 3 .   ? -8.306  32.599  0.230   1.00 45.97  ? 1007 HOH A O   1 
HETATM 1650 O O   . HOH C 3 .   ? -0.097  22.256  -13.316 1.00 52.99  ? 1008 HOH A O   1 
HETATM 1651 O O   . HOH C 3 .   ? 18.890  1.006   0.933   1.00 51.02  ? 1009 HOH A O   1 
HETATM 1652 O O   . HOH C 3 .   ? 18.149  -3.632  -2.842  1.00 56.42  ? 1010 HOH A O   1 
HETATM 1653 O O   . HOH C 3 .   ? 16.883  -12.680 6.831   1.00 56.02  ? 1011 HOH A O   1 
HETATM 1654 O O   . HOH C 3 .   ? -4.987  -23.363 -3.092  1.00 78.94  ? 1012 HOH A O   1 
HETATM 1655 O O   . HOH C 3 .   ? -8.600  -19.458 0.106   1.00 59.14  ? 1013 HOH A O   1 
HETATM 1656 O O   . HOH C 3 .   ? -7.673  -11.049 11.832  1.00 51.49  ? 1014 HOH A O   1 
HETATM 1657 O O   . HOH C 3 .   ? -7.613  -6.244  0.949   1.00 43.07  ? 1015 HOH A O   1 
HETATM 1658 O O   . HOH C 3 .   ? -9.312  8.753   -3.157  1.00 54.62  ? 1016 HOH A O   1 
HETATM 1659 O O   . HOH C 3 .   ? -5.982  9.857   2.188   1.00 56.91  ? 1017 HOH A O   1 
HETATM 1660 O O   . HOH C 3 .   ? -12.517 10.575  -2.800  1.00 63.76  ? 1018 HOH A O   1 
HETATM 1661 O O   . HOH C 3 .   ? -11.973 -22.413 3.041   1.00 51.05  ? 1019 HOH A O   1 
HETATM 1662 O O   . HOH C 3 .   ? -7.789  -13.766 11.889  1.00 53.16  ? 1020 HOH A O   1 
HETATM 1663 O O   . HOH C 3 .   ? -2.005  21.718  14.548  1.00 43.13  ? 1021 HOH A O   1 
HETATM 1664 O O   . HOH C 3 .   ? -1.202  14.331  13.427  1.00 57.63  ? 1022 HOH A O   1 
HETATM 1665 O O   . HOH C 3 .   ? 9.208   12.395  10.103  1.00 52.23  ? 1023 HOH A O   1 
# 
loop_
_pdbx_poly_seq_scheme.asym_id 
_pdbx_poly_seq_scheme.entity_id 
_pdbx_poly_seq_scheme.seq_id 
_pdbx_poly_seq_scheme.mon_id 
_pdbx_poly_seq_scheme.ndb_seq_num 
_pdbx_poly_seq_scheme.pdb_seq_num 
_pdbx_poly_seq_scheme.auth_seq_num 
_pdbx_poly_seq_scheme.pdb_mon_id 
_pdbx_poly_seq_scheme.auth_mon_id 
_pdbx_poly_seq_scheme.pdb_strand_id 
_pdbx_poly_seq_scheme.pdb_ins_code 
_pdbx_poly_seq_scheme.hetero 
A 1 1   MET 1   236 ?   ?   ?   A . n 
A 1 2   GLY 2   237 ?   ?   ?   A . n 
A 1 3   SER 3   238 ?   ?   ?   A . n 
A 1 4   SER 4   239 ?   ?   ?   A . n 
A 1 5   HIS 5   240 ?   ?   ?   A . n 
A 1 6   HIS 6   241 ?   ?   ?   A . n 
A 1 7   HIS 7   242 ?   ?   ?   A . n 
A 1 8   HIS 8   243 ?   ?   ?   A . n 
A 1 9   HIS 9   244 ?   ?   ?   A . n 
A 1 10  HIS 10  245 ?   ?   ?   A . n 
A 1 11  SER 11  246 ?   ?   ?   A . n 
A 1 12  SER 12  247 ?   ?   ?   A . n 
A 1 13  GLY 13  248 ?   ?   ?   A . n 
A 1 14  LEU 14  249 ?   ?   ?   A . n 
A 1 15  VAL 15  250 ?   ?   ?   A . n 
A 1 16  PRO 16  251 ?   ?   ?   A . n 
A 1 17  ARG 17  252 ?   ?   ?   A . n 
A 1 18  GLY 18  253 ?   ?   ?   A . n 
A 1 19  SER 19  254 ?   ?   ?   A . n 
A 1 20  HIS 20  255 ?   ?   ?   A . n 
A 1 21  MET 21  256 ?   ?   ?   A . n 
A 1 22  LYS 22  257 ?   ?   ?   A . n 
A 1 23  HIS 23  258 258 HIS HIS A . n 
A 1 24  LEU 24  259 259 LEU LEU A . n 
A 1 25  ALA 25  260 260 ALA ALA A . n 
A 1 26  LYS 26  261 261 LYS LYS A . n 
A 1 27  TYR 27  262 262 TYR TYR A . n 
A 1 28  THR 28  263 263 THR THR A . n 
A 1 29  ILE 29  264 264 ILE ILE A . n 
A 1 30  LYS 30  265 265 LYS LYS A . n 
A 1 31  ARG 31  266 266 ARG ARG A . n 
A 1 32  ILE 32  267 267 ILE ILE A . n 
A 1 33  PHE 33  268 268 PHE PHE A . n 
A 1 34  VAL 34  269 269 VAL VAL A . n 
A 1 35  PRO 35  270 270 PRO PRO A . n 
A 1 36  LEU 36  271 271 LEU LEU A . n 
A 1 37  ALA 37  272 272 ALA ALA A . n 
A 1 38  GLU 38  273 273 GLU GLU A . n 
A 1 39  ASP 39  274 274 ASP ASP A . n 
A 1 40  GLU 40  275 275 GLU GLU A . n 
A 1 41  ARG 41  276 276 ARG ARG A . n 
A 1 42  VAL 42  277 277 VAL VAL A . n 
A 1 43  GLU 43  278 278 GLU GLU A . n 
A 1 44  TYR 44  279 279 TYR TYR A . n 
A 1 45  GLU 45  280 280 GLU GLU A . n 
A 1 46  LYS 46  281 281 LYS LYS A . n 
A 1 47  ARG 47  282 282 ARG ARG A . n 
A 1 48  GLU 48  283 283 GLU GLU A . n 
A 1 49  LYS 49  284 284 LYS LYS A . n 
A 1 50  VAL 50  285 285 VAL VAL A . n 
A 1 51  TYR 51  286 286 TYR TYR A . n 
A 1 52  LYS 52  287 287 LYS LYS A . n 
A 1 53  GLN 53  288 288 GLN GLN A . n 
A 1 54  PHE 54  289 289 PHE PHE A . n 
A 1 55  LEU 55  290 290 LEU LEU A . n 
A 1 56  ARG 56  291 291 ARG ARG A . n 
A 1 57  ALA 57  292 292 ALA ALA A . n 
A 1 58  ARG 58  293 293 ARG ARG A . n 
A 1 59  GLY 59  294 294 GLY GLY A . n 
A 1 60  ILE 60  295 295 ILE ILE A . n 
A 1 61  THR 61  296 296 THR THR A . n 
A 1 62  LEU 62  297 297 LEU LEU A . n 
A 1 63  ARG 63  298 298 ARG ARG A . n 
A 1 64  ARG 64  299 299 ARG ARG A . n 
A 1 65  ALA 65  300 300 ALA ALA A . n 
A 1 66  GLU 66  301 301 GLU GLU A . n 
A 1 67  ASP 67  302 302 ASP ASP A . n 
A 1 68  PHE 68  303 303 PHE PHE A . n 
A 1 69  ASN 69  304 304 ASN ASN A . n 
A 1 70  LYS 70  305 305 LYS LYS A . n 
A 1 71  ILE 71  306 306 ILE ILE A . n 
A 1 72  VAL 72  307 307 VAL VAL A . n 
A 1 73  MET 73  308 308 MET MET A . n 
A 1 74  ALA 74  309 309 ALA ALA A . n 
A 1 75  SER 75  310 310 SER SER A . n 
A 1 76  GLY 76  311 311 GLY GLY A . n 
A 1 77  TYR 77  312 312 TYR TYR A . n 
A 1 78  ASP 78  313 313 ASP ASP A . n 
A 1 79  GLU 79  314 314 GLU GLU A . n 
A 1 80  ARG 80  315 315 ARG ARG A . n 
A 1 81  ALA 81  316 316 ALA ALA A . n 
A 1 82  TYR 82  317 317 TYR TYR A . n 
A 1 83  GLU 83  318 318 GLU GLU A . n 
A 1 84  ALA 84  319 319 ALA ALA A . n 
A 1 85  LEU 85  320 320 LEU LEU A . n 
A 1 86  ARG 86  321 321 ARG ARG A . n 
A 1 87  ALA 87  322 322 ALA ALA A . n 
A 1 88  TRP 88  323 323 TRP TRP A . n 
A 1 89  GLU 89  324 324 GLU GLU A . n 
A 1 90  GLU 90  325 325 GLU GLU A . n 
A 1 91  ALA 91  326 326 ALA ALA A . n 
A 1 92  ARG 92  327 327 ARG ARG A . n 
A 1 93  ARG 93  328 328 ARG ARG A . n 
A 1 94  ILE 94  329 329 ILE ILE A . n 
A 1 95  ALA 95  330 330 ALA ALA A . n 
A 1 96  PHE 96  331 331 PHE PHE A . n 
A 1 97  ASN 97  332 332 ASN ASN A . n 
A 1 98  SER 98  333 333 SER SER A . n 
A 1 99  LYS 99  334 334 LYS LYS A . n 
A 1 100 ASN 100 335 335 ASN ASN A . n 
A 1 101 LYS 101 336 336 LYS LYS A . n 
A 1 102 ILE 102 337 337 ILE ILE A . n 
A 1 103 ARG 103 338 338 ARG ARG A . n 
A 1 104 LYS 104 339 339 LYS LYS A . n 
A 1 105 LEU 105 340 340 LEU LEU A . n 
A 1 106 ARG 106 341 341 ARG ARG A . n 
A 1 107 GLU 107 342 342 GLU GLU A . n 
A 1 108 ILE 108 343 343 ILE ILE A . n 
A 1 109 LEU 109 344 344 LEU LEU A . n 
A 1 110 GLU 110 345 345 GLU GLU A . n 
A 1 111 ARG 111 346 346 ARG ARG A . n 
A 1 112 HIS 112 347 347 HIS HIS A . n 
A 1 113 ARG 113 348 348 ARG ARG A . n 
A 1 114 LYS 114 349 349 LYS LYS A . n 
A 1 115 ASP 115 350 350 ASP ASP A . n 
A 1 116 LYS 116 351 351 LYS LYS A . n 
A 1 117 ILE 117 352 352 ILE ILE A . n 
A 1 118 ILE 118 353 353 ILE ILE A . n 
A 1 119 ILE 119 354 354 ILE ILE A . n 
A 1 120 PHE 120 355 355 PHE PHE A . n 
A 1 121 THR 121 356 356 THR THR A . n 
A 1 122 ARG 122 357 357 ARG ARG A . n 
A 1 123 HIS 123 358 358 HIS HIS A . n 
A 1 124 ASN 124 359 359 ASN ASN A . n 
A 1 125 GLU 125 360 360 GLU GLU A . n 
A 1 126 LEU 126 361 361 LEU LEU A . n 
A 1 127 VAL 127 362 362 VAL VAL A . n 
A 1 128 TYR 128 363 363 TYR TYR A . n 
A 1 129 ARG 129 364 364 ARG ARG A . n 
A 1 130 ILE 130 365 365 ILE ILE A . n 
A 1 131 SER 131 366 366 SER SER A . n 
A 1 132 LYS 132 367 367 LYS LYS A . n 
A 1 133 VAL 133 368 368 VAL VAL A . n 
A 1 134 PHE 134 369 369 PHE PHE A . n 
A 1 135 LEU 135 370 370 LEU LEU A . n 
A 1 136 ILE 136 371 371 ILE ILE A . n 
A 1 137 PRO 137 372 372 PRO PRO A . n 
A 1 138 ALA 138 373 373 ALA ALA A . n 
A 1 139 ILE 139 374 374 ILE ILE A . n 
A 1 140 THR 140 375 375 THR THR A . n 
A 1 141 HIS 141 376 376 HIS HIS A . n 
A 1 142 ARG 142 377 377 ARG ARG A . n 
A 1 143 THR 143 378 378 THR THR A . n 
A 1 144 SER 144 379 379 SER SER A . n 
A 1 145 ARG 145 380 380 ARG ARG A . n 
A 1 146 GLU 146 381 381 GLU GLU A . n 
A 1 147 GLU 147 382 382 GLU GLU A . n 
A 1 148 ARG 148 383 383 ARG ARG A . n 
A 1 149 GLU 149 384 384 GLU GLU A . n 
A 1 150 GLU 150 385 385 GLU GLU A . n 
A 1 151 ILE 151 386 386 ILE ILE A . n 
A 1 152 LEU 152 387 387 LEU LEU A . n 
A 1 153 GLU 153 388 388 GLU GLU A . n 
A 1 154 GLY 154 389 389 GLY GLY A . n 
A 1 155 PHE 155 390 390 PHE PHE A . n 
A 1 156 ARG 156 391 391 ARG ARG A . n 
A 1 157 THR 157 392 392 THR THR A . n 
A 1 158 GLY 158 393 393 GLY GLY A . n 
A 1 159 ARG 159 394 394 ARG ARG A . n 
A 1 160 PHE 160 395 395 PHE PHE A . n 
A 1 161 ARG 161 396 396 ARG ARG A . n 
A 1 162 ALA 162 397 397 ALA ALA A . n 
A 1 163 ILE 163 398 398 ILE ILE A . n 
A 1 164 VAL 164 399 399 VAL VAL A . n 
A 1 165 SER 165 400 400 SER SER A . n 
A 1 166 SER 166 401 401 SER SER A . n 
A 1 167 GLN 167 402 402 GLN GLN A . n 
A 1 168 VAL 168 403 403 VAL VAL A . n 
A 1 169 LEU 169 404 404 LEU LEU A . n 
A 1 170 ASP 170 405 405 ASP ASP A . n 
A 1 171 GLU 171 406 406 GLU GLU A . n 
A 1 172 GLY 172 407 407 GLY GLY A . n 
A 1 173 ILE 173 408 408 ILE ILE A . n 
A 1 174 ASP 174 409 409 ASP ASP A . n 
A 1 175 VAL 175 410 410 VAL VAL A . n 
A 1 176 PRO 176 411 411 PRO PRO A . n 
A 1 177 ASP 177 412 412 ASP ASP A . n 
A 1 178 ALA 178 413 413 ALA ALA A . n 
A 1 179 ASN 179 414 414 ASN ASN A . n 
A 1 180 VAL 180 415 415 VAL VAL A . n 
A 1 181 GLY 181 416 416 GLY GLY A . n 
A 1 182 VAL 182 417 417 VAL VAL A . n 
A 1 183 ILE 183 418 418 ILE ILE A . n 
A 1 184 MET 184 419 419 MET MET A . n 
A 1 185 SER 185 420 420 SER SER A . n 
A 1 186 GLY 186 421 421 GLY GLY A . n 
A 1 187 SER 187 422 422 SER SER A . n 
A 1 188 GLY 188 423 423 GLY GLY A . n 
A 1 189 SER 189 424 424 SER SER A . n 
A 1 190 ALA 190 425 425 ALA ALA A . n 
A 1 191 ARG 191 426 426 ARG ARG A . n 
A 1 192 GLU 192 427 427 GLU GLU A . n 
A 1 193 TYR 193 428 428 TYR TYR A . n 
A 1 194 ILE 194 429 429 ILE ILE A . n 
A 1 195 GLN 195 430 430 GLN GLN A . n 
A 1 196 ARG 196 431 431 ARG ARG A . n 
A 1 197 LEU 197 432 432 LEU LEU A . n 
A 1 198 GLY 198 433 433 GLY GLY A . n 
A 1 199 ARG 199 434 434 ARG ARG A . n 
A 1 200 ILE 200 435 435 ILE ILE A . n 
A 1 201 LEU 201 436 436 LEU LEU A . n 
A 1 202 ARG 202 437 437 ARG ARG A . n 
A 1 203 PRO 203 438 438 PRO PRO A . n 
A 1 204 SER 204 439 439 SER SER A . n 
A 1 205 LYS 205 440 440 LYS LYS A . n 
A 1 206 GLY 206 441 441 GLY GLY A . n 
A 1 207 LYS 207 442 442 LYS LYS A . n 
A 1 208 LYS 208 443 443 LYS LYS A . n 
A 1 209 GLU 209 444 444 GLU GLU A . n 
A 1 210 ALA 210 445 445 ALA ALA A . n 
A 1 211 VAL 211 446 446 VAL VAL A . n 
A 1 212 LEU 212 447 447 LEU LEU A . n 
A 1 213 TYR 213 448 448 TYR TYR A . n 
A 1 214 GLU 214 449 449 GLU GLU A . n 
A 1 215 LEU 215 450 450 LEU LEU A . n 
A 1 216 ILE 216 451 451 ILE ILE A . n 
A 1 217 SER 217 452 452 SER SER A . n 
A 1 218 ARG 218 453 453 ARG ARG A . n 
A 1 219 GLY 219 454 454 GLY GLY A . n 
# 
loop_
_pdbx_nonpoly_scheme.asym_id 
_pdbx_nonpoly_scheme.entity_id 
_pdbx_nonpoly_scheme.mon_id 
_pdbx_nonpoly_scheme.ndb_seq_num 
_pdbx_nonpoly_scheme.pdb_seq_num 
_pdbx_nonpoly_scheme.auth_seq_num 
_pdbx_nonpoly_scheme.pdb_mon_id 
_pdbx_nonpoly_scheme.auth_mon_id 
_pdbx_nonpoly_scheme.pdb_strand_id 
_pdbx_nonpoly_scheme.pdb_ins_code 
B 2 IPA 1  6001 6001 IPA IOH A . 
C 3 HOH 1  1001 1001 HOH WAT A . 
C 3 HOH 2  1002 1002 HOH WAT A . 
C 3 HOH 3  1003 1003 HOH WAT A . 
C 3 HOH 4  1004 1004 HOH WAT A . 
C 3 HOH 5  1005 1005 HOH WAT A . 
C 3 HOH 6  1006 1006 HOH WAT A . 
C 3 HOH 7  1007 1007 HOH WAT A . 
C 3 HOH 8  1008 1008 HOH WAT A . 
C 3 HOH 9  1009 1009 HOH WAT A . 
C 3 HOH 10 1010 1010 HOH WAT A . 
C 3 HOH 11 1011 1011 HOH WAT A . 
C 3 HOH 12 1012 1012 HOH WAT A . 
C 3 HOH 13 1013 1013 HOH WAT A . 
C 3 HOH 14 1014 1014 HOH WAT A . 
C 3 HOH 15 1015 1015 HOH WAT A . 
C 3 HOH 16 1016 1016 HOH WAT A . 
C 3 HOH 17 1017 1017 HOH WAT A . 
C 3 HOH 18 1018 1018 HOH WAT A . 
C 3 HOH 19 1019 1019 HOH WAT A . 
C 3 HOH 20 1020 1020 HOH WAT A . 
C 3 HOH 21 1021 1021 HOH WAT A . 
C 3 HOH 22 1022 1022 HOH WAT A . 
C 3 HOH 23 1023 1023 HOH WAT A . 
# 
_pdbx_struct_assembly.id                   1 
_pdbx_struct_assembly.details              author_defined_assembly 
_pdbx_struct_assembly.method_details       ? 
_pdbx_struct_assembly.oligomeric_details   monomeric 
_pdbx_struct_assembly.oligomeric_count     1 
# 
_pdbx_struct_assembly_gen.assembly_id       1 
_pdbx_struct_assembly_gen.oper_expression   1 
_pdbx_struct_assembly_gen.asym_id_list      A,B,C 
# 
_pdbx_struct_oper_list.id                   1 
_pdbx_struct_oper_list.type                 'identity operation' 
_pdbx_struct_oper_list.name                 1_555 
_pdbx_struct_oper_list.symmetry_operation   x,y,z 
_pdbx_struct_oper_list.matrix[1][1]         1.0000000000 
_pdbx_struct_oper_list.matrix[1][2]         0.0000000000 
_pdbx_struct_oper_list.matrix[1][3]         0.0000000000 
_pdbx_struct_oper_list.vector[1]            0.0000000000 
_pdbx_struct_oper_list.matrix[2][1]         0.0000000000 
_pdbx_struct_oper_list.matrix[2][2]         1.0000000000 
_pdbx_struct_oper_list.matrix[2][3]         0.0000000000 
_pdbx_struct_oper_list.vector[2]            0.0000000000 
_pdbx_struct_oper_list.matrix[3][1]         0.0000000000 
_pdbx_struct_oper_list.matrix[3][2]         0.0000000000 
_pdbx_struct_oper_list.matrix[3][3]         1.0000000000 
_pdbx_struct_oper_list.vector[3]            0.0000000000 
# 
loop_
_pdbx_audit_revision_history.ordinal 
_pdbx_audit_revision_history.data_content_type 
_pdbx_audit_revision_history.major_revision 
_pdbx_audit_revision_history.minor_revision 
_pdbx_audit_revision_history.revision_date 
1 'Structure model' 1 0 2006-04-18 
2 'Structure model' 1 1 2008-05-01 
3 'Structure model' 1 2 2011-07-13 
4 'Structure model' 1 3 2017-10-18 
5 'Structure model' 1 4 2023-08-30 
# 
_pdbx_audit_revision_details.ordinal             1 
_pdbx_audit_revision_details.revision_ordinal    1 
_pdbx_audit_revision_details.data_content_type   'Structure model' 
_pdbx_audit_revision_details.provider            repository 
_pdbx_audit_revision_details.type                'Initial release' 
_pdbx_audit_revision_details.description         ? 
_pdbx_audit_revision_details.details             ? 
# 
loop_
_pdbx_audit_revision_group.ordinal 
_pdbx_audit_revision_group.revision_ordinal 
_pdbx_audit_revision_group.data_content_type 
_pdbx_audit_revision_group.group 
1 2 'Structure model' 'Version format compliance' 
2 3 'Structure model' 'Version format compliance' 
3 4 'Structure model' 'Refinement description'    
4 5 'Structure model' 'Data collection'           
5 5 'Structure model' 'Database references'       
6 5 'Structure model' 'Derived calculations'      
7 5 'Structure model' 'Refinement description'    
# 
loop_
_pdbx_audit_revision_category.ordinal 
_pdbx_audit_revision_category.revision_ordinal 
_pdbx_audit_revision_category.data_content_type 
_pdbx_audit_revision_category.category 
1 4 'Structure model' software                      
2 5 'Structure model' chem_comp_atom                
3 5 'Structure model' chem_comp_bond                
4 5 'Structure model' database_2                    
5 5 'Structure model' pdbx_initial_refinement_model 
6 5 'Structure model' struct_ref_seq_dif            
7 5 'Structure model' struct_site                   
# 
loop_
_pdbx_audit_revision_item.ordinal 
_pdbx_audit_revision_item.revision_ordinal 
_pdbx_audit_revision_item.data_content_type 
_pdbx_audit_revision_item.item 
1  4 'Structure model' '_software.classification'            
2  4 'Structure model' '_software.contact_author'            
3  4 'Structure model' '_software.contact_author_email'      
4  4 'Structure model' '_software.date'                      
5  4 'Structure model' '_software.language'                  
6  4 'Structure model' '_software.location'                  
7  4 'Structure model' '_software.name'                      
8  4 'Structure model' '_software.type'                      
9  4 'Structure model' '_software.version'                   
10 5 'Structure model' '_database_2.pdbx_DOI'                
11 5 'Structure model' '_database_2.pdbx_database_accession' 
12 5 'Structure model' '_struct_ref_seq_dif.details'         
13 5 'Structure model' '_struct_site.pdbx_auth_asym_id'      
14 5 'Structure model' '_struct_site.pdbx_auth_comp_id'      
15 5 'Structure model' '_struct_site.pdbx_auth_seq_id'       
# 
loop_
_software.name 
_software.version 
_software.date 
_software.type 
_software.contact_author 
_software.contact_author_email 
_software.classification 
_software.location 
_software.language 
_software.citation_id 
_software.pdbx_ordinal 
DENZO       .     ?              package 'Zbyszek Otwinowski' zbyszek@mix.swmed.edu    'data reduction'  
http://www.lnls.br/infra/linhasluz/denzo-hkl.htm ?          ? 1 
SCALEPACK   .     ?              package 'Zbyszek Otwinowski' zbyszek@mix.swmed.edu    'data scaling'    
http://www.lnls.br/infra/linhasluz/denzo-hkl.htm ?          ? 2 
CNS         1.1   ?              package 'Axel T. Brunger'    axel.brunger@yale.edu    refinement        
http://cns.csb.yale.edu/v1.1/                    Fortran_77 ? 3 
PDB_EXTRACT 1.701 'Nov. 1, 2005' package PDB                  sw-help@rcsb.rutgers.edu 'data extraction' 
http://pdb.rutgers.edu/software/                 C++        ? 4 
Blu-Ice     .     ?              ?       ?                    ?                        'data collection' ? ?          ? 5 
AMoRE       .     ?              ?       ?                    ?                        phasing           ? ?          ? 6 
# 
loop_
_pdbx_validate_torsion.id 
_pdbx_validate_torsion.PDB_model_num 
_pdbx_validate_torsion.auth_comp_id 
_pdbx_validate_torsion.auth_asym_id 
_pdbx_validate_torsion.auth_seq_id 
_pdbx_validate_torsion.PDB_ins_code 
_pdbx_validate_torsion.label_alt_id 
_pdbx_validate_torsion.phi 
_pdbx_validate_torsion.psi 
1  1 ALA A 260 ? ? -141.05 -5.17   
2  1 LYS A 261 ? ? -160.24 67.38   
3  1 GLU A 273 ? ? -58.38  -71.54  
4  1 GLU A 301 ? ? 53.05   -33.18  
5  1 LEU A 370 ? ? -61.22  62.48   
6  1 THR A 375 ? ? -123.47 -169.41 
7  1 HIS A 376 ? ? -90.43  54.24   
8  1 ARG A 377 ? ? -156.87 -99.73  
9  1 THR A 378 ? ? 38.24   -89.60  
10 1 SER A 379 ? ? 168.62  -155.35 
11 1 ARG A 383 ? ? -45.08  -71.21  
12 1 ARG A 391 ? ? -67.14  1.20    
13 1 ARG A 394 ? ? 64.62   -71.90  
14 1 VAL A 410 ? ? 56.25   128.40  
15 1 SER A 439 ? ? -51.99  170.52  
16 1 LYS A 442 ? ? 76.48   -44.97  
17 1 ALA A 445 ? ? -177.76 148.56  
18 1 ARG A 453 ? ? -168.91 -108.86 
# 
loop_
_pdbx_unobs_or_zero_occ_residues.id 
_pdbx_unobs_or_zero_occ_residues.PDB_model_num 
_pdbx_unobs_or_zero_occ_residues.polymer_flag 
_pdbx_unobs_or_zero_occ_residues.occupancy_flag 
_pdbx_unobs_or_zero_occ_residues.auth_asym_id 
_pdbx_unobs_or_zero_occ_residues.auth_comp_id 
_pdbx_unobs_or_zero_occ_residues.auth_seq_id 
_pdbx_unobs_or_zero_occ_residues.PDB_ins_code 
_pdbx_unobs_or_zero_occ_residues.label_asym_id 
_pdbx_unobs_or_zero_occ_residues.label_comp_id 
_pdbx_unobs_or_zero_occ_residues.label_seq_id 
1  1 Y 1 A MET 236 ? A MET 1  
2  1 Y 1 A GLY 237 ? A GLY 2  
3  1 Y 1 A SER 238 ? A SER 3  
4  1 Y 1 A SER 239 ? A SER 4  
5  1 Y 1 A HIS 240 ? A HIS 5  
6  1 Y 1 A HIS 241 ? A HIS 6  
7  1 Y 1 A HIS 242 ? A HIS 7  
8  1 Y 1 A HIS 243 ? A HIS 8  
9  1 Y 1 A HIS 244 ? A HIS 9  
10 1 Y 1 A HIS 245 ? A HIS 10 
11 1 Y 1 A SER 246 ? A SER 11 
12 1 Y 1 A SER 247 ? A SER 12 
13 1 Y 1 A GLY 248 ? A GLY 13 
14 1 Y 1 A LEU 249 ? A LEU 14 
15 1 Y 1 A VAL 250 ? A VAL 15 
16 1 Y 1 A PRO 251 ? A PRO 16 
17 1 Y 1 A ARG 252 ? A ARG 17 
18 1 Y 1 A GLY 253 ? A GLY 18 
19 1 Y 1 A SER 254 ? A SER 19 
20 1 Y 1 A HIS 255 ? A HIS 20 
21 1 Y 1 A MET 256 ? A MET 21 
22 1 Y 1 A LYS 257 ? A LYS 22 
# 
loop_
_chem_comp_atom.comp_id 
_chem_comp_atom.atom_id 
_chem_comp_atom.type_symbol 
_chem_comp_atom.pdbx_aromatic_flag 
_chem_comp_atom.pdbx_stereo_config 
_chem_comp_atom.pdbx_ordinal 
ALA N    N N N 1   
ALA CA   C N S 2   
ALA C    C N N 3   
ALA O    O N N 4   
ALA CB   C N N 5   
ALA OXT  O N N 6   
ALA H    H N N 7   
ALA H2   H N N 8   
ALA HA   H N N 9   
ALA HB1  H N N 10  
ALA HB2  H N N 11  
ALA HB3  H N N 12  
ALA HXT  H N N 13  
ARG N    N N N 14  
ARG CA   C N S 15  
ARG C    C N N 16  
ARG O    O N N 17  
ARG CB   C N N 18  
ARG CG   C N N 19  
ARG CD   C N N 20  
ARG NE   N N N 21  
ARG CZ   C N N 22  
ARG NH1  N N N 23  
ARG NH2  N N N 24  
ARG OXT  O N N 25  
ARG H    H N N 26  
ARG H2   H N N 27  
ARG HA   H N N 28  
ARG HB2  H N N 29  
ARG HB3  H N N 30  
ARG HG2  H N N 31  
ARG HG3  H N N 32  
ARG HD2  H N N 33  
ARG HD3  H N N 34  
ARG HE   H N N 35  
ARG HH11 H N N 36  
ARG HH12 H N N 37  
ARG HH21 H N N 38  
ARG HH22 H N N 39  
ARG HXT  H N N 40  
ASN N    N N N 41  
ASN CA   C N S 42  
ASN C    C N N 43  
ASN O    O N N 44  
ASN CB   C N N 45  
ASN CG   C N N 46  
ASN OD1  O N N 47  
ASN ND2  N N N 48  
ASN OXT  O N N 49  
ASN H    H N N 50  
ASN H2   H N N 51  
ASN HA   H N N 52  
ASN HB2  H N N 53  
ASN HB3  H N N 54  
ASN HD21 H N N 55  
ASN HD22 H N N 56  
ASN HXT  H N N 57  
ASP N    N N N 58  
ASP CA   C N S 59  
ASP C    C N N 60  
ASP O    O N N 61  
ASP CB   C N N 62  
ASP CG   C N N 63  
ASP OD1  O N N 64  
ASP OD2  O N N 65  
ASP OXT  O N N 66  
ASP H    H N N 67  
ASP H2   H N N 68  
ASP HA   H N N 69  
ASP HB2  H N N 70  
ASP HB3  H N N 71  
ASP HD2  H N N 72  
ASP HXT  H N N 73  
GLN N    N N N 74  
GLN CA   C N S 75  
GLN C    C N N 76  
GLN O    O N N 77  
GLN CB   C N N 78  
GLN CG   C N N 79  
GLN CD   C N N 80  
GLN OE1  O N N 81  
GLN NE2  N N N 82  
GLN OXT  O N N 83  
GLN H    H N N 84  
GLN H2   H N N 85  
GLN HA   H N N 86  
GLN HB2  H N N 87  
GLN HB3  H N N 88  
GLN HG2  H N N 89  
GLN HG3  H N N 90  
GLN HE21 H N N 91  
GLN HE22 H N N 92  
GLN HXT  H N N 93  
GLU N    N N N 94  
GLU CA   C N S 95  
GLU C    C N N 96  
GLU O    O N N 97  
GLU CB   C N N 98  
GLU CG   C N N 99  
GLU CD   C N N 100 
GLU OE1  O N N 101 
GLU OE2  O N N 102 
GLU OXT  O N N 103 
GLU H    H N N 104 
GLU H2   H N N 105 
GLU HA   H N N 106 
GLU HB2  H N N 107 
GLU HB3  H N N 108 
GLU HG2  H N N 109 
GLU HG3  H N N 110 
GLU HE2  H N N 111 
GLU HXT  H N N 112 
GLY N    N N N 113 
GLY CA   C N N 114 
GLY C    C N N 115 
GLY O    O N N 116 
GLY OXT  O N N 117 
GLY H    H N N 118 
GLY H2   H N N 119 
GLY HA2  H N N 120 
GLY HA3  H N N 121 
GLY HXT  H N N 122 
HIS N    N N N 123 
HIS CA   C N S 124 
HIS C    C N N 125 
HIS O    O N N 126 
HIS CB   C N N 127 
HIS CG   C Y N 128 
HIS ND1  N Y N 129 
HIS CD2  C Y N 130 
HIS CE1  C Y N 131 
HIS NE2  N Y N 132 
HIS OXT  O N N 133 
HIS H    H N N 134 
HIS H2   H N N 135 
HIS HA   H N N 136 
HIS HB2  H N N 137 
HIS HB3  H N N 138 
HIS HD1  H N N 139 
HIS HD2  H N N 140 
HIS HE1  H N N 141 
HIS HE2  H N N 142 
HIS HXT  H N N 143 
HOH O    O N N 144 
HOH H1   H N N 145 
HOH H2   H N N 146 
ILE N    N N N 147 
ILE CA   C N S 148 
ILE C    C N N 149 
ILE O    O N N 150 
ILE CB   C N S 151 
ILE CG1  C N N 152 
ILE CG2  C N N 153 
ILE CD1  C N N 154 
ILE OXT  O N N 155 
ILE H    H N N 156 
ILE H2   H N N 157 
ILE HA   H N N 158 
ILE HB   H N N 159 
ILE HG12 H N N 160 
ILE HG13 H N N 161 
ILE HG21 H N N 162 
ILE HG22 H N N 163 
ILE HG23 H N N 164 
ILE HD11 H N N 165 
ILE HD12 H N N 166 
ILE HD13 H N N 167 
ILE HXT  H N N 168 
IPA C1   C N N 169 
IPA C2   C N N 170 
IPA C3   C N N 171 
IPA O2   O N N 172 
IPA H11  H N N 173 
IPA H12  H N N 174 
IPA H13  H N N 175 
IPA H2   H N N 176 
IPA H31  H N N 177 
IPA H32  H N N 178 
IPA H33  H N N 179 
IPA HO2  H N N 180 
LEU N    N N N 181 
LEU CA   C N S 182 
LEU C    C N N 183 
LEU O    O N N 184 
LEU CB   C N N 185 
LEU CG   C N N 186 
LEU CD1  C N N 187 
LEU CD2  C N N 188 
LEU OXT  O N N 189 
LEU H    H N N 190 
LEU H2   H N N 191 
LEU HA   H N N 192 
LEU HB2  H N N 193 
LEU HB3  H N N 194 
LEU HG   H N N 195 
LEU HD11 H N N 196 
LEU HD12 H N N 197 
LEU HD13 H N N 198 
LEU HD21 H N N 199 
LEU HD22 H N N 200 
LEU HD23 H N N 201 
LEU HXT  H N N 202 
LYS N    N N N 203 
LYS CA   C N S 204 
LYS C    C N N 205 
LYS O    O N N 206 
LYS CB   C N N 207 
LYS CG   C N N 208 
LYS CD   C N N 209 
LYS CE   C N N 210 
LYS NZ   N N N 211 
LYS OXT  O N N 212 
LYS H    H N N 213 
LYS H2   H N N 214 
LYS HA   H N N 215 
LYS HB2  H N N 216 
LYS HB3  H N N 217 
LYS HG2  H N N 218 
LYS HG3  H N N 219 
LYS HD2  H N N 220 
LYS HD3  H N N 221 
LYS HE2  H N N 222 
LYS HE3  H N N 223 
LYS HZ1  H N N 224 
LYS HZ2  H N N 225 
LYS HZ3  H N N 226 
LYS HXT  H N N 227 
MET N    N N N 228 
MET CA   C N S 229 
MET C    C N N 230 
MET O    O N N 231 
MET CB   C N N 232 
MET CG   C N N 233 
MET SD   S N N 234 
MET CE   C N N 235 
MET OXT  O N N 236 
MET H    H N N 237 
MET H2   H N N 238 
MET HA   H N N 239 
MET HB2  H N N 240 
MET HB3  H N N 241 
MET HG2  H N N 242 
MET HG3  H N N 243 
MET HE1  H N N 244 
MET HE2  H N N 245 
MET HE3  H N N 246 
MET HXT  H N N 247 
PHE N    N N N 248 
PHE CA   C N S 249 
PHE C    C N N 250 
PHE O    O N N 251 
PHE CB   C N N 252 
PHE CG   C Y N 253 
PHE CD1  C Y N 254 
PHE CD2  C Y N 255 
PHE CE1  C Y N 256 
PHE CE2  C Y N 257 
PHE CZ   C Y N 258 
PHE OXT  O N N 259 
PHE H    H N N 260 
PHE H2   H N N 261 
PHE HA   H N N 262 
PHE HB2  H N N 263 
PHE HB3  H N N 264 
PHE HD1  H N N 265 
PHE HD2  H N N 266 
PHE HE1  H N N 267 
PHE HE2  H N N 268 
PHE HZ   H N N 269 
PHE HXT  H N N 270 
PRO N    N N N 271 
PRO CA   C N S 272 
PRO C    C N N 273 
PRO O    O N N 274 
PRO CB   C N N 275 
PRO CG   C N N 276 
PRO CD   C N N 277 
PRO OXT  O N N 278 
PRO H    H N N 279 
PRO HA   H N N 280 
PRO HB2  H N N 281 
PRO HB3  H N N 282 
PRO HG2  H N N 283 
PRO HG3  H N N 284 
PRO HD2  H N N 285 
PRO HD3  H N N 286 
PRO HXT  H N N 287 
SER N    N N N 288 
SER CA   C N S 289 
SER C    C N N 290 
SER O    O N N 291 
SER CB   C N N 292 
SER OG   O N N 293 
SER OXT  O N N 294 
SER H    H N N 295 
SER H2   H N N 296 
SER HA   H N N 297 
SER HB2  H N N 298 
SER HB3  H N N 299 
SER HG   H N N 300 
SER HXT  H N N 301 
THR N    N N N 302 
THR CA   C N S 303 
THR C    C N N 304 
THR O    O N N 305 
THR CB   C N R 306 
THR OG1  O N N 307 
THR CG2  C N N 308 
THR OXT  O N N 309 
THR H    H N N 310 
THR H2   H N N 311 
THR HA   H N N 312 
THR HB   H N N 313 
THR HG1  H N N 314 
THR HG21 H N N 315 
THR HG22 H N N 316 
THR HG23 H N N 317 
THR HXT  H N N 318 
TRP N    N N N 319 
TRP CA   C N S 320 
TRP C    C N N 321 
TRP O    O N N 322 
TRP CB   C N N 323 
TRP CG   C Y N 324 
TRP CD1  C Y N 325 
TRP CD2  C Y N 326 
TRP NE1  N Y N 327 
TRP CE2  C Y N 328 
TRP CE3  C Y N 329 
TRP CZ2  C Y N 330 
TRP CZ3  C Y N 331 
TRP CH2  C Y N 332 
TRP OXT  O N N 333 
TRP H    H N N 334 
TRP H2   H N N 335 
TRP HA   H N N 336 
TRP HB2  H N N 337 
TRP HB3  H N N 338 
TRP HD1  H N N 339 
TRP HE1  H N N 340 
TRP HE3  H N N 341 
TRP HZ2  H N N 342 
TRP HZ3  H N N 343 
TRP HH2  H N N 344 
TRP HXT  H N N 345 
TYR N    N N N 346 
TYR CA   C N S 347 
TYR C    C N N 348 
TYR O    O N N 349 
TYR CB   C N N 350 
TYR CG   C Y N 351 
TYR CD1  C Y N 352 
TYR CD2  C Y N 353 
TYR CE1  C Y N 354 
TYR CE2  C Y N 355 
TYR CZ   C Y N 356 
TYR OH   O N N 357 
TYR OXT  O N N 358 
TYR H    H N N 359 
TYR H2   H N N 360 
TYR HA   H N N 361 
TYR HB2  H N N 362 
TYR HB3  H N N 363 
TYR HD1  H N N 364 
TYR HD2  H N N 365 
TYR HE1  H N N 366 
TYR HE2  H N N 367 
TYR HH   H N N 368 
TYR HXT  H N N 369 
VAL N    N N N 370 
VAL CA   C N S 371 
VAL C    C N N 372 
VAL O    O N N 373 
VAL CB   C N N 374 
VAL CG1  C N N 375 
VAL CG2  C N N 376 
VAL OXT  O N N 377 
VAL H    H N N 378 
VAL H2   H N N 379 
VAL HA   H N N 380 
VAL HB   H N N 381 
VAL HG11 H N N 382 
VAL HG12 H N N 383 
VAL HG13 H N N 384 
VAL HG21 H N N 385 
VAL HG22 H N N 386 
VAL HG23 H N N 387 
VAL HXT  H N N 388 
# 
loop_
_chem_comp_bond.comp_id 
_chem_comp_bond.atom_id_1 
_chem_comp_bond.atom_id_2 
_chem_comp_bond.value_order 
_chem_comp_bond.pdbx_aromatic_flag 
_chem_comp_bond.pdbx_stereo_config 
_chem_comp_bond.pdbx_ordinal 
ALA N   CA   sing N N 1   
ALA N   H    sing N N 2   
ALA N   H2   sing N N 3   
ALA CA  C    sing N N 4   
ALA CA  CB   sing N N 5   
ALA CA  HA   sing N N 6   
ALA C   O    doub N N 7   
ALA C   OXT  sing N N 8   
ALA CB  HB1  sing N N 9   
ALA CB  HB2  sing N N 10  
ALA CB  HB3  sing N N 11  
ALA OXT HXT  sing N N 12  
ARG N   CA   sing N N 13  
ARG N   H    sing N N 14  
ARG N   H2   sing N N 15  
ARG CA  C    sing N N 16  
ARG CA  CB   sing N N 17  
ARG CA  HA   sing N N 18  
ARG C   O    doub N N 19  
ARG C   OXT  sing N N 20  
ARG CB  CG   sing N N 21  
ARG CB  HB2  sing N N 22  
ARG CB  HB3  sing N N 23  
ARG CG  CD   sing N N 24  
ARG CG  HG2  sing N N 25  
ARG CG  HG3  sing N N 26  
ARG CD  NE   sing N N 27  
ARG CD  HD2  sing N N 28  
ARG CD  HD3  sing N N 29  
ARG NE  CZ   sing N N 30  
ARG NE  HE   sing N N 31  
ARG CZ  NH1  sing N N 32  
ARG CZ  NH2  doub N N 33  
ARG NH1 HH11 sing N N 34  
ARG NH1 HH12 sing N N 35  
ARG NH2 HH21 sing N N 36  
ARG NH2 HH22 sing N N 37  
ARG OXT HXT  sing N N 38  
ASN N   CA   sing N N 39  
ASN N   H    sing N N 40  
ASN N   H2   sing N N 41  
ASN CA  C    sing N N 42  
ASN CA  CB   sing N N 43  
ASN CA  HA   sing N N 44  
ASN C   O    doub N N 45  
ASN C   OXT  sing N N 46  
ASN CB  CG   sing N N 47  
ASN CB  HB2  sing N N 48  
ASN CB  HB3  sing N N 49  
ASN CG  OD1  doub N N 50  
ASN CG  ND2  sing N N 51  
ASN ND2 HD21 sing N N 52  
ASN ND2 HD22 sing N N 53  
ASN OXT HXT  sing N N 54  
ASP N   CA   sing N N 55  
ASP N   H    sing N N 56  
ASP N   H2   sing N N 57  
ASP CA  C    sing N N 58  
ASP CA  CB   sing N N 59  
ASP CA  HA   sing N N 60  
ASP C   O    doub N N 61  
ASP C   OXT  sing N N 62  
ASP CB  CG   sing N N 63  
ASP CB  HB2  sing N N 64  
ASP CB  HB3  sing N N 65  
ASP CG  OD1  doub N N 66  
ASP CG  OD2  sing N N 67  
ASP OD2 HD2  sing N N 68  
ASP OXT HXT  sing N N 69  
GLN N   CA   sing N N 70  
GLN N   H    sing N N 71  
GLN N   H2   sing N N 72  
GLN CA  C    sing N N 73  
GLN CA  CB   sing N N 74  
GLN CA  HA   sing N N 75  
GLN C   O    doub N N 76  
GLN C   OXT  sing N N 77  
GLN CB  CG   sing N N 78  
GLN CB  HB2  sing N N 79  
GLN CB  HB3  sing N N 80  
GLN CG  CD   sing N N 81  
GLN CG  HG2  sing N N 82  
GLN CG  HG3  sing N N 83  
GLN CD  OE1  doub N N 84  
GLN CD  NE2  sing N N 85  
GLN NE2 HE21 sing N N 86  
GLN NE2 HE22 sing N N 87  
GLN OXT HXT  sing N N 88  
GLU N   CA   sing N N 89  
GLU N   H    sing N N 90  
GLU N   H2   sing N N 91  
GLU CA  C    sing N N 92  
GLU CA  CB   sing N N 93  
GLU CA  HA   sing N N 94  
GLU C   O    doub N N 95  
GLU C   OXT  sing N N 96  
GLU CB  CG   sing N N 97  
GLU CB  HB2  sing N N 98  
GLU CB  HB3  sing N N 99  
GLU CG  CD   sing N N 100 
GLU CG  HG2  sing N N 101 
GLU CG  HG3  sing N N 102 
GLU CD  OE1  doub N N 103 
GLU CD  OE2  sing N N 104 
GLU OE2 HE2  sing N N 105 
GLU OXT HXT  sing N N 106 
GLY N   CA   sing N N 107 
GLY N   H    sing N N 108 
GLY N   H2   sing N N 109 
GLY CA  C    sing N N 110 
GLY CA  HA2  sing N N 111 
GLY CA  HA3  sing N N 112 
GLY C   O    doub N N 113 
GLY C   OXT  sing N N 114 
GLY OXT HXT  sing N N 115 
HIS N   CA   sing N N 116 
HIS N   H    sing N N 117 
HIS N   H2   sing N N 118 
HIS CA  C    sing N N 119 
HIS CA  CB   sing N N 120 
HIS CA  HA   sing N N 121 
HIS C   O    doub N N 122 
HIS C   OXT  sing N N 123 
HIS CB  CG   sing N N 124 
HIS CB  HB2  sing N N 125 
HIS CB  HB3  sing N N 126 
HIS CG  ND1  sing Y N 127 
HIS CG  CD2  doub Y N 128 
HIS ND1 CE1  doub Y N 129 
HIS ND1 HD1  sing N N 130 
HIS CD2 NE2  sing Y N 131 
HIS CD2 HD2  sing N N 132 
HIS CE1 NE2  sing Y N 133 
HIS CE1 HE1  sing N N 134 
HIS NE2 HE2  sing N N 135 
HIS OXT HXT  sing N N 136 
HOH O   H1   sing N N 137 
HOH O   H2   sing N N 138 
ILE N   CA   sing N N 139 
ILE N   H    sing N N 140 
ILE N   H2   sing N N 141 
ILE CA  C    sing N N 142 
ILE CA  CB   sing N N 143 
ILE CA  HA   sing N N 144 
ILE C   O    doub N N 145 
ILE C   OXT  sing N N 146 
ILE CB  CG1  sing N N 147 
ILE CB  CG2  sing N N 148 
ILE CB  HB   sing N N 149 
ILE CG1 CD1  sing N N 150 
ILE CG1 HG12 sing N N 151 
ILE CG1 HG13 sing N N 152 
ILE CG2 HG21 sing N N 153 
ILE CG2 HG22 sing N N 154 
ILE CG2 HG23 sing N N 155 
ILE CD1 HD11 sing N N 156 
ILE CD1 HD12 sing N N 157 
ILE CD1 HD13 sing N N 158 
ILE OXT HXT  sing N N 159 
IPA C1  C2   sing N N 160 
IPA C1  H11  sing N N 161 
IPA C1  H12  sing N N 162 
IPA C1  H13  sing N N 163 
IPA C2  C3   sing N N 164 
IPA C2  O2   sing N N 165 
IPA C2  H2   sing N N 166 
IPA C3  H31  sing N N 167 
IPA C3  H32  sing N N 168 
IPA C3  H33  sing N N 169 
IPA O2  HO2  sing N N 170 
LEU N   CA   sing N N 171 
LEU N   H    sing N N 172 
LEU N   H2   sing N N 173 
LEU CA  C    sing N N 174 
LEU CA  CB   sing N N 175 
LEU CA  HA   sing N N 176 
LEU C   O    doub N N 177 
LEU C   OXT  sing N N 178 
LEU CB  CG   sing N N 179 
LEU CB  HB2  sing N N 180 
LEU CB  HB3  sing N N 181 
LEU CG  CD1  sing N N 182 
LEU CG  CD2  sing N N 183 
LEU CG  HG   sing N N 184 
LEU CD1 HD11 sing N N 185 
LEU CD1 HD12 sing N N 186 
LEU CD1 HD13 sing N N 187 
LEU CD2 HD21 sing N N 188 
LEU CD2 HD22 sing N N 189 
LEU CD2 HD23 sing N N 190 
LEU OXT HXT  sing N N 191 
LYS N   CA   sing N N 192 
LYS N   H    sing N N 193 
LYS N   H2   sing N N 194 
LYS CA  C    sing N N 195 
LYS CA  CB   sing N N 196 
LYS CA  HA   sing N N 197 
LYS C   O    doub N N 198 
LYS C   OXT  sing N N 199 
LYS CB  CG   sing N N 200 
LYS CB  HB2  sing N N 201 
LYS CB  HB3  sing N N 202 
LYS CG  CD   sing N N 203 
LYS CG  HG2  sing N N 204 
LYS CG  HG3  sing N N 205 
LYS CD  CE   sing N N 206 
LYS CD  HD2  sing N N 207 
LYS CD  HD3  sing N N 208 
LYS CE  NZ   sing N N 209 
LYS CE  HE2  sing N N 210 
LYS CE  HE3  sing N N 211 
LYS NZ  HZ1  sing N N 212 
LYS NZ  HZ2  sing N N 213 
LYS NZ  HZ3  sing N N 214 
LYS OXT HXT  sing N N 215 
MET N   CA   sing N N 216 
MET N   H    sing N N 217 
MET N   H2   sing N N 218 
MET CA  C    sing N N 219 
MET CA  CB   sing N N 220 
MET CA  HA   sing N N 221 
MET C   O    doub N N 222 
MET C   OXT  sing N N 223 
MET CB  CG   sing N N 224 
MET CB  HB2  sing N N 225 
MET CB  HB3  sing N N 226 
MET CG  SD   sing N N 227 
MET CG  HG2  sing N N 228 
MET CG  HG3  sing N N 229 
MET SD  CE   sing N N 230 
MET CE  HE1  sing N N 231 
MET CE  HE2  sing N N 232 
MET CE  HE3  sing N N 233 
MET OXT HXT  sing N N 234 
PHE N   CA   sing N N 235 
PHE N   H    sing N N 236 
PHE N   H2   sing N N 237 
PHE CA  C    sing N N 238 
PHE CA  CB   sing N N 239 
PHE CA  HA   sing N N 240 
PHE C   O    doub N N 241 
PHE C   OXT  sing N N 242 
PHE CB  CG   sing N N 243 
PHE CB  HB2  sing N N 244 
PHE CB  HB3  sing N N 245 
PHE CG  CD1  doub Y N 246 
PHE CG  CD2  sing Y N 247 
PHE CD1 CE1  sing Y N 248 
PHE CD1 HD1  sing N N 249 
PHE CD2 CE2  doub Y N 250 
PHE CD2 HD2  sing N N 251 
PHE CE1 CZ   doub Y N 252 
PHE CE1 HE1  sing N N 253 
PHE CE2 CZ   sing Y N 254 
PHE CE2 HE2  sing N N 255 
PHE CZ  HZ   sing N N 256 
PHE OXT HXT  sing N N 257 
PRO N   CA   sing N N 258 
PRO N   CD   sing N N 259 
PRO N   H    sing N N 260 
PRO CA  C    sing N N 261 
PRO CA  CB   sing N N 262 
PRO CA  HA   sing N N 263 
PRO C   O    doub N N 264 
PRO C   OXT  sing N N 265 
PRO CB  CG   sing N N 266 
PRO CB  HB2  sing N N 267 
PRO CB  HB3  sing N N 268 
PRO CG  CD   sing N N 269 
PRO CG  HG2  sing N N 270 
PRO CG  HG3  sing N N 271 
PRO CD  HD2  sing N N 272 
PRO CD  HD3  sing N N 273 
PRO OXT HXT  sing N N 274 
SER N   CA   sing N N 275 
SER N   H    sing N N 276 
SER N   H2   sing N N 277 
SER CA  C    sing N N 278 
SER CA  CB   sing N N 279 
SER CA  HA   sing N N 280 
SER C   O    doub N N 281 
SER C   OXT  sing N N 282 
SER CB  OG   sing N N 283 
SER CB  HB2  sing N N 284 
SER CB  HB3  sing N N 285 
SER OG  HG   sing N N 286 
SER OXT HXT  sing N N 287 
THR N   CA   sing N N 288 
THR N   H    sing N N 289 
THR N   H2   sing N N 290 
THR CA  C    sing N N 291 
THR CA  CB   sing N N 292 
THR CA  HA   sing N N 293 
THR C   O    doub N N 294 
THR C   OXT  sing N N 295 
THR CB  OG1  sing N N 296 
THR CB  CG2  sing N N 297 
THR CB  HB   sing N N 298 
THR OG1 HG1  sing N N 299 
THR CG2 HG21 sing N N 300 
THR CG2 HG22 sing N N 301 
THR CG2 HG23 sing N N 302 
THR OXT HXT  sing N N 303 
TRP N   CA   sing N N 304 
TRP N   H    sing N N 305 
TRP N   H2   sing N N 306 
TRP CA  C    sing N N 307 
TRP CA  CB   sing N N 308 
TRP CA  HA   sing N N 309 
TRP C   O    doub N N 310 
TRP C   OXT  sing N N 311 
TRP CB  CG   sing N N 312 
TRP CB  HB2  sing N N 313 
TRP CB  HB3  sing N N 314 
TRP CG  CD1  doub Y N 315 
TRP CG  CD2  sing Y N 316 
TRP CD1 NE1  sing Y N 317 
TRP CD1 HD1  sing N N 318 
TRP CD2 CE2  doub Y N 319 
TRP CD2 CE3  sing Y N 320 
TRP NE1 CE2  sing Y N 321 
TRP NE1 HE1  sing N N 322 
TRP CE2 CZ2  sing Y N 323 
TRP CE3 CZ3  doub Y N 324 
TRP CE3 HE3  sing N N 325 
TRP CZ2 CH2  doub Y N 326 
TRP CZ2 HZ2  sing N N 327 
TRP CZ3 CH2  sing Y N 328 
TRP CZ3 HZ3  sing N N 329 
TRP CH2 HH2  sing N N 330 
TRP OXT HXT  sing N N 331 
TYR N   CA   sing N N 332 
TYR N   H    sing N N 333 
TYR N   H2   sing N N 334 
TYR CA  C    sing N N 335 
TYR CA  CB   sing N N 336 
TYR CA  HA   sing N N 337 
TYR C   O    doub N N 338 
TYR C   OXT  sing N N 339 
TYR CB  CG   sing N N 340 
TYR CB  HB2  sing N N 341 
TYR CB  HB3  sing N N 342 
TYR CG  CD1  doub Y N 343 
TYR CG  CD2  sing Y N 344 
TYR CD1 CE1  sing Y N 345 
TYR CD1 HD1  sing N N 346 
TYR CD2 CE2  doub Y N 347 
TYR CD2 HD2  sing N N 348 
TYR CE1 CZ   doub Y N 349 
TYR CE1 HE1  sing N N 350 
TYR CE2 CZ   sing Y N 351 
TYR CE2 HE2  sing N N 352 
TYR CZ  OH   sing N N 353 
TYR OH  HH   sing N N 354 
TYR OXT HXT  sing N N 355 
VAL N   CA   sing N N 356 
VAL N   H    sing N N 357 
VAL N   H2   sing N N 358 
VAL CA  C    sing N N 359 
VAL CA  CB   sing N N 360 
VAL CA  HA   sing N N 361 
VAL C   O    doub N N 362 
VAL C   OXT  sing N N 363 
VAL CB  CG1  sing N N 364 
VAL CB  CG2  sing N N 365 
VAL CB  HB   sing N N 366 
VAL CG1 HG11 sing N N 367 
VAL CG1 HG12 sing N N 368 
VAL CG1 HG13 sing N N 369 
VAL CG2 HG21 sing N N 370 
VAL CG2 HG22 sing N N 371 
VAL CG2 HG23 sing N N 372 
VAL OXT HXT  sing N N 373 
# 
loop_
_pdbx_entity_nonpoly.entity_id 
_pdbx_entity_nonpoly.name 
_pdbx_entity_nonpoly.comp_id 
2 'ISOPROPYL ALCOHOL' IPA 
3 water               HOH 
# 
_pdbx_initial_refinement_model.id               1 
_pdbx_initial_refinement_model.entity_id_list   ? 
_pdbx_initial_refinement_model.type             'experimental model' 
_pdbx_initial_refinement_model.source_name      PDB 
_pdbx_initial_refinement_model.accession_code   2FWR 
_pdbx_initial_refinement_model.details          'PDB ENTRY 2FWR' 
# 
